data_6KEI
# 
_entry.id   6KEI 
# 
_audit_conform.dict_name       mmcif_pdbx.dic 
_audit_conform.dict_version    5.380 
_audit_conform.dict_location   http://mmcif.pdb.org/dictionaries/ascii/mmcif_pdbx.dic 
# 
loop_
_database_2.database_id 
_database_2.database_code 
_database_2.pdbx_database_accession 
_database_2.pdbx_DOI 
PDB   6KEI         pdb_00006kei 10.2210/pdb6kei/pdb 
WWPDB D_1300012837 ?            ?                   
# 
_pdbx_database_status.status_code                     REL 
_pdbx_database_status.status_code_sf                  REL 
_pdbx_database_status.status_code_mr                  ? 
_pdbx_database_status.entry_id                        6KEI 
_pdbx_database_status.recvd_initial_deposition_date   2019-07-04 
_pdbx_database_status.SG_entry                        N 
_pdbx_database_status.deposit_site                    PDBJ 
_pdbx_database_status.process_site                    PDBJ 
_pdbx_database_status.status_code_cs                  ? 
_pdbx_database_status.methods_development_category    ? 
_pdbx_database_status.pdb_format_compatible           Y 
_pdbx_database_status.status_code_nmr_data            ? 
# 
loop_
_audit_author.name 
_audit_author.pdbx_ordinal 
_audit_author.identifier_ORCID 
'Lee, B.I.'  1 0000-0003-1270-8439 
'Park, T.H.' 2 0000-0001-8059-8273 
# 
_citation.abstract                  ? 
_citation.abstract_id_CAS           ? 
_citation.book_id_ISBN              ? 
_citation.book_publisher            ? 
_citation.book_publisher_city       ? 
_citation.book_title                ? 
_citation.coordinate_linkage        ? 
_citation.country                   CH 
_citation.database_id_Medline       ? 
_citation.details                   ? 
_citation.id                        primary 
_citation.journal_abbrev            Molecules 
_citation.journal_id_ASTM           ? 
_citation.journal_id_CSD            ? 
_citation.journal_id_ISSN           1420-3049 
_citation.journal_full              ? 
_citation.journal_issue             ? 
_citation.journal_volume            26 
_citation.language                  ? 
_citation.page_first                ? 
_citation.page_last                 ? 
_citation.title                     
;Synthesis and Structure-Activity Relationships of Aristoyagonine Derivatives as Brd4 Bromodomain Inhibitors with X-ray Co-Crystal Research.
;
_citation.year                      2021 
_citation.database_id_CSD           ? 
_citation.pdbx_database_id_DOI      10.3390/molecules26061686 
_citation.pdbx_database_id_PubMed   33802888 
_citation.unpublished_flag          ? 
# 
loop_
_citation_author.citation_id 
_citation_author.name 
_citation_author.ordinal 
_citation_author.identifier_ORCID 
primary 'Yoo, M.'    1  ? 
primary 'Park, T.H.' 2  ? 
primary 'Yoo, M.'    3  ? 
primary 'Kim, Y.'    4  ? 
primary 'Lee, J.Y.'  5  ? 
primary 'Lee, K.M.'  6  ? 
primary 'Ryu, S.E.'  7  ? 
primary 'Lee, B.I.'  8  ? 
primary 'Jung, K.Y.' 9  ? 
primary 'Park, C.H.' 10 ? 
# 
_cell.angle_alpha                  90.000 
_cell.angle_alpha_esd              ? 
_cell.angle_beta                   90.000 
_cell.angle_beta_esd               ? 
_cell.angle_gamma                  90.000 
_cell.angle_gamma_esd              ? 
_cell.entry_id                     6KEI 
_cell.details                      ? 
_cell.formula_units_Z              ? 
_cell.length_a                     32.079 
_cell.length_a_esd                 ? 
_cell.length_b                     47.244 
_cell.length_b_esd                 ? 
_cell.length_c                     79.179 
_cell.length_c_esd                 ? 
_cell.volume                       ? 
_cell.volume_esd                   ? 
_cell.Z_PDB                        4 
_cell.reciprocal_angle_alpha       ? 
_cell.reciprocal_angle_beta        ? 
_cell.reciprocal_angle_gamma       ? 
_cell.reciprocal_angle_alpha_esd   ? 
_cell.reciprocal_angle_beta_esd    ? 
_cell.reciprocal_angle_gamma_esd   ? 
_cell.reciprocal_length_a          ? 
_cell.reciprocal_length_b          ? 
_cell.reciprocal_length_c          ? 
_cell.reciprocal_length_a_esd      ? 
_cell.reciprocal_length_b_esd      ? 
_cell.reciprocal_length_c_esd      ? 
_cell.pdbx_unique_axis             ? 
# 
_symmetry.entry_id                         6KEI 
_symmetry.cell_setting                     ? 
_symmetry.Int_Tables_number                19 
_symmetry.space_group_name_Hall            ? 
_symmetry.space_group_name_H-M             'P 21 21 21' 
_symmetry.pdbx_full_space_group_name_H-M   ? 
# 
loop_
_entity.id 
_entity.type 
_entity.src_method 
_entity.pdbx_description 
_entity.formula_weight 
_entity.pdbx_number_of_molecules 
_entity.pdbx_ec 
_entity.pdbx_mutation 
_entity.pdbx_fragment 
_entity.details 
1 polymer     man 'Bromodomain-containing protein 4' 15025.235 1   ? ? ? 'SF file contains Friedel pairs.' 
2 non-polymer syn 
;16-methoxy-11-methyl-6-[(pyridin-2-yl)methoxy]-2-oxa-11-azatetracyclo[8.6.1.03,8.013,17]heptadeca-1(16),3,5,7,9,13(17),14-heptaen-12-one
;
386.400   1   ? ? ? ?                                 
3 non-polymer syn 'FORMIC ACID' 46.025    2   ? ? ? ?                                 
4 water       nat water 18.015    100 ? ? ? ?                                 
# 
_entity_name_com.entity_id   1 
_entity_name_com.name        'Protein HUNK1' 
# 
_entity_poly.entity_id                      1 
_entity_poly.type                           'polypeptide(L)' 
_entity_poly.nstd_linkage                   no 
_entity_poly.nstd_monomer                   no 
_entity_poly.pdbx_seq_one_letter_code       
;GSNPPPPETSNPNKPKRQTNQLQYLLRVVLKTLWKHQFAWPFQQPVDAVKLNLPDYYKIIKTPMDMGTIKKRLENNYYWN
AQECIQDFNTMFTNCYIYNKPGDDIVLMAEALEKLFLQKINELPTEE
;
_entity_poly.pdbx_seq_one_letter_code_can   
;GSNPPPPETSNPNKPKRQTNQLQYLLRVVLKTLWKHQFAWPFQQPVDAVKLNLPDYYKIIKTPMDMGTIKKRLENNYYWN
AQECIQDFNTMFTNCYIYNKPGDDIVLMAEALEKLFLQKINELPTEE
;
_entity_poly.pdbx_strand_id                 A 
_entity_poly.pdbx_target_identifier         ? 
# 
loop_
_entity_poly_seq.entity_id 
_entity_poly_seq.num 
_entity_poly_seq.mon_id 
_entity_poly_seq.hetero 
1 1   GLY n 
1 2   SER n 
1 3   ASN n 
1 4   PRO n 
1 5   PRO n 
1 6   PRO n 
1 7   PRO n 
1 8   GLU n 
1 9   THR n 
1 10  SER n 
1 11  ASN n 
1 12  PRO n 
1 13  ASN n 
1 14  LYS n 
1 15  PRO n 
1 16  LYS n 
1 17  ARG n 
1 18  GLN n 
1 19  THR n 
1 20  ASN n 
1 21  GLN n 
1 22  LEU n 
1 23  GLN n 
1 24  TYR n 
1 25  LEU n 
1 26  LEU n 
1 27  ARG n 
1 28  VAL n 
1 29  VAL n 
1 30  LEU n 
1 31  LYS n 
1 32  THR n 
1 33  LEU n 
1 34  TRP n 
1 35  LYS n 
1 36  HIS n 
1 37  GLN n 
1 38  PHE n 
1 39  ALA n 
1 40  TRP n 
1 41  PRO n 
1 42  PHE n 
1 43  GLN n 
1 44  GLN n 
1 45  PRO n 
1 46  VAL n 
1 47  ASP n 
1 48  ALA n 
1 49  VAL n 
1 50  LYS n 
1 51  LEU n 
1 52  ASN n 
1 53  LEU n 
1 54  PRO n 
1 55  ASP n 
1 56  TYR n 
1 57  TYR n 
1 58  LYS n 
1 59  ILE n 
1 60  ILE n 
1 61  LYS n 
1 62  THR n 
1 63  PRO n 
1 64  MET n 
1 65  ASP n 
1 66  MET n 
1 67  GLY n 
1 68  THR n 
1 69  ILE n 
1 70  LYS n 
1 71  LYS n 
1 72  ARG n 
1 73  LEU n 
1 74  GLU n 
1 75  ASN n 
1 76  ASN n 
1 77  TYR n 
1 78  TYR n 
1 79  TRP n 
1 80  ASN n 
1 81  ALA n 
1 82  GLN n 
1 83  GLU n 
1 84  CYS n 
1 85  ILE n 
1 86  GLN n 
1 87  ASP n 
1 88  PHE n 
1 89  ASN n 
1 90  THR n 
1 91  MET n 
1 92  PHE n 
1 93  THR n 
1 94  ASN n 
1 95  CYS n 
1 96  TYR n 
1 97  ILE n 
1 98  TYR n 
1 99  ASN n 
1 100 LYS n 
1 101 PRO n 
1 102 GLY n 
1 103 ASP n 
1 104 ASP n 
1 105 ILE n 
1 106 VAL n 
1 107 LEU n 
1 108 MET n 
1 109 ALA n 
1 110 GLU n 
1 111 ALA n 
1 112 LEU n 
1 113 GLU n 
1 114 LYS n 
1 115 LEU n 
1 116 PHE n 
1 117 LEU n 
1 118 GLN n 
1 119 LYS n 
1 120 ILE n 
1 121 ASN n 
1 122 GLU n 
1 123 LEU n 
1 124 PRO n 
1 125 THR n 
1 126 GLU n 
1 127 GLU n 
# 
_entity_src_gen.entity_id                          1 
_entity_src_gen.pdbx_src_id                        1 
_entity_src_gen.pdbx_alt_source_flag               sample 
_entity_src_gen.pdbx_seq_type                      'Biological sequence' 
_entity_src_gen.pdbx_beg_seq_num                   1 
_entity_src_gen.pdbx_end_seq_num                   127 
_entity_src_gen.gene_src_common_name               Human 
_entity_src_gen.gene_src_genus                     ? 
_entity_src_gen.pdbx_gene_src_gene                 'BRD4, HUNK1' 
_entity_src_gen.gene_src_species                   ? 
_entity_src_gen.gene_src_strain                    ? 
_entity_src_gen.gene_src_tissue                    ? 
_entity_src_gen.gene_src_tissue_fraction           ? 
_entity_src_gen.gene_src_details                   ? 
_entity_src_gen.pdbx_gene_src_fragment             ? 
_entity_src_gen.pdbx_gene_src_scientific_name      'Homo sapiens' 
_entity_src_gen.pdbx_gene_src_ncbi_taxonomy_id     9606 
_entity_src_gen.pdbx_gene_src_variant              ? 
_entity_src_gen.pdbx_gene_src_cell_line            ? 
_entity_src_gen.pdbx_gene_src_atcc                 ? 
_entity_src_gen.pdbx_gene_src_organ                ? 
_entity_src_gen.pdbx_gene_src_organelle            ? 
_entity_src_gen.pdbx_gene_src_cell                 ? 
_entity_src_gen.pdbx_gene_src_cellular_location    ? 
_entity_src_gen.host_org_common_name               ? 
_entity_src_gen.pdbx_host_org_scientific_name      'Escherichia coli' 
_entity_src_gen.pdbx_host_org_ncbi_taxonomy_id     562 
_entity_src_gen.host_org_genus                     ? 
_entity_src_gen.pdbx_host_org_gene                 ? 
_entity_src_gen.pdbx_host_org_organ                ? 
_entity_src_gen.host_org_species                   ? 
_entity_src_gen.pdbx_host_org_tissue               ? 
_entity_src_gen.pdbx_host_org_tissue_fraction      ? 
_entity_src_gen.pdbx_host_org_strain               ? 
_entity_src_gen.pdbx_host_org_variant              ? 
_entity_src_gen.pdbx_host_org_cell_line            ? 
_entity_src_gen.pdbx_host_org_atcc                 ? 
_entity_src_gen.pdbx_host_org_culture_collection   ? 
_entity_src_gen.pdbx_host_org_cell                 ? 
_entity_src_gen.pdbx_host_org_organelle            ? 
_entity_src_gen.pdbx_host_org_cellular_location    ? 
_entity_src_gen.pdbx_host_org_vector_type          ? 
_entity_src_gen.pdbx_host_org_vector               ? 
_entity_src_gen.host_org_details                   ? 
_entity_src_gen.expression_system_id               ? 
_entity_src_gen.plasmid_name                       ? 
_entity_src_gen.plasmid_details                    ? 
_entity_src_gen.pdbx_description                   ? 
# 
_struct_ref.id                         1 
_struct_ref.db_name                    UNP 
_struct_ref.db_code                    BRD4_HUMAN 
_struct_ref.pdbx_db_accession          O60885 
_struct_ref.pdbx_db_isoform            ? 
_struct_ref.entity_id                  1 
_struct_ref.pdbx_seq_one_letter_code   
;NPPPPETSNPNKPKRQTNQLQYLLRVVLKTLWKHQFAWPFQQPVDAVKLNLPDYYKIIKTPMDMGTIKKRLENNYYWNAQ
ECIQDFNTMFTNCYIYNKPGDDIVLMAEALEKLFLQKINELPTEE
;
_struct_ref.pdbx_align_begin           44 
# 
_struct_ref_seq.align_id                      1 
_struct_ref_seq.ref_id                        1 
_struct_ref_seq.pdbx_PDB_id_code              6KEI 
_struct_ref_seq.pdbx_strand_id                A 
_struct_ref_seq.seq_align_beg                 3 
_struct_ref_seq.pdbx_seq_align_beg_ins_code   ? 
_struct_ref_seq.seq_align_end                 127 
_struct_ref_seq.pdbx_seq_align_end_ins_code   ? 
_struct_ref_seq.pdbx_db_accession             O60885 
_struct_ref_seq.db_align_beg                  44 
_struct_ref_seq.pdbx_db_align_beg_ins_code    ? 
_struct_ref_seq.db_align_end                  168 
_struct_ref_seq.pdbx_db_align_end_ins_code    ? 
_struct_ref_seq.pdbx_auth_seq_align_beg       44 
_struct_ref_seq.pdbx_auth_seq_align_end       168 
# 
loop_
_struct_ref_seq_dif.align_id 
_struct_ref_seq_dif.pdbx_pdb_id_code 
_struct_ref_seq_dif.mon_id 
_struct_ref_seq_dif.pdbx_pdb_strand_id 
_struct_ref_seq_dif.seq_num 
_struct_ref_seq_dif.pdbx_pdb_ins_code 
_struct_ref_seq_dif.pdbx_seq_db_name 
_struct_ref_seq_dif.pdbx_seq_db_accession_code 
_struct_ref_seq_dif.db_mon_id 
_struct_ref_seq_dif.pdbx_seq_db_seq_num 
_struct_ref_seq_dif.details 
_struct_ref_seq_dif.pdbx_auth_seq_num 
_struct_ref_seq_dif.pdbx_ordinal 
1 6KEI GLY A 1 ? UNP O60885 ? ? 'expression tag' 42 1 
1 6KEI SER A 2 ? UNP O60885 ? ? 'expression tag' 43 2 
# 
loop_
_chem_comp.id 
_chem_comp.type 
_chem_comp.mon_nstd_flag 
_chem_comp.name 
_chem_comp.pdbx_synonyms 
_chem_comp.formula 
_chem_comp.formula_weight 
ALA 'L-peptide linking' y ALANINE ? 'C3 H7 N O2'     89.093  
ARG 'L-peptide linking' y ARGININE ? 'C6 H15 N4 O2 1' 175.209 
ASN 'L-peptide linking' y ASPARAGINE ? 'C4 H8 N2 O3'    132.118 
ASP 'L-peptide linking' y 'ASPARTIC ACID' ? 'C4 H7 N O4'     133.103 
CYS 'L-peptide linking' y CYSTEINE ? 'C3 H7 N O2 S'   121.158 
D6U non-polymer         . 
;16-methoxy-11-methyl-6-[(pyridin-2-yl)methoxy]-2-oxa-11-azatetracyclo[8.6.1.03,8.013,17]heptadeca-1(16),3,5,7,9,13(17),14-heptaen-12-one
;
? 'C23 H18 N2 O4'  386.400 
FMT non-polymer         . 'FORMIC ACID' ? 'C H2 O2'        46.025  
GLN 'L-peptide linking' y GLUTAMINE ? 'C5 H10 N2 O3'   146.144 
GLU 'L-peptide linking' y 'GLUTAMIC ACID' ? 'C5 H9 N O4'     147.129 
GLY 'peptide linking'   y GLYCINE ? 'C2 H5 N O2'     75.067  
HIS 'L-peptide linking' y HISTIDINE ? 'C6 H10 N3 O2 1' 156.162 
HOH non-polymer         . WATER ? 'H2 O'           18.015  
ILE 'L-peptide linking' y ISOLEUCINE ? 'C6 H13 N O2'    131.173 
LEU 'L-peptide linking' y LEUCINE ? 'C6 H13 N O2'    131.173 
LYS 'L-peptide linking' y LYSINE ? 'C6 H15 N2 O2 1' 147.195 
MET 'L-peptide linking' y METHIONINE ? 'C5 H11 N O2 S'  149.211 
PHE 'L-peptide linking' y PHENYLALANINE ? 'C9 H11 N O2'    165.189 
PRO 'L-peptide linking' y PROLINE ? 'C5 H9 N O2'     115.130 
SER 'L-peptide linking' y SERINE ? 'C3 H7 N O3'     105.093 
THR 'L-peptide linking' y THREONINE ? 'C4 H9 N O3'     119.119 
TRP 'L-peptide linking' y TRYPTOPHAN ? 'C11 H12 N2 O2'  204.225 
TYR 'L-peptide linking' y TYROSINE ? 'C9 H11 N O3'    181.189 
VAL 'L-peptide linking' y VALINE ? 'C5 H11 N O2'    117.146 
# 
_exptl.absorpt_coefficient_mu     ? 
_exptl.absorpt_correction_T_max   ? 
_exptl.absorpt_correction_T_min   ? 
_exptl.absorpt_correction_type    ? 
_exptl.absorpt_process_details    ? 
_exptl.entry_id                   6KEI 
_exptl.crystals_number            1 
_exptl.details                    ? 
_exptl.method                     'X-RAY DIFFRACTION' 
_exptl.method_details             ? 
# 
_exptl_crystal.colour                      ? 
_exptl_crystal.density_diffrn              ? 
_exptl_crystal.density_Matthews            2.05 
_exptl_crystal.density_method              ? 
_exptl_crystal.density_percent_sol         40.05 
_exptl_crystal.description                 ? 
_exptl_crystal.F_000                       ? 
_exptl_crystal.id                          1 
_exptl_crystal.preparation                 ? 
_exptl_crystal.size_max                    ? 
_exptl_crystal.size_mid                    ? 
_exptl_crystal.size_min                    ? 
_exptl_crystal.size_rad                    ? 
_exptl_crystal.colour_lustre               ? 
_exptl_crystal.colour_modifier             ? 
_exptl_crystal.colour_primary              ? 
_exptl_crystal.density_meas                ? 
_exptl_crystal.density_meas_esd            ? 
_exptl_crystal.density_meas_gt             ? 
_exptl_crystal.density_meas_lt             ? 
_exptl_crystal.density_meas_temp           ? 
_exptl_crystal.density_meas_temp_esd       ? 
_exptl_crystal.density_meas_temp_gt        ? 
_exptl_crystal.density_meas_temp_lt        ? 
_exptl_crystal.pdbx_crystal_image_url      ? 
_exptl_crystal.pdbx_crystal_image_format   ? 
_exptl_crystal.pdbx_mosaicity              ? 
_exptl_crystal.pdbx_mosaicity_esd          ? 
# 
_exptl_crystal_grow.apparatus       ? 
_exptl_crystal_grow.atmosphere      ? 
_exptl_crystal_grow.crystal_id      1 
_exptl_crystal_grow.details         ? 
_exptl_crystal_grow.method          'VAPOR DIFFUSION, HANGING DROP' 
_exptl_crystal_grow.method_ref      ? 
_exptl_crystal_grow.pH              7.4 
_exptl_crystal_grow.pressure        ? 
_exptl_crystal_grow.pressure_esd    ? 
_exptl_crystal_grow.seeding         ? 
_exptl_crystal_grow.seeding_ref     ? 
_exptl_crystal_grow.temp            287 
_exptl_crystal_grow.temp_details    ? 
_exptl_crystal_grow.temp_esd        ? 
_exptl_crystal_grow.time            ? 
_exptl_crystal_grow.pdbx_details    '6 M Sodium formate, 10% Glycerol' 
_exptl_crystal_grow.pdbx_pH_range   ? 
# 
_diffrn.ambient_environment              ? 
_diffrn.ambient_temp                     100 
_diffrn.ambient_temp_details             ? 
_diffrn.ambient_temp_esd                 ? 
_diffrn.crystal_id                       1 
_diffrn.crystal_support                  ? 
_diffrn.crystal_treatment                ? 
_diffrn.details                          ? 
_diffrn.id                               1 
_diffrn.ambient_pressure                 ? 
_diffrn.ambient_pressure_esd             ? 
_diffrn.ambient_pressure_gt              ? 
_diffrn.ambient_pressure_lt              ? 
_diffrn.ambient_temp_gt                  ? 
_diffrn.ambient_temp_lt                  ? 
_diffrn.pdbx_serial_crystal_experiment   N 
# 
_diffrn_detector.details                      ? 
_diffrn_detector.detector                     PIXEL 
_diffrn_detector.diffrn_id                    1 
_diffrn_detector.type                         'DECTRIS PILATUS 6M' 
_diffrn_detector.area_resol_mean              ? 
_diffrn_detector.dtime                        ? 
_diffrn_detector.pdbx_frames_total            ? 
_diffrn_detector.pdbx_collection_time_total   ? 
_diffrn_detector.pdbx_collection_date         2018-11-22 
_diffrn_detector.pdbx_frequency               ? 
# 
_diffrn_radiation.collimation                      ? 
_diffrn_radiation.diffrn_id                        1 
_diffrn_radiation.filter_edge                      ? 
_diffrn_radiation.inhomogeneity                    ? 
_diffrn_radiation.monochromator                    ? 
_diffrn_radiation.polarisn_norm                    ? 
_diffrn_radiation.polarisn_ratio                   ? 
_diffrn_radiation.probe                            ? 
_diffrn_radiation.type                             ? 
_diffrn_radiation.xray_symbol                      ? 
_diffrn_radiation.wavelength_id                    1 
_diffrn_radiation.pdbx_monochromatic_or_laue_m_l   M 
_diffrn_radiation.pdbx_wavelength_list             ? 
_diffrn_radiation.pdbx_wavelength                  ? 
_diffrn_radiation.pdbx_diffrn_protocol             'SINGLE WAVELENGTH' 
_diffrn_radiation.pdbx_analyzer                    ? 
_diffrn_radiation.pdbx_scattering_type             x-ray 
# 
_diffrn_radiation_wavelength.id           1 
_diffrn_radiation_wavelength.wavelength   0.979 
_diffrn_radiation_wavelength.wt           1.0 
# 
_diffrn_source.current                     ? 
_diffrn_source.details                     ? 
_diffrn_source.diffrn_id                   1 
_diffrn_source.power                       ? 
_diffrn_source.size                        ? 
_diffrn_source.source                      SYNCHROTRON 
_diffrn_source.target                      ? 
_diffrn_source.type                        'PAL/PLS BEAMLINE 11C' 
_diffrn_source.voltage                     ? 
_diffrn_source.take-off_angle              ? 
_diffrn_source.pdbx_wavelength_list        0.979 
_diffrn_source.pdbx_wavelength             ? 
_diffrn_source.pdbx_synchrotron_beamline   11C 
_diffrn_source.pdbx_synchrotron_site       PAL/PLS 
# 
_reflns.B_iso_Wilson_estimate            ? 
_reflns.entry_id                         6KEI 
_reflns.data_reduction_details           ? 
_reflns.data_reduction_method            ? 
_reflns.d_resolution_high                1.45 
_reflns.d_resolution_low                 50 
_reflns.details                          ? 
_reflns.limit_h_max                      ? 
_reflns.limit_h_min                      ? 
_reflns.limit_k_max                      ? 
_reflns.limit_k_min                      ? 
_reflns.limit_l_max                      ? 
_reflns.limit_l_min                      ? 
_reflns.number_all                       ? 
_reflns.number_obs                       21004 
_reflns.observed_criterion               ? 
_reflns.observed_criterion_F_max         ? 
_reflns.observed_criterion_F_min         ? 
_reflns.observed_criterion_I_max         ? 
_reflns.observed_criterion_I_min         ? 
_reflns.observed_criterion_sigma_F       ? 
_reflns.observed_criterion_sigma_I       ? 
_reflns.percent_possible_obs             95.3 
_reflns.R_free_details                   ? 
_reflns.Rmerge_F_all                     ? 
_reflns.Rmerge_F_obs                     ? 
_reflns.Friedel_coverage                 ? 
_reflns.number_gt                        ? 
_reflns.threshold_expression             ? 
_reflns.pdbx_redundancy                  5.7 
_reflns.pdbx_Rmerge_I_obs                0.074 
_reflns.pdbx_Rmerge_I_all                ? 
_reflns.pdbx_Rsym_value                  ? 
_reflns.pdbx_netI_over_av_sigmaI         ? 
_reflns.pdbx_netI_over_sigmaI            20.8 
_reflns.pdbx_res_netI_over_av_sigmaI_2   ? 
_reflns.pdbx_res_netI_over_sigmaI_2      ? 
_reflns.pdbx_chi_squared                 ? 
_reflns.pdbx_scaling_rejects             ? 
_reflns.pdbx_d_res_high_opt              ? 
_reflns.pdbx_d_res_low_opt               ? 
_reflns.pdbx_d_res_opt_method            ? 
_reflns.phase_calculation_details        ? 
_reflns.pdbx_Rrim_I_all                  ? 
_reflns.pdbx_Rpim_I_all                  0.033 
_reflns.pdbx_d_opt                       ? 
_reflns.pdbx_number_measured_all         ? 
_reflns.pdbx_diffrn_id                   1 
_reflns.pdbx_ordinal                     1 
_reflns.pdbx_CC_half                     0.999 
_reflns.pdbx_R_split                     ? 
# 
_reflns_shell.d_res_high                  1.45 
_reflns_shell.d_res_low                   1.48 
_reflns_shell.meanI_over_sigI_all         ? 
_reflns_shell.meanI_over_sigI_obs         ? 
_reflns_shell.number_measured_all         ? 
_reflns_shell.number_measured_obs         ? 
_reflns_shell.number_possible             ? 
_reflns_shell.number_unique_all           ? 
_reflns_shell.number_unique_obs           777 
_reflns_shell.percent_possible_all        ? 
_reflns_shell.percent_possible_obs        ? 
_reflns_shell.Rmerge_F_all                ? 
_reflns_shell.Rmerge_F_obs                ? 
_reflns_shell.Rmerge_I_all                ? 
_reflns_shell.Rmerge_I_obs                0.590 
_reflns_shell.meanI_over_sigI_gt          ? 
_reflns_shell.meanI_over_uI_all           ? 
_reflns_shell.meanI_over_uI_gt            ? 
_reflns_shell.number_measured_gt          ? 
_reflns_shell.number_unique_gt            ? 
_reflns_shell.percent_possible_gt         ? 
_reflns_shell.Rmerge_F_gt                 ? 
_reflns_shell.Rmerge_I_gt                 ? 
_reflns_shell.pdbx_redundancy             ? 
_reflns_shell.pdbx_Rsym_value             ? 
_reflns_shell.pdbx_chi_squared            ? 
_reflns_shell.pdbx_netI_over_sigmaI_all   ? 
_reflns_shell.pdbx_netI_over_sigmaI_obs   ? 
_reflns_shell.pdbx_Rrim_I_all             ? 
_reflns_shell.pdbx_Rpim_I_all             0.291 
_reflns_shell.pdbx_rejects                ? 
_reflns_shell.pdbx_ordinal                1 
_reflns_shell.pdbx_diffrn_id              1 
_reflns_shell.pdbx_CC_half                0.714 
_reflns_shell.pdbx_R_split                ? 
# 
_refine.aniso_B[1][1]                            ? 
_refine.aniso_B[1][2]                            ? 
_refine.aniso_B[1][3]                            ? 
_refine.aniso_B[2][2]                            ? 
_refine.aniso_B[2][3]                            ? 
_refine.aniso_B[3][3]                            ? 
_refine.B_iso_max                                40.310 
_refine.B_iso_mean                               16.0909 
_refine.B_iso_min                                8.320 
_refine.correlation_coeff_Fo_to_Fc               ? 
_refine.correlation_coeff_Fo_to_Fc_free          ? 
_refine.details                                  ? 
_refine.diff_density_max                         ? 
_refine.diff_density_max_esd                     ? 
_refine.diff_density_min                         ? 
_refine.diff_density_min_esd                     ? 
_refine.diff_density_rms                         ? 
_refine.diff_density_rms_esd                     ? 
_refine.entry_id                                 6KEI 
_refine.pdbx_refine_id                           'X-RAY DIFFRACTION' 
_refine.ls_abs_structure_details                 ? 
_refine.ls_abs_structure_Flack                   ? 
_refine.ls_abs_structure_Flack_esd               ? 
_refine.ls_abs_structure_Rogers                  ? 
_refine.ls_abs_structure_Rogers_esd              ? 
_refine.ls_d_res_high                            1.4510 
_refine.ls_d_res_low                             40.5710 
_refine.ls_extinction_coef                       ? 
_refine.ls_extinction_coef_esd                   ? 
_refine.ls_extinction_expression                 ? 
_refine.ls_extinction_method                     ? 
_refine.ls_goodness_of_fit_all                   ? 
_refine.ls_goodness_of_fit_all_esd               ? 
_refine.ls_goodness_of_fit_obs                   ? 
_refine.ls_goodness_of_fit_obs_esd               ? 
_refine.ls_hydrogen_treatment                    ? 
_refine.ls_matrix_type                           ? 
_refine.ls_number_constraints                    ? 
_refine.ls_number_parameters                     ? 
_refine.ls_number_reflns_all                     ? 
_refine.ls_number_reflns_obs                     18873 
_refine.ls_number_reflns_R_free                  1887 
_refine.ls_number_reflns_R_work                  ? 
_refine.ls_number_restraints                     ? 
_refine.ls_percent_reflns_obs                    61.911 
_refine.ls_percent_reflns_R_free                 10.0100 
_refine.ls_R_factor_all                          ? 
_refine.ls_R_factor_obs                          0.1880 
_refine.ls_R_factor_R_free                       0.2313 
_refine.ls_R_factor_R_free_error                 ? 
_refine.ls_R_factor_R_free_error_details         ? 
_refine.ls_R_factor_R_work                       0.1832 
_refine.ls_R_Fsqd_factor_obs                     ? 
_refine.ls_R_I_factor_obs                        ? 
_refine.ls_redundancy_reflns_all                 ? 
_refine.ls_redundancy_reflns_obs                 ? 
_refine.ls_restrained_S_all                      ? 
_refine.ls_restrained_S_obs                      ? 
_refine.ls_shift_over_esd_max                    ? 
_refine.ls_shift_over_esd_mean                   ? 
_refine.ls_structure_factor_coef                 ? 
_refine.ls_weighting_details                     ? 
_refine.ls_weighting_scheme                      ? 
_refine.ls_wR_factor_all                         ? 
_refine.ls_wR_factor_obs                         ? 
_refine.ls_wR_factor_R_free                      ? 
_refine.ls_wR_factor_R_work                      ? 
_refine.occupancy_max                            ? 
_refine.occupancy_min                            ? 
_refine.solvent_model_details                    ? 
_refine.solvent_model_param_bsol                 ? 
_refine.solvent_model_param_ksol                 ? 
_refine.ls_R_factor_gt                           ? 
_refine.ls_goodness_of_fit_gt                    ? 
_refine.ls_goodness_of_fit_ref                   ? 
_refine.ls_shift_over_su_max                     ? 
_refine.ls_shift_over_su_max_lt                  ? 
_refine.ls_shift_over_su_mean                    ? 
_refine.ls_shift_over_su_mean_lt                 ? 
_refine.pdbx_ls_sigma_I                          ? 
_refine.pdbx_ls_sigma_F                          1.350 
_refine.pdbx_ls_sigma_Fsqd                       ? 
_refine.pdbx_data_cutoff_high_absF               ? 
_refine.pdbx_data_cutoff_high_rms_absF           ? 
_refine.pdbx_data_cutoff_low_absF                ? 
_refine.pdbx_isotropic_thermal_model             ? 
_refine.pdbx_ls_cross_valid_method               THROUGHOUT 
_refine.pdbx_method_to_determine_struct          'MOLECULAR REPLACEMENT' 
_refine.pdbx_starting_model                      2OSS 
_refine.pdbx_stereochemistry_target_values       ? 
_refine.pdbx_R_Free_selection_details            ? 
_refine.pdbx_stereochem_target_val_spec_case     ? 
_refine.pdbx_overall_ESU_R                       ? 
_refine.pdbx_overall_ESU_R_Free                  ? 
_refine.pdbx_solvent_vdw_probe_radii             1.1100 
_refine.pdbx_solvent_ion_probe_radii             ? 
_refine.pdbx_solvent_shrinkage_radii             0.9000 
_refine.pdbx_real_space_R                        ? 
_refine.pdbx_density_correlation                 ? 
_refine.pdbx_pd_number_of_powder_patterns        ? 
_refine.pdbx_pd_number_of_points                 ? 
_refine.pdbx_pd_meas_number_of_points            ? 
_refine.pdbx_pd_proc_ls_prof_R_factor            ? 
_refine.pdbx_pd_proc_ls_prof_wR_factor           ? 
_refine.pdbx_pd_Marquardt_correlation_coeff      ? 
_refine.pdbx_pd_Fsqrd_R_factor                   ? 
_refine.pdbx_pd_ls_matrix_band_width             ? 
_refine.pdbx_overall_phase_error                 28.8500 
_refine.pdbx_overall_SU_R_free_Cruickshank_DPI   ? 
_refine.pdbx_overall_SU_R_free_Blow_DPI          ? 
_refine.pdbx_overall_SU_R_Blow_DPI               ? 
_refine.pdbx_TLS_residual_ADP_flag               ? 
_refine.pdbx_diffrn_id                           1 
_refine.overall_SU_B                             ? 
_refine.overall_SU_ML                            0.1700 
_refine.overall_SU_R_Cruickshank_DPI             ? 
_refine.overall_SU_R_free                        ? 
_refine.overall_FOM_free_R_set                   ? 
_refine.overall_FOM_work_R_set                   ? 
_refine.pdbx_average_fsc_overall                 ? 
_refine.pdbx_average_fsc_work                    ? 
_refine.pdbx_average_fsc_free                    ? 
# 
_refine_hist.pdbx_refine_id                   'X-RAY DIFFRACTION' 
_refine_hist.cycle_id                         final 
_refine_hist.details                          ? 
_refine_hist.d_res_high                       1.4510 
_refine_hist.d_res_low                        40.5710 
_refine_hist.number_atoms_solvent             100 
_refine_hist.number_atoms_total               1164 
_refine_hist.number_reflns_all                ? 
_refine_hist.number_reflns_obs                ? 
_refine_hist.number_reflns_R_free             ? 
_refine_hist.number_reflns_R_work             ? 
_refine_hist.R_factor_all                     ? 
_refine_hist.R_factor_obs                     ? 
_refine_hist.R_factor_R_free                  ? 
_refine_hist.R_factor_R_work                  ? 
_refine_hist.pdbx_number_residues_total       123 
_refine_hist.pdbx_B_iso_mean_ligand           22.84 
_refine_hist.pdbx_B_iso_mean_solvent          21.92 
_refine_hist.pdbx_number_atoms_protein        1029 
_refine_hist.pdbx_number_atoms_nucleic_acid   0 
_refine_hist.pdbx_number_atoms_ligand         35 
_refine_hist.pdbx_number_atoms_lipid          ? 
_refine_hist.pdbx_number_atoms_carb           ? 
_refine_hist.pdbx_pseudo_atom_details         ? 
# 
loop_
_refine_ls_shell.pdbx_refine_id 
_refine_ls_shell.d_res_high 
_refine_ls_shell.d_res_low 
_refine_ls_shell.number_reflns_all 
_refine_ls_shell.number_reflns_obs 
_refine_ls_shell.number_reflns_R_free 
_refine_ls_shell.number_reflns_R_work 
_refine_ls_shell.percent_reflns_obs 
_refine_ls_shell.percent_reflns_R_free 
_refine_ls_shell.R_factor_all 
_refine_ls_shell.R_factor_obs 
_refine_ls_shell.R_factor_R_free 
_refine_ls_shell.R_factor_R_free_error 
_refine_ls_shell.R_factor_R_work 
_refine_ls_shell.redundancy_reflns_all 
_refine_ls_shell.redundancy_reflns_obs 
_refine_ls_shell.wR_factor_all 
_refine_ls_shell.wR_factor_obs 
_refine_ls_shell.wR_factor_R_free 
_refine_ls_shell.wR_factor_R_work 
_refine_ls_shell.pdbx_total_number_of_bins_used 
_refine_ls_shell.pdbx_phase_error 
_refine_ls_shell.pdbx_fsc_work 
_refine_ls_shell.pdbx_fsc_free 
'X-RAY DIFFRACTION' 1.451  1.4786 . . 48  433  21.0000  . . . 0.3377 0.0000 0.2471 . . . . . . . . . . 
'X-RAY DIFFRACTION' 1.4786 1.5087 . . 58  520  25.0000  . . . 0.2961 0.0000 0.2571 . . . . . . . . . . 
'X-RAY DIFFRACTION' 1.5087 1.5416 . . 71  646  31.0000  . . . 0.2799 0.0000 0.2555 . . . . . . . . . . 
'X-RAY DIFFRACTION' 1.5416 1.5774 . . 78  694  34.0000  . . . 0.2881 0.0000 0.2560 . . . . . . . . . . 
'X-RAY DIFFRACTION' 1.5774 1.6169 . . 94  840  41.0000  . . . 0.2696 0.0000 0.2415 . . . . . . . . . . 
'X-RAY DIFFRACTION' 1.6169 1.6606 . . 100 904  45.0000  . . . 0.2897 0.0000 0.2407 . . . . . . . . . . 
'X-RAY DIFFRACTION' 1.6606 1.7094 . . 109 987  47.0000  . . . 0.2891 0.0000 0.2380 . . . . . . . . . . 
'X-RAY DIFFRACTION' 1.7094 1.7646 . . 113 1003 49.0000  . . . 0.3021 0.0000 0.2409 . . . . . . . . . . 
'X-RAY DIFFRACTION' 1.7646 1.8277 . . 117 1075 52.0000  . . . 0.3402 0.0000 0.2449 . . . . . . . . . . 
'X-RAY DIFFRACTION' 1.8277 1.9009 . . 136 1183 57.0000  . . . 0.2735 0.0000 0.2439 . . . . . . . . . . 
'X-RAY DIFFRACTION' 1.9009 1.9874 . . 144 1264 61.0000  . . . 0.2591 0.0000 0.2238 . . . . . . . . . . 
'X-RAY DIFFRACTION' 1.9874 2.0921 . . 170 1534 76.0000  . . . 0.2476 0.0000 0.1952 . . . . . . . . . . 
'X-RAY DIFFRACTION' 2.0921 2.2232 . . 197 1780 86.0000  . . . 0.2820 0.0000 0.1850 . . . . . . . . . . 
'X-RAY DIFFRACTION' 2.2232 2.3949 . . 220 1940 94.0000  . . . 0.2071 0.0000 0.1802 . . . . . . . . . . 
'X-RAY DIFFRACTION' 2.3949 2.6358 . . 227 2035 99.0000  . . . 0.2287 0.0000 0.1787 . . . . . . . . . . 
'X-RAY DIFFRACTION' 2.6358 3.0171 . . 218 2001 97.0000  . . . 0.2430 0.0000 0.1832 . . . . . . . . . . 
'X-RAY DIFFRACTION' 3.0171 3.8008 . . 231 2050 100.0000 . . . 0.2109 0.0000 0.1587 . . . . . . . . . . 
'X-RAY DIFFRACTION' 3.8008 40.571 . . 217 2026 98.0000  . . . 0.1860 0.0000 0.1535 . . . . . . . . . . 
# 
_struct.entry_id                     6KEI 
_struct.title                        
;Crystal structure of BRD4 bromodomain 1 (BD1) in complex with 16-methoxy-11-methyl-6-[(pyridin-2-yl)methoxy]-2-oxa-11-azatetracyclo[8.6.1.03,8.013,17]heptadeca-1(16),3,5,7,9,13(17),14-heptaen-12-one
;
_struct.pdbx_model_details           ? 
_struct.pdbx_formula_weight          ? 
_struct.pdbx_formula_weight_method   ? 
_struct.pdbx_model_type_details      ? 
_struct.pdbx_CASP_flag               N 
# 
_struct_keywords.entry_id        6KEI 
_struct_keywords.text            'BRD4, bromodomain 1, TRANSCRIPTION' 
_struct_keywords.pdbx_keywords   TRANSCRIPTION 
# 
loop_
_struct_asym.id 
_struct_asym.pdbx_blank_PDB_chainid_flag 
_struct_asym.pdbx_modified 
_struct_asym.entity_id 
_struct_asym.details 
A N N 1 ? 
B N N 2 ? 
C N N 3 ? 
D N N 3 ? 
E N N 4 ? 
# 
loop_
_struct_conf.conf_type_id 
_struct_conf.id 
_struct_conf.pdbx_PDB_helix_id 
_struct_conf.beg_label_comp_id 
_struct_conf.beg_label_asym_id 
_struct_conf.beg_label_seq_id 
_struct_conf.pdbx_beg_PDB_ins_code 
_struct_conf.end_label_comp_id 
_struct_conf.end_label_asym_id 
_struct_conf.end_label_seq_id 
_struct_conf.pdbx_end_PDB_ins_code 
_struct_conf.beg_auth_comp_id 
_struct_conf.beg_auth_asym_id 
_struct_conf.beg_auth_seq_id 
_struct_conf.end_auth_comp_id 
_struct_conf.end_auth_asym_id 
_struct_conf.end_auth_seq_id 
_struct_conf.pdbx_PDB_helix_class 
_struct_conf.details 
_struct_conf.pdbx_PDB_helix_length 
HELX_P HELX_P1 AA1 THR A 19  ? VAL A 28  ? THR A 60  VAL A 69  1 ? 10 
HELX_P HELX_P2 AA2 VAL A 28  ? TRP A 34  ? VAL A 69  TRP A 75  1 ? 7  
HELX_P HELX_P3 AA3 ALA A 39  ? GLN A 43  ? ALA A 80  GLN A 84  5 ? 5  
HELX_P HELX_P4 AA4 ASP A 47  ? ASN A 52  ? ASP A 88  ASN A 93  1 ? 6  
HELX_P HELX_P5 AA5 ASP A 55  ? ILE A 60  ? ASP A 96  ILE A 101 1 ? 6  
HELX_P HELX_P6 AA6 ASP A 65  ? ASN A 75  ? ASP A 106 ASN A 116 1 ? 11 
HELX_P HELX_P7 AA7 ASN A 80  ? ASN A 99  ? ASN A 121 ASN A 140 1 ? 20 
HELX_P HELX_P8 AA8 ASP A 103 ? ASN A 121 ? ASP A 144 ASN A 162 1 ? 19 
# 
_struct_conf_type.id          HELX_P 
_struct_conf_type.criteria    ? 
_struct_conf_type.reference   ? 
# 
loop_
_struct_site.id 
_struct_site.pdbx_evidence_code 
_struct_site.pdbx_auth_asym_id 
_struct_site.pdbx_auth_comp_id 
_struct_site.pdbx_auth_seq_id 
_struct_site.pdbx_auth_ins_code 
_struct_site.pdbx_num_residues 
_struct_site.details 
AC1 Software A D6U 401 ? 11 'binding site for residue D6U A 401' 
AC2 Software A FMT 402 ? 4  'binding site for residue FMT A 402' 
AC3 Software A FMT 403 ? 5  'binding site for residue FMT A 403' 
# 
loop_
_struct_site_gen.id 
_struct_site_gen.site_id 
_struct_site_gen.pdbx_num_res 
_struct_site_gen.label_comp_id 
_struct_site_gen.label_asym_id 
_struct_site_gen.label_seq_id 
_struct_site_gen.pdbx_auth_ins_code 
_struct_site_gen.auth_comp_id 
_struct_site_gen.auth_asym_id 
_struct_site_gen.auth_seq_id 
_struct_site_gen.label_atom_id 
_struct_site_gen.label_alt_id 
_struct_site_gen.symmetry 
_struct_site_gen.details 
1  AC1 11 TRP A 40  ? TRP A 81  . ? 1_555 ? 
2  AC1 11 PRO A 41  ? PRO A 82  . ? 1_555 ? 
3  AC1 11 GLN A 44  ? GLN A 85  . ? 1_555 ? 
4  AC1 11 LEU A 51  ? LEU A 92  . ? 1_555 ? 
5  AC1 11 ASN A 52  ? ASN A 93  . ? 4_555 ? 
6  AC1 11 PRO A 54  ? PRO A 95  . ? 4_555 ? 
7  AC1 11 ASP A 55  ? ASP A 96  . ? 4_555 ? 
8  AC1 11 ASN A 99  ? ASN A 140 . ? 1_555 ? 
9  AC1 11 ILE A 105 ? ILE A 146 . ? 1_555 ? 
10 AC1 11 HOH E .   ? HOH A 511 . ? 1_555 ? 
11 AC1 11 HOH E .   ? HOH A 573 . ? 1_555 ? 
12 AC2 4  LYS A 16  ? LYS A 57  . ? 1_555 ? 
13 AC2 4  LYS A 58  ? LYS A 99  . ? 3_445 ? 
14 AC2 4  LYS A 61  ? LYS A 102 . ? 3_445 ? 
15 AC2 4  HOH E .   ? HOH A 504 . ? 3_445 ? 
16 AC3 5  THR A 19  ? THR A 60  . ? 1_555 ? 
17 AC3 5  GLN A 21  ? GLN A 62  . ? 1_555 ? 
18 AC3 5  ASN A 80  ? ASN A 121 . ? 1_555 ? 
19 AC3 5  ALA A 81  ? ALA A 122 . ? 1_555 ? 
20 AC3 5  HOH E .   ? HOH A 565 . ? 1_555 ? 
# 
_atom_sites.entry_id                    6KEI 
_atom_sites.Cartn_transf_matrix[1][1]   ? 
_atom_sites.Cartn_transf_matrix[1][2]   ? 
_atom_sites.Cartn_transf_matrix[1][3]   ? 
_atom_sites.Cartn_transf_matrix[2][1]   ? 
_atom_sites.Cartn_transf_matrix[2][2]   ? 
_atom_sites.Cartn_transf_matrix[2][3]   ? 
_atom_sites.Cartn_transf_matrix[3][1]   ? 
_atom_sites.Cartn_transf_matrix[3][2]   ? 
_atom_sites.Cartn_transf_matrix[3][3]   ? 
_atom_sites.Cartn_transf_vector[1]      ? 
_atom_sites.Cartn_transf_vector[2]      ? 
_atom_sites.Cartn_transf_vector[3]      ? 
_atom_sites.fract_transf_matrix[1][1]   0.02152614 
_atom_sites.fract_transf_matrix[1][2]   -0.02244038 
_atom_sites.fract_transf_matrix[1][3]   -0.00219329 
_atom_sites.fract_transf_matrix[2][1]   0.01419243 
_atom_sites.fract_transf_matrix[2][2]   0.01271316 
_atom_sites.fract_transf_matrix[2][3]   0.00921913 
_atom_sites.fract_transf_matrix[3][1]   -0.00342619 
_atom_sites.fract_transf_matrix[3][2]   -0.00439441 
_atom_sites.fract_transf_matrix[3][3]   0.01133434 
_atom_sites.fract_transf_vector[1]      -0.304269 
_atom_sites.fract_transf_vector[2]      -0.068770 
_atom_sites.fract_transf_vector[3]      0.109393 
_atom_sites.solution_primary            ? 
_atom_sites.solution_secondary          ? 
_atom_sites.solution_hydrogens          ? 
_atom_sites.special_details             ? 
# 
loop_
_atom_type.symbol 
C 
N 
O 
S 
# 
loop_
_atom_site.group_PDB 
_atom_site.id 
_atom_site.type_symbol 
_atom_site.label_atom_id 
_atom_site.label_alt_id 
_atom_site.label_comp_id 
_atom_site.label_asym_id 
_atom_site.label_entity_id 
_atom_site.label_seq_id 
_atom_site.pdbx_PDB_ins_code 
_atom_site.Cartn_x 
_atom_site.Cartn_y 
_atom_site.Cartn_z 
_atom_site.occupancy 
_atom_site.B_iso_or_equiv 
_atom_site.pdbx_formal_charge 
_atom_site.auth_seq_id 
_atom_site.auth_comp_id 
_atom_site.auth_asym_id 
_atom_site.auth_atom_id 
_atom_site.pdbx_PDB_model_num 
ATOM   1    N N   . ASN A 1 3   ? 10.323  12.042  11.100  1.00 22.09 ? 44  ASN A N   1 
ATOM   2    C CA  . ASN A 1 3   ? 9.361   11.040  10.644  1.00 17.18 ? 44  ASN A CA  1 
ATOM   3    C C   . ASN A 1 3   ? 8.331   10.738  11.729  1.00 19.69 ? 44  ASN A C   1 
ATOM   4    O O   . ASN A 1 3   ? 8.674   10.666  12.906  1.00 20.45 ? 44  ASN A O   1 
ATOM   5    C CB  . ASN A 1 3   ? 10.063  9.728   10.285  1.00 17.98 ? 44  ASN A CB  1 
ATOM   6    C CG  . ASN A 1 3   ? 10.863  9.808   8.999   1.00 19.41 ? 44  ASN A CG  1 
ATOM   7    O OD1 . ASN A 1 3   ? 10.379  10.273  7.966   1.00 17.30 ? 44  ASN A OD1 1 
ATOM   8    N ND2 . ASN A 1 3   ? 12.101  9.330   9.057   1.00 18.73 ? 44  ASN A ND2 1 
ATOM   9    N N   . PRO A 1 4   ? 7.079   10.531  11.335  1.00 15.69 ? 45  PRO A N   1 
ATOM   10   C CA  . PRO A 1 4   ? 6.079   10.019  12.267  1.00 14.93 ? 45  PRO A CA  1 
ATOM   11   C C   . PRO A 1 4   ? 6.283   8.530   12.470  1.00 16.77 ? 45  PRO A C   1 
ATOM   12   O O   . PRO A 1 4   ? 7.002   7.889   11.684  1.00 16.72 ? 45  PRO A O   1 
ATOM   13   C CB  . PRO A 1 4   ? 4.767   10.278  11.516  1.00 15.92 ? 45  PRO A CB  1 
ATOM   14   C CG  . PRO A 1 4   ? 5.145   10.076  10.094  1.00 18.23 ? 45  PRO A CG  1 
ATOM   15   C CD  . PRO A 1 4   ? 6.533   10.663  9.977   1.00 15.83 ? 45  PRO A CD  1 
ATOM   16   N N   . PRO A 1 5   ? 5.672   7.931   13.486  1.00 15.30 ? 46  PRO A N   1 
ATOM   17   C CA  . PRO A 1 5   ? 5.693   6.478   13.587  1.00 17.62 ? 46  PRO A CA  1 
ATOM   18   C C   . PRO A 1 5   ? 5.038   5.876   12.358  1.00 15.68 ? 46  PRO A C   1 
ATOM   19   O O   . PRO A 1 5   ? 4.075   6.441   11.808  1.00 17.42 ? 46  PRO A O   1 
ATOM   20   C CB  . PRO A 1 5   ? 4.868   6.187   14.846  1.00 20.55 ? 46  PRO A CB  1 
ATOM   21   C CG  . PRO A 1 5   ? 4.600   7.500   15.501  1.00 20.39 ? 46  PRO A CG  1 
ATOM   22   C CD  . PRO A 1 5   ? 4.741   8.545   14.456  1.00 20.02 ? 46  PRO A CD  1 
ATOM   23   N N   . PRO A 1 6   ? 5.524   4.736   11.889  1.00 14.51 ? 47  PRO A N   1 
ATOM   24   C CA  . PRO A 1 6   ? 4.892   4.088   10.741  1.00 13.52 ? 47  PRO A CA  1 
ATOM   25   C C   . PRO A 1 6   ? 3.524   3.557   11.132  1.00 15.51 ? 47  PRO A C   1 
ATOM   26   O O   . PRO A 1 6   ? 3.246   3.366   12.329  1.00 15.84 ? 47  PRO A O   1 
ATOM   27   C CB  . PRO A 1 6   ? 5.863   2.947   10.407  1.00 16.63 ? 47  PRO A CB  1 
ATOM   28   C CG  . PRO A 1 6   ? 6.543   2.645   11.707  1.00 19.61 ? 47  PRO A CG  1 
ATOM   29   C CD  . PRO A 1 6   ? 6.651   3.955   12.428  1.00 18.20 ? 47  PRO A CD  1 
ATOM   30   N N   . PRO A 1 7   ? 2.628   3.344   10.163  1.00 14.87 ? 48  PRO A N   1 
ATOM   31   C CA  . PRO A 1 7   ? 1.290   2.844   10.500  1.00 11.84 ? 48  PRO A CA  1 
ATOM   32   C C   . PRO A 1 7   ? 1.380   1.502   11.215  1.00 11.91 ? 48  PRO A C   1 
ATOM   33   O O   . PRO A 1 7   ? 2.293   0.706   10.979  1.00 13.60 ? 48  PRO A O   1 
ATOM   34   C CB  . PRO A 1 7   ? 0.609   2.695   9.133   1.00 14.40 ? 48  PRO A CB  1 
ATOM   35   C CG  . PRO A 1 7   ? 1.412   3.554   8.197   1.00 15.35 ? 48  PRO A CG  1 
ATOM   36   C CD  . PRO A 1 7   ? 2.811   3.504   8.709   1.00 17.09 ? 48  PRO A CD  1 
ATOM   37   N N   . GLU A 1 8   ? 0.411   1.251   12.097  1.00 13.85 ? 49  GLU A N   1 
ATOM   38   C CA  . GLU A 1 8   ? 0.416   0.016   12.868  1.00 12.69 ? 49  GLU A CA  1 
ATOM   39   C C   . GLU A 1 8   ? 0.238   -1.184  11.947  1.00 13.10 ? 49  GLU A C   1 
ATOM   40   O O   . GLU A 1 8   ? -0.416  -1.106  10.902  1.00 14.04 ? 49  GLU A O   1 
ATOM   41   C CB  . GLU A 1 8   ? -0.699  0.044   13.915  1.00 13.99 ? 49  GLU A CB  1 
ATOM   42   C CG  . GLU A 1 8   ? -2.104  -0.013  13.341  1.00 13.34 ? 49  GLU A CG  1 
ATOM   43   C CD  . GLU A 1 8   ? -3.210  0.117   14.386  1.00 13.21 ? 49  GLU A CD  1 
ATOM   44   O OE1 . GLU A 1 8   ? -4.371  -0.222  14.059  1.00 13.15 ? 49  GLU A OE1 1 
ATOM   45   O OE2 . GLU A 1 8   ? -2.929  0.550   15.534  1.00 15.15 ? 49  GLU A OE2 1 
ATOM   46   N N   . THR A 1 9   ? 0.863   -2.303  12.319  1.00 12.61 ? 50  THR A N   1 
ATOM   47   C CA  . THR A 1 9   ? 0.673   -3.565  11.615  1.00 13.63 ? 50  THR A CA  1 
ATOM   48   C C   . THR A 1 9   ? -0.019  -4.599  12.483  1.00 14.58 ? 50  THR A C   1 
ATOM   49   O O   . THR A 1 9   ? -0.285  -5.713  12.015  1.00 14.26 ? 50  THR A O   1 
ATOM   50   C CB  . THR A 1 9   ? 2.008   -4.108  11.091  1.00 15.98 ? 50  THR A CB  1 
ATOM   51   O OG1 . THR A 1 9   ? 2.922   -4.243  12.187  1.00 16.87 ? 50  THR A OG1 1 
ATOM   52   C CG2 . THR A 1 9   ? 2.601   -3.151  10.061  1.00 16.56 ? 50  THR A CG2 1 
ATOM   53   N N   . SER A 1 10  ? -0.303  -4.251  13.733  1.00 15.60 ? 51  SER A N   1 
ATOM   54   C CA  . SER A 1 10  ? -1.129  -5.053  14.613  1.00 14.84 ? 51  SER A CA  1 
ATOM   55   C C   . SER A 1 10  ? -1.891  -4.114  15.537  1.00 14.64 ? 51  SER A C   1 
ATOM   56   O O   . SER A 1 10  ? -1.499  -2.960  15.748  1.00 14.36 ? 51  SER A O   1 
ATOM   57   C CB  . SER A 1 10  ? -0.285  -6.046  15.421  1.00 18.07 ? 51  SER A CB  1 
ATOM   58   O OG  . SER A 1 10  ? 0.607   -5.353  16.253  1.00 19.25 ? 51  SER A OG  1 
ATOM   59   N N   . ASN A 1 11  ? -2.980  -4.626  16.096  1.00 13.93 ? 52  ASN A N   1 
ATOM   60   C CA  . ASN A 1 11  ? -3.814  -3.857  17.015  1.00 14.12 ? 52  ASN A CA  1 
ATOM   61   C C   . ASN A 1 11  ? -4.652  -4.853  17.800  1.00 14.68 ? 52  ASN A C   1 
ATOM   62   O O   . ASN A 1 11  ? -5.601  -5.428  17.251  1.00 12.84 ? 52  ASN A O   1 
ATOM   63   C CB  . ASN A 1 11  ? -4.713  -2.882  16.247  1.00 13.98 ? 52  ASN A CB  1 
ATOM   64   C CG  . ASN A 1 11  ? -5.522  -1.976  17.161  1.00 17.80 ? 52  ASN A CG  1 
ATOM   65   O OD1 . ASN A 1 11  ? -5.998  -2.394  18.220  1.00 19.24 ? 52  ASN A OD1 1 
ATOM   66   N ND2 . ASN A 1 11  ? -5.685  -0.722  16.752  1.00 18.33 ? 52  ASN A ND2 1 
ATOM   67   N N   . PRO A 1 12  ? -4.326  -5.084  19.074  1.00 13.20 ? 53  PRO A N   1 
ATOM   68   C CA  . PRO A 1 12  ? -4.983  -6.170  19.825  1.00 13.31 ? 53  PRO A CA  1 
ATOM   69   C C   . PRO A 1 12  ? -6.485  -6.022  19.975  1.00 16.35 ? 53  PRO A C   1 
ATOM   70   O O   . PRO A 1 12  ? -7.182  -7.039  20.087  1.00 18.99 ? 53  PRO A O   1 
ATOM   71   C CB  . PRO A 1 12  ? -4.269  -6.132  21.185  1.00 14.34 ? 53  PRO A CB  1 
ATOM   72   C CG  . PRO A 1 12  ? -2.939  -5.490  20.889  1.00 15.38 ? 53  PRO A CG  1 
ATOM   73   C CD  . PRO A 1 12  ? -3.236  -4.457  19.841  1.00 12.04 ? 53  PRO A CD  1 
ATOM   74   N N   . ASN A 1 13  ? -7.015  -4.806  20.002  1.00 14.51 ? 54  ASN A N   1 
ATOM   75   C CA  . ASN A 1 13  ? -8.454  -4.641  20.149  1.00 17.02 ? 54  ASN A CA  1 
ATOM   76   C C   . ASN A 1 13  ? -9.193  -4.573  18.817  1.00 19.85 ? 54  ASN A C   1 
ATOM   77   O O   . ASN A 1 13  ? -10.422 -4.440  18.812  1.00 22.30 ? 54  ASN A O   1 
ATOM   78   C CB  . ASN A 1 13  ? -8.774  -3.431  21.021  1.00 22.14 ? 54  ASN A CB  1 
ATOM   79   C CG  . ASN A 1 13  ? -8.701  -3.759  22.511  1.00 23.90 ? 54  ASN A CG  1 
ATOM   80   O OD1 . ASN A 1 13  ? -9.176  -4.812  22.971  1.00 20.05 ? 54  ASN A OD1 1 
ATOM   81   N ND2 . ASN A 1 13  ? -8.094  -2.864  23.267  1.00 23.66 ? 54  ASN A ND2 1 
ATOM   82   N N   . LYS A 1 14  ? -8.491  -4.668  17.703  1.00 14.68 ? 55  LYS A N   1 
ATOM   83   C CA  . LYS A 1 14  ? -9.137  -4.763  16.399  1.00 14.28 ? 55  LYS A CA  1 
ATOM   84   C C   . LYS A 1 14  ? -9.354  -6.234  16.052  1.00 14.41 ? 55  LYS A C   1 
ATOM   85   O O   . LYS A 1 14  ? -8.417  -7.035  16.169  1.00 15.51 ? 55  LYS A O   1 
ATOM   86   C CB  . LYS A 1 14  ? -8.246  -4.124  15.351  1.00 15.49 ? 55  LYS A CB  1 
ATOM   87   C CG  . LYS A 1 14  ? -8.885  -3.946  13.980  1.00 13.67 ? 55  LYS A CG  1 
ATOM   88   C CD  . LYS A 1 14  ? -7.916  -3.249  13.047  1.00 15.57 ? 55  LYS A CD  1 
ATOM   89   C CE  . LYS A 1 14  ? -8.557  -2.974  11.709  1.00 14.66 ? 55  LYS A CE  1 
ATOM   90   N NZ  . LYS A 1 14  ? -8.837  -4.233  10.976  1.00 14.19 ? 55  LYS A NZ  1 
ATOM   91   N N   . PRO A 1 15  ? -10.562 -6.646  15.661  1.00 15.51 ? 56  PRO A N   1 
ATOM   92   C CA  . PRO A 1 15  ? -10.775 -8.063  15.350  1.00 16.54 ? 56  PRO A CA  1 
ATOM   93   C C   . PRO A 1 15  ? -10.070 -8.443  14.054  1.00 15.33 ? 56  PRO A C   1 
ATOM   94   O O   . PRO A 1 15  ? -10.008 -7.657  13.107  1.00 16.45 ? 56  PRO A O   1 
ATOM   95   C CB  . PRO A 1 15  ? -12.300 -8.171  15.218  1.00 15.73 ? 56  PRO A CB  1 
ATOM   96   C CG  . PRO A 1 15  ? -12.727 -6.802  14.779  1.00 18.02 ? 56  PRO A CG  1 
ATOM   97   C CD  . PRO A 1 15  ? -11.783 -5.842  15.459  1.00 14.70 ? 56  PRO A CD  1 
ATOM   98   N N   . LYS A 1 16  ? -9.520  -9.658  14.035  1.00 17.17 ? 57  LYS A N   1 
ATOM   99   C CA  . LYS A 1 16  ? -8.789  -10.199 12.898  1.00 15.94 ? 57  LYS A CA  1 
ATOM   100  C C   . LYS A 1 16  ? -9.696  -11.115 12.087  1.00 14.78 ? 57  LYS A C   1 
ATOM   101  O O   . LYS A 1 16  ? -10.706 -11.617 12.580  1.00 14.52 ? 57  LYS A O   1 
ATOM   102  C CB  . LYS A 1 16  ? -7.613  -11.045 13.378  1.00 13.46 ? 57  LYS A CB  1 
ATOM   103  C CG  . LYS A 1 16  ? -6.514  -10.320 14.141  1.00 17.16 ? 57  LYS A CG  1 
ATOM   104  C CD  . LYS A 1 16  ? -5.440  -11.346 14.505  1.00 17.46 ? 57  LYS A CD  1 
ATOM   105  C CE  . LYS A 1 16  ? -4.128  -10.708 14.912  1.00 21.05 ? 57  LYS A CE  1 
ATOM   106  N NZ  . LYS A 1 16  ? -3.014  -11.713 14.950  1.00 18.85 ? 57  LYS A NZ  1 
ATOM   107  N N   . ARG A 1 17  ? -9.295  -11.368 10.839  1.00 17.20 ? 58  ARG A N   1 
ATOM   108  C CA  . ARG A 1 17  ? -9.987  -12.368 10.037  1.00 15.32 ? 58  ARG A CA  1 
ATOM   109  C C   . ARG A 1 17  ? -9.072  -12.856 8.927   1.00 18.79 ? 58  ARG A C   1 
ATOM   110  O O   . ARG A 1 17  ? -8.160  -12.148 8.489   1.00 16.15 ? 58  ARG A O   1 
ATOM   111  C CB  . ARG A 1 17  ? -11.290 -11.822 9.441   1.00 15.94 ? 58  ARG A CB  1 
ATOM   112  C CG  . ARG A 1 17  ? -12.345 -12.890 9.196   1.00 17.98 ? 58  ARG A CG  1 
ATOM   113  C CD  . ARG A 1 17  ? -13.749 -12.303 9.162   1.00 19.49 ? 58  ARG A CD  1 
ATOM   114  N NE  . ARG A 1 17  ? -13.916 -11.451 7.995   1.00 20.78 ? 58  ARG A NE  1 
ATOM   115  C CZ  . ARG A 1 17  ? -14.985 -11.441 7.214   1.00 17.87 ? 58  ARG A CZ  1 
ATOM   116  N NH1 . ARG A 1 17  ? -16.018 -12.237 7.461   1.00 22.25 ? 58  ARG A NH1 1 
ATOM   117  N NH2 . ARG A 1 17  ? -15.022 -10.632 6.179   1.00 18.38 ? 58  ARG A NH2 1 
ATOM   118  N N   . GLN A 1 18  ? -9.326  -14.076 8.482   1.00 15.82 ? 59  GLN A N   1 
ATOM   119  C CA  . GLN A 1 18  ? -8.673  -14.623 7.306   1.00 19.77 ? 59  GLN A CA  1 
ATOM   120  C C   . GLN A 1 18  ? -9.759  -15.061 6.337   1.00 19.50 ? 59  GLN A C   1 
ATOM   121  O O   . GLN A 1 18  ? -10.700 -15.759 6.734   1.00 21.65 ? 59  GLN A O   1 
ATOM   122  C CB  . GLN A 1 18  ? -7.775  -15.810 7.679   1.00 20.06 ? 59  GLN A CB  1 
ATOM   123  C CG  . GLN A 1 18  ? -7.022  -16.395 6.496   1.00 25.55 ? 59  GLN A CG  1 
ATOM   124  C CD  . GLN A 1 18  ? -5.922  -15.479 5.968   1.00 26.69 ? 59  GLN A CD  1 
ATOM   125  O OE1 . GLN A 1 18  ? -6.192  -14.439 5.349   1.00 22.12 ? 59  GLN A OE1 1 
ATOM   126  N NE2 . GLN A 1 18  ? -4.667  -15.874 6.200   1.00 31.87 ? 59  GLN A NE2 1 
ATOM   127  N N   . THR A 1 19  ? -9.659  -14.609 5.086   1.00 17.38 ? 60  THR A N   1 
ATOM   128  C CA  . THR A 1 19  ? -10.604 -14.977 4.043   1.00 15.66 ? 60  THR A CA  1 
ATOM   129  C C   . THR A 1 19  ? -9.818  -15.477 2.841   1.00 18.71 ? 60  THR A C   1 
ATOM   130  O O   . THR A 1 19  ? -8.613  -15.237 2.723   1.00 18.49 ? 60  THR A O   1 
ATOM   131  C CB  . THR A 1 19  ? -11.542 -13.815 3.636   1.00 14.78 ? 60  THR A CB  1 
ATOM   132  O OG1 . THR A 1 19  ? -10.803 -12.802 2.949   1.00 14.32 ? 60  THR A OG1 1 
ATOM   133  C CG2 . THR A 1 19  ? -12.218 -13.188 4.845   1.00 14.43 ? 60  THR A CG2 1 
ATOM   134  N N   . ASN A 1 20  ? -10.503 -16.197 1.954   1.00 18.92 ? 61  ASN A N   1 
ATOM   135  C CA  . ASN A 1 20  ? -9.856  -16.607 0.712   1.00 16.97 ? 61  ASN A CA  1 
ATOM   136  C C   . ASN A 1 20  ? -9.376  -15.397 -0.076  1.00 17.77 ? 61  ASN A C   1 
ATOM   137  O O   . ASN A 1 20  ? -8.295  -15.428 -0.676  1.00 15.85 ? 61  ASN A O   1 
ATOM   138  C CB  . ASN A 1 20  ? -10.814 -17.443 -0.136  1.00 19.89 ? 61  ASN A CB  1 
ATOM   139  C CG  . ASN A 1 20  ? -11.077 -18.809 0.461   1.00 26.27 ? 61  ASN A CG  1 
ATOM   140  O OD1 . ASN A 1 20  ? -10.346 -19.270 1.338   1.00 29.85 ? 61  ASN A OD1 1 
ATOM   141  N ND2 . ASN A 1 20  ? -12.128 -19.469 -0.018  1.00 27.19 ? 61  ASN A ND2 1 
ATOM   142  N N   . GLN A 1 21  ? -10.166 -14.321 -0.084  1.00 16.05 ? 62  GLN A N   1 
ATOM   143  C CA  . GLN A 1 21  ? -9.765  -13.113 -0.797  1.00 14.27 ? 62  GLN A CA  1 
ATOM   144  C C   . GLN A 1 21  ? -8.544  -12.459 -0.159  1.00 15.35 ? 62  GLN A C   1 
ATOM   145  O O   . GLN A 1 21  ? -7.656  -11.979 -0.870  1.00 12.75 ? 62  GLN A O   1 
ATOM   146  C CB  . GLN A 1 21  ? -10.939 -12.135 -0.897  1.00 13.01 ? 62  GLN A CB  1 
ATOM   147  C CG  . GLN A 1 21  ? -12.056 -12.630 -1.821  1.00 14.65 ? 62  GLN A CG  1 
ATOM   148  C CD  . GLN A 1 21  ? -13.198 -11.643 -1.960  1.00 20.60 ? 62  GLN A CD  1 
ATOM   149  O OE1 . GLN A 1 21  ? -13.214 -10.588 -1.324  1.00 24.55 ? 62  GLN A OE1 1 
ATOM   150  N NE2 . GLN A 1 21  ? -14.170 -11.986 -2.797  1.00 21.16 ? 62  GLN A NE2 1 
ATOM   151  N N   . LEU A 1 22  ? -8.472  -12.423 1.175   1.00 12.88 ? 63  LEU A N   1 
ATOM   152  C CA  . LEU A 1 22  ? -7.297  -11.831 1.809   1.00 12.01 ? 63  LEU A CA  1 
ATOM   153  C C   . LEU A 1 22  ? -6.050  -12.679 1.573   1.00 14.58 ? 63  LEU A C   1 
ATOM   154  O O   . LEU A 1 22  ? -4.947  -12.139 1.403   1.00 13.84 ? 63  LEU A O   1 
ATOM   155  C CB  . LEU A 1 22  ? -7.540  -11.600 3.302   1.00 13.07 ? 63  LEU A CB  1 
ATOM   156  C CG  . LEU A 1 22  ? -8.426  -10.401 3.685   1.00 10.73 ? 63  LEU A CG  1 
ATOM   157  C CD1 . LEU A 1 22  ? -8.945  -10.573 5.113   1.00 13.22 ? 63  LEU A CD1 1 
ATOM   158  C CD2 . LEU A 1 22  ? -7.705  -9.070  3.541   1.00 12.89 ? 63  LEU A CD2 1 
ATOM   159  N N   . GLN A 1 23  ? -6.200  -14.007 1.549   1.00 14.20 ? 64  GLN A N   1 
ATOM   160  C CA  . GLN A 1 23  ? -5.047  -14.855 1.254   1.00 16.32 ? 64  GLN A CA  1 
ATOM   161  C C   . GLN A 1 23  ? -4.535  -14.579 -0.149  1.00 13.25 ? 64  GLN A C   1 
ATOM   162  O O   . GLN A 1 23  ? -3.323  -14.474 -0.371  1.00 15.77 ? 64  GLN A O   1 
ATOM   163  C CB  . GLN A 1 23  ? -5.427  -16.329 1.399   1.00 17.41 ? 64  GLN A CB  1 
ATOM   164  C CG  . GLN A 1 23  ? -5.714  -16.785 2.816   1.00 23.48 ? 64  GLN A CG  1 
ATOM   165  C CD  . GLN A 1 23  ? -6.191  -18.231 2.856   1.00 30.05 ? 64  GLN A CD  1 
ATOM   166  O OE1 . GLN A 1 23  ? -7.341  -18.513 3.212   1.00 34.63 ? 64  GLN A OE1 1 
ATOM   167  N NE2 . GLN A 1 23  ? -5.314  -19.153 2.463   1.00 34.99 ? 64  GLN A NE2 1 
ATOM   168  N N   . TYR A 1 24  ? -5.460  -14.424 -1.104  1.00 14.84 ? 65  TYR A N   1 
ATOM   169  C CA  . TYR A 1 24  ? -5.117  -14.106 -2.483  1.00 14.71 ? 65  TYR A CA  1 
ATOM   170  C C   . TYR A 1 24  ? -4.461  -12.736 -2.585  1.00 13.58 ? 65  TYR A C   1 
ATOM   171  O O   . TYR A 1 24  ? -3.496  -12.560 -3.333  1.00 13.46 ? 65  TYR A O   1 
ATOM   172  C CB  . TYR A 1 24  ? -6.403  -14.134 -3.307  1.00 12.72 ? 65  TYR A CB  1 
ATOM   173  C CG  . TYR A 1 24  ? -6.254  -13.827 -4.773  1.00 13.85 ? 65  TYR A CG  1 
ATOM   174  C CD1 . TYR A 1 24  ? -5.950  -14.836 -5.681  1.00 16.87 ? 65  TYR A CD1 1 
ATOM   175  C CD2 . TYR A 1 24  ? -6.457  -12.539 -5.259  1.00 13.31 ? 65  TYR A CD2 1 
ATOM   176  C CE1 . TYR A 1 24  ? -5.832  -14.563 -7.029  1.00 16.64 ? 65  TYR A CE1 1 
ATOM   177  C CE2 . TYR A 1 24  ? -6.343  -12.256 -6.610  1.00 15.63 ? 65  TYR A CE2 1 
ATOM   178  C CZ  . TYR A 1 24  ? -6.027  -13.276 -7.487  1.00 15.23 ? 65  TYR A CZ  1 
ATOM   179  O OH  . TYR A 1 24  ? -5.907  -13.015 -8.835  1.00 20.05 ? 65  TYR A OH  1 
ATOM   180  N N   . LEU A 1 25  ? -4.957  -11.760 -1.824  1.00 12.70 ? 66  LEU A N   1 
ATOM   181  C CA  . LEU A 1 25  ? -4.343  -10.435 -1.846  1.00 11.21 ? 66  LEU A CA  1 
ATOM   182  C C   . LEU A 1 25  ? -2.878  -10.487 -1.435  1.00 13.82 ? 66  LEU A C   1 
ATOM   183  O O   . LEU A 1 25  ? -2.067  -9.710  -1.948  1.00 13.46 ? 66  LEU A O   1 
ATOM   184  C CB  . LEU A 1 25  ? -5.119  -9.462  -0.960  1.00 12.52 ? 66  LEU A CB  1 
ATOM   185  C CG  . LEU A 1 25  ? -6.385  -8.871  -1.596  1.00 12.08 ? 66  LEU A CG  1 
ATOM   186  C CD1 . LEU A 1 25  ? -7.185  -8.086  -0.575  1.00 12.81 ? 66  LEU A CD1 1 
ATOM   187  C CD2 . LEU A 1 25  ? -6.037  -7.985  -2.782  1.00 17.68 ? 66  LEU A CD2 1 
ATOM   188  N N   . LEU A 1 26  ? -2.514  -11.380 -0.508  1.00 13.81 ? 67  LEU A N   1 
ATOM   189  C CA  . LEU A 1 26  ? -1.104  -11.504 -0.137  1.00 13.35 ? 67  LEU A CA  1 
ATOM   190  C C   . LEU A 1 26  ? -0.328  -12.360 -1.136  1.00 13.98 ? 67  LEU A C   1 
ATOM   191  O O   . LEU A 1 26  ? 0.706   -11.926 -1.661  1.00 12.26 ? 67  LEU A O   1 
ATOM   192  C CB  . LEU A 1 26  ? -0.966  -12.071 1.277   1.00 17.33 ? 67  LEU A CB  1 
ATOM   193  C CG  . LEU A 1 26  ? 0.456   -12.367 1.781   1.00 12.66 ? 67  LEU A CG  1 
ATOM   194  C CD1 . LEU A 1 26  ? 1.302   -11.109 1.809   1.00 14.46 ? 67  LEU A CD1 1 
ATOM   195  C CD2 . LEU A 1 26  ? 0.397   -12.973 3.175   1.00 14.44 ? 67  LEU A CD2 1 
ATOM   196  N N   . ARG A 1 27  ? -0.819  -13.576 -1.413  1.00 15.40 ? 68  ARG A N   1 
ATOM   197  C CA  . ARG A 1 27  ? -0.061  -14.529 -2.218  1.00 16.34 ? 68  ARG A CA  1 
ATOM   198  C C   . ARG A 1 27  ? 0.058   -14.077 -3.668  1.00 16.58 ? 68  ARG A C   1 
ATOM   199  O O   . ARG A 1 27  ? 1.126   -14.210 -4.279  1.00 17.73 ? 68  ARG A O   1 
ATOM   200  C CB  . ARG A 1 27  ? -0.709  -15.913 -2.156  1.00 18.02 ? 68  ARG A CB  1 
ATOM   201  C CG  . ARG A 1 27  ? -0.103  -16.906 -3.157  1.00 23.61 ? 68  ARG A CG  1 
ATOM   202  C CD  . ARG A 1 27  ? -0.815  -18.256 -3.146  1.00 22.48 ? 68  ARG A CD  1 
ATOM   203  N NE  . ARG A 1 27  ? -2.077  -18.250 -3.890  1.00 22.80 ? 68  ARG A NE  1 
ATOM   204  C CZ  . ARG A 1 27  ? -2.173  -18.407 -5.207  1.00 24.91 ? 68  ARG A CZ  1 
ATOM   205  N NH1 . ARG A 1 27  ? -1.075  -18.564 -5.947  1.00 27.11 ? 68  ARG A NH1 1 
ATOM   206  N NH2 . ARG A 1 27  ? -3.367  -18.387 -5.792  1.00 26.42 ? 68  ARG A NH2 1 
ATOM   207  N N   . VAL A 1 28  ? -1.021  -13.542 -4.237  1.00 11.49 ? 69  VAL A N   1 
ATOM   208  C CA  . VAL A 1 28  ? -1.009  -13.184 -5.646  1.00 14.89 ? 69  VAL A CA  1 
ATOM   209  C C   . VAL A 1 28  ? -0.793  -11.691 -5.838  1.00 13.69 ? 69  VAL A C   1 
ATOM   210  O O   . VAL A 1 28  ? 0.159   -11.273 -6.504  1.00 14.67 ? 69  VAL A O   1 
ATOM   211  C CB  . VAL A 1 28  ? -2.269  -13.693 -6.377  1.00 15.33 ? 69  VAL A CB  1 
ATOM   212  C CG1 . VAL A 1 28  ? -2.242  -13.272 -7.837  1.00 14.83 ? 69  VAL A CG1 1 
ATOM   213  C CG2 . VAL A 1 28  ? -2.372  -15.211 -6.258  1.00 17.22 ? 69  VAL A CG2 1 
ATOM   214  N N   . VAL A 1 29  ? -1.663  -10.866 -5.257  1.00 12.64 ? 70  VAL A N   1 
ATOM   215  C CA  . VAL A 1 29  ? -1.674  -9.456  -5.627  1.00 11.15 ? 70  VAL A CA  1 
ATOM   216  C C   . VAL A 1 29  ? -0.439  -8.739  -5.090  1.00 12.05 ? 70  VAL A C   1 
ATOM   217  O O   . VAL A 1 29  ? 0.332   -8.137  -5.849  1.00 12.28 ? 70  VAL A O   1 
ATOM   218  C CB  . VAL A 1 29  ? -2.983  -8.777  -5.191  1.00 11.90 ? 70  VAL A CB  1 
ATOM   219  C CG1 . VAL A 1 29  ? -2.973  -7.322  -5.655  1.00 11.29 ? 70  VAL A CG1 1 
ATOM   220  C CG2 . VAL A 1 29  ? -4.185  -9.511  -5.758  1.00 12.97 ? 70  VAL A CG2 1 
ATOM   221  N N   . LEU A 1 30  ? -0.236  -8.775  -3.776  1.00 11.39 ? 71  LEU A N   1 
ATOM   222  C CA  . LEU A 1 30  ? 0.903   -8.062  -3.208  1.00 10.92 ? 71  LEU A CA  1 
ATOM   223  C C   . LEU A 1 30  ? 2.226   -8.652  -3.681  1.00 11.15 ? 71  LEU A C   1 
ATOM   224  O O   . LEU A 1 30  ? 3.143   -7.916  -4.064  1.00 12.58 ? 71  LEU A O   1 
ATOM   225  C CB  . LEU A 1 30  ? 0.837   -8.050  -1.679  1.00 12.07 ? 71  LEU A CB  1 
ATOM   226  C CG  . LEU A 1 30  ? 1.958   -7.179  -1.081  1.00 16.04 ? 71  LEU A CG  1 
ATOM   227  C CD1 . LEU A 1 30  ? 1.435   -6.295  0.030   1.00 17.47 ? 71  LEU A CD1 1 
ATOM   228  C CD2 . LEU A 1 30  ? 3.138   -8.028  -0.616  1.00 15.20 ? 71  LEU A CD2 1 
ATOM   229  N N   . LYS A 1 31  ? 2.361   -9.978  -3.635  1.00 12.19 ? 72  LYS A N   1 
ATOM   230  C CA  . LYS A 1 31  ? 3.662   -10.560 -3.927  1.00 13.26 ? 72  LYS A CA  1 
ATOM   231  C C   . LYS A 1 31  ? 4.025   -10.465 -5.398  1.00 13.14 ? 72  LYS A C   1 
ATOM   232  O O   . LYS A 1 31  ? 5.214   -10.478 -5.726  1.00 15.35 ? 72  LYS A O   1 
ATOM   233  C CB  . LYS A 1 31  ? 3.777   -11.973 -3.361  1.00 14.74 ? 72  LYS A CB  1 
ATOM   234  C CG  . LYS A 1 31  ? 3.894   -11.954 -1.841  1.00 16.11 ? 72  LYS A CG  1 
ATOM   235  C CD  . LYS A 1 31  ? 4.105   -13.325 -1.264  1.00 18.30 ? 72  LYS A CD  1 
ATOM   236  C CE  . LYS A 1 31  ? 4.012   -13.284 0.242   1.00 21.06 ? 72  LYS A CE  1 
ATOM   237  N NZ  . LYS A 1 31  ? 4.185   -14.647 0.783   1.00 25.09 ? 72  LYS A NZ  1 
ATOM   238  N N   . THR A 1 32  ? 3.041   -10.331 -6.287  1.00 12.23 ? 73  THR A N   1 
ATOM   239  C CA  . THR A 1 32  ? 3.354   -10.101 -7.693  1.00 13.14 ? 73  THR A CA  1 
ATOM   240  C C   . THR A 1 32  ? 3.724   -8.643  -7.946  1.00 13.00 ? 73  THR A C   1 
ATOM   241  O O   . THR A 1 32  ? 4.739   -8.365  -8.594  1.00 12.35 ? 73  THR A O   1 
ATOM   242  C CB  . THR A 1 32  ? 2.185   -10.546 -8.578  1.00 16.58 ? 73  THR A CB  1 
ATOM   243  O OG1 . THR A 1 32  ? 1.866   -11.914 -8.288  1.00 15.33 ? 73  THR A OG1 1 
ATOM   244  C CG2 . THR A 1 32  ? 2.547   -10.431 -10.017 1.00 16.19 ? 73  THR A CG2 1 
ATOM   245  N N   . LEU A 1 33  ? 2.918   -7.704  -7.432  1.00 11.93 ? 74  LEU A N   1 
ATOM   246  C CA  . LEU A 1 33  ? 3.246   -6.284  -7.545  1.00 11.83 ? 74  LEU A CA  1 
ATOM   247  C C   . LEU A 1 33  ? 4.628   -5.998  -6.989  1.00 12.62 ? 74  LEU A C   1 
ATOM   248  O O   . LEU A 1 33  ? 5.364   -5.153  -7.523  1.00 13.14 ? 74  LEU A O   1 
ATOM   249  C CB  . LEU A 1 33  ? 2.224   -5.447  -6.777  1.00 11.76 ? 74  LEU A CB  1 
ATOM   250  C CG  . LEU A 1 33  ? 0.865   -5.196  -7.423  1.00 17.26 ? 74  LEU A CG  1 
ATOM   251  C CD1 . LEU A 1 33  ? -0.016  -4.397  -6.472  1.00 17.65 ? 74  LEU A CD1 1 
ATOM   252  C CD2 . LEU A 1 33  ? 1.070   -4.451  -8.708  1.00 20.01 ? 74  LEU A CD2 1 
ATOM   253  N N   . TRP A 1 34  ? 4.984   -6.676  -5.892  1.00 10.82 ? 75  TRP A N   1 
ATOM   254  C CA  . TRP A 1 34  ? 6.254   -6.421  -5.223  1.00 12.67 ? 75  TRP A CA  1 
ATOM   255  C C   . TRP A 1 34  ? 7.434   -6.588  -6.169  1.00 13.03 ? 75  TRP A C   1 
ATOM   256  O O   . TRP A 1 34  ? 8.446   -5.891  -6.017  1.00 14.03 ? 75  TRP A O   1 
ATOM   257  C CB  . TRP A 1 34  ? 6.388   -7.370  -4.040  1.00 11.70 ? 75  TRP A CB  1 
ATOM   258  C CG  . TRP A 1 34  ? 7.500   -7.054  -3.110  1.00 13.89 ? 75  TRP A CG  1 
ATOM   259  C CD1 . TRP A 1 34  ? 8.804   -7.415  -3.239  1.00 13.10 ? 75  TRP A CD1 1 
ATOM   260  C CD2 . TRP A 1 34  ? 7.402   -6.318  -1.888  1.00 13.79 ? 75  TRP A CD2 1 
ATOM   261  N NE1 . TRP A 1 34  ? 9.531   -6.944  -2.169  1.00 15.36 ? 75  TRP A NE1 1 
ATOM   262  C CE2 . TRP A 1 34  ? 8.687   -6.265  -1.327  1.00 12.80 ? 75  TRP A CE2 1 
ATOM   263  C CE3 . TRP A 1 34  ? 6.346   -5.688  -1.220  1.00 13.64 ? 75  TRP A CE3 1 
ATOM   264  C CZ2 . TRP A 1 34  ? 8.951   -5.611  -0.124  1.00 14.75 ? 75  TRP A CZ2 1 
ATOM   265  C CZ3 . TRP A 1 34  ? 6.609   -5.042  -0.021  1.00 13.41 ? 75  TRP A CZ3 1 
ATOM   266  C CH2 . TRP A 1 34  ? 7.899   -5.017  0.515   1.00 13.29 ? 75  TRP A CH2 1 
ATOM   267  N N   . LYS A 1 35  ? 7.316   -7.478  -7.159  1.00 12.98 ? 76  LYS A N   1 
ATOM   268  C CA  . LYS A 1 35  ? 8.411   -7.801  -8.062  1.00 12.73 ? 76  LYS A CA  1 
ATOM   269  C C   . LYS A 1 35  ? 8.472   -6.907  -9.290  1.00 11.80 ? 76  LYS A C   1 
ATOM   270  O O   . LYS A 1 35  ? 9.426   -7.017  -10.069 1.00 14.54 ? 76  LYS A O   1 
ATOM   271  C CB  . LYS A 1 35  ? 8.328   -9.269  -8.483  1.00 12.07 ? 76  LYS A CB  1 
ATOM   272  C CG  . LYS A 1 35  ? 8.434   -10.223 -7.306  1.00 13.03 ? 76  LYS A CG  1 
ATOM   273  C CD  . LYS A 1 35  ? 7.982   -11.622 -7.693  1.00 18.14 ? 76  LYS A CD  1 
ATOM   274  C CE  . LYS A 1 35  ? 8.030   -12.551 -6.486  1.00 22.53 ? 76  LYS A CE  1 
ATOM   275  N NZ  . LYS A 1 35  ? 9.406   -12.600 -5.915  1.00 23.90 ? 76  LYS A NZ  1 
ATOM   276  N N   . HIS A 1 36  ? 7.501   -6.019  -9.468  1.00 10.73 ? 77  HIS A N   1 
ATOM   277  C CA  . HIS A 1 36  ? 7.484   -5.120  -10.612 1.00 14.99 ? 77  HIS A CA  1 
ATOM   278  C C   . HIS A 1 36  ? 8.657   -4.149  -10.533 1.00 15.72 ? 77  HIS A C   1 
ATOM   279  O O   . HIS A 1 36  ? 9.107   -3.773  -9.450  1.00 14.23 ? 77  HIS A O   1 
ATOM   280  C CB  . HIS A 1 36  ? 6.168   -4.337  -10.619 1.00 13.87 ? 77  HIS A CB  1 
ATOM   281  C CG  . HIS A 1 36  ? 5.887   -3.630  -11.909 1.00 15.58 ? 77  HIS A CG  1 
ATOM   282  N ND1 . HIS A 1 36  ? 6.411   -2.389  -12.209 1.00 15.73 ? 77  HIS A ND1 1 
ATOM   283  C CD2 . HIS A 1 36  ? 5.136   -3.991  -12.978 1.00 15.17 ? 77  HIS A CD2 1 
ATOM   284  C CE1 . HIS A 1 36  ? 5.993   -2.017  -13.408 1.00 16.16 ? 77  HIS A CE1 1 
ATOM   285  N NE2 . HIS A 1 36  ? 5.222   -2.973  -13.897 1.00 15.62 ? 77  HIS A NE2 1 
ATOM   286  N N   . GLN A 1 37  ? 9.145   -3.732  -11.706 1.00 17.24 ? 78  GLN A N   1 
ATOM   287  C CA  . GLN A 1 37  ? 10.287  -2.822  -11.796 1.00 16.93 ? 78  GLN A CA  1 
ATOM   288  C C   . GLN A 1 37  ? 10.009  -1.485  -11.125 1.00 15.50 ? 78  GLN A C   1 
ATOM   289  O O   . GLN A 1 37  ? 10.953  -0.763  -10.782 1.00 17.13 ? 78  GLN A O   1 
ATOM   290  C CB  . GLN A 1 37  ? 10.629  -2.531  -13.261 1.00 19.96 ? 78  GLN A CB  1 
ATOM   291  C CG  . GLN A 1 37  ? 9.388   -2.240  -14.108 1.00 24.40 ? 78  GLN A CG  1 
ATOM   292  C CD  . GLN A 1 37  ? 9.671   -1.953  -15.580 1.00 32.51 ? 78  GLN A CD  1 
ATOM   293  O OE1 . GLN A 1 37  ? 8.743   -1.944  -16.406 1.00 35.14 ? 78  GLN A OE1 1 
ATOM   294  N NE2 . GLN A 1 37  ? 10.931  -1.670  -15.908 1.00 26.78 ? 78  GLN A NE2 1 
ATOM   295  N N   . PHE A 1 38  ? 8.741   -1.124  -10.949 1.00 14.86 ? 79  PHE A N   1 
ATOM   296  C CA  . PHE A 1 38  ? 8.364   0.161   -10.375 1.00 15.85 ? 79  PHE A CA  1 
ATOM   297  C C   . PHE A 1 38  ? 7.915   0.048   -8.923  1.00 13.46 ? 79  PHE A C   1 
ATOM   298  O O   . PHE A 1 38  ? 7.403   1.027   -8.370  1.00 15.69 ? 79  PHE A O   1 
ATOM   299  C CB  . PHE A 1 38  ? 7.257   0.816   -11.218 1.00 14.96 ? 79  PHE A CB  1 
ATOM   300  C CG  . PHE A 1 38  ? 7.692   1.231   -12.602 1.00 14.24 ? 79  PHE A CG  1 
ATOM   301  C CD1 . PHE A 1 38  ? 9.034   1.378   -12.915 1.00 17.16 ? 79  PHE A CD1 1 
ATOM   302  C CD2 . PHE A 1 38  ? 6.749   1.485   -13.589 1.00 13.72 ? 79  PHE A CD2 1 
ATOM   303  C CE1 . PHE A 1 38  ? 9.431   1.762   -14.201 1.00 17.13 ? 79  PHE A CE1 1 
ATOM   304  C CE2 . PHE A 1 38  ? 7.136   1.873   -14.869 1.00 15.98 ? 79  PHE A CE2 1 
ATOM   305  C CZ  . PHE A 1 38  ? 8.482   2.015   -15.169 1.00 16.45 ? 79  PHE A CZ  1 
ATOM   306  N N   . ALA A 1 39  ? 8.105   -1.114  -8.289  1.00 13.23 ? 80  ALA A N   1 
ATOM   307  C CA  . ALA A 1 39  ? 7.575   -1.339  -6.947  1.00 12.73 ? 80  ALA A CA  1 
ATOM   308  C C   . ALA A 1 39  ? 8.426   -0.694  -5.862  1.00 14.40 ? 80  ALA A C   1 
ATOM   309  O O   . ALA A 1 39  ? 7.889   -0.322  -4.813  1.00 11.74 ? 80  ALA A O   1 
ATOM   310  C CB  . ALA A 1 39  ? 7.450   -2.835  -6.673  1.00 13.30 ? 80  ALA A CB  1 
ATOM   311  N N   . TRP A 1 40  ? 9.733   -0.538  -6.105  1.00 13.82 ? 81  TRP A N   1 
ATOM   312  C CA  . TRP A 1 40  ? 10.670  -0.148  -5.050  1.00 14.91 ? 81  TRP A CA  1 
ATOM   313  C C   . TRP A 1 40  ? 10.282  1.091   -4.242  1.00 13.00 ? 81  TRP A C   1 
ATOM   314  O O   . TRP A 1 40  ? 10.448  1.053   -3.010  1.00 13.60 ? 81  TRP A O   1 
ATOM   315  C CB  . TRP A 1 40  ? 12.122  -0.107  -5.571  1.00 15.36 ? 81  TRP A CB  1 
ATOM   316  C CG  . TRP A 1 40  ? 12.391  0.907   -6.652  1.00 13.20 ? 81  TRP A CG  1 
ATOM   317  C CD1 . TRP A 1 40  ? 12.423  0.684   -7.993  1.00 14.26 ? 81  TRP A CD1 1 
ATOM   318  C CD2 . TRP A 1 40  ? 12.680  2.301   -6.473  1.00 14.67 ? 81  TRP A CD2 1 
ATOM   319  N NE1 . TRP A 1 40  ? 12.695  1.854   -8.667  1.00 14.50 ? 81  TRP A NE1 1 
ATOM   320  C CE2 . TRP A 1 40  ? 12.858  2.860   -7.754  1.00 14.72 ? 81  TRP A CE2 1 
ATOM   321  C CE3 . TRP A 1 40  ? 12.796  3.134   -5.353  1.00 18.01 ? 81  TRP A CE3 1 
ATOM   322  C CZ2 . TRP A 1 40  ? 13.149  4.202   -7.944  1.00 16.08 ? 81  TRP A CZ2 1 
ATOM   323  C CZ3 . TRP A 1 40  ? 13.085  4.470   -5.545  1.00 18.08 ? 81  TRP A CZ3 1 
ATOM   324  C CH2 . TRP A 1 40  ? 13.258  4.991   -6.830  1.00 17.34 ? 81  TRP A CH2 1 
ATOM   325  N N   . PRO A 1 41  ? 9.759   2.183   -4.816  1.00 11.77 ? 82  PRO A N   1 
ATOM   326  C CA  . PRO A 1 41  ? 9.407   3.330   -3.969  1.00 14.23 ? 82  PRO A CA  1 
ATOM   327  C C   . PRO A 1 41  ? 8.277   3.045   -3.007  1.00 13.00 ? 82  PRO A C   1 
ATOM   328  O O   . PRO A 1 41  ? 8.069   3.832   -2.076  1.00 11.09 ? 82  PRO A O   1 
ATOM   329  C CB  . PRO A 1 41  ? 8.977   4.401   -4.975  1.00 12.43 ? 82  PRO A CB  1 
ATOM   330  C CG  . PRO A 1 41  ? 9.472   3.930   -6.312  1.00 14.65 ? 82  PRO A CG  1 
ATOM   331  C CD  . PRO A 1 41  ? 9.393   2.439   -6.222  1.00 12.47 ? 82  PRO A CD  1 
ATOM   332  N N   . PHE A 1 42  ? 7.548   1.947   -3.200  1.00 12.32 ? 83  PHE A N   1 
ATOM   333  C CA  . PHE A 1 42  ? 6.318   1.669   -2.477  1.00 10.53 ? 83  PHE A CA  1 
ATOM   334  C C   . PHE A 1 42  ? 6.457   0.503   -1.504  1.00 11.88 ? 83  PHE A C   1 
ATOM   335  O O   . PHE A 1 42  ? 5.457   0.068   -0.920  1.00 10.70 ? 83  PHE A O   1 
ATOM   336  C CB  . PHE A 1 42  ? 5.183   1.452   -3.486  1.00 10.42 ? 83  PHE A CB  1 
ATOM   337  C CG  . PHE A 1 42  ? 5.037   2.595   -4.463  1.00 12.46 ? 83  PHE A CG  1 
ATOM   338  C CD1 . PHE A 1 42  ? 4.409   3.769   -4.073  1.00 10.62 ? 83  PHE A CD1 1 
ATOM   339  C CD2 . PHE A 1 42  ? 5.566   2.520   -5.753  1.00 13.20 ? 83  PHE A CD2 1 
ATOM   340  C CE1 . PHE A 1 42  ? 4.297   4.850   -4.949  1.00 11.03 ? 83  PHE A CE1 1 
ATOM   341  C CE2 . PHE A 1 42  ? 5.445   3.590   -6.637  1.00 14.57 ? 83  PHE A CE2 1 
ATOM   342  C CZ  . PHE A 1 42  ? 4.808   4.750   -6.240  1.00 12.22 ? 83  PHE A CZ  1 
ATOM   343  N N   . GLN A 1 43  ? 7.668   0.008   -1.295  1.00 10.66 ? 84  GLN A N   1 
ATOM   344  C CA  . GLN A 1 43  ? 7.897   -1.184  -0.491  1.00 11.89 ? 84  GLN A CA  1 
ATOM   345  C C   . GLN A 1 43  ? 8.136   -0.892  0.986   1.00 12.05 ? 84  GLN A C   1 
ATOM   346  O O   . GLN A 1 43  ? 8.294   -1.837  1.768   1.00 13.17 ? 84  GLN A O   1 
ATOM   347  C CB  . GLN A 1 43  ? 9.090   -1.969  -1.053  1.00 11.18 ? 84  GLN A CB  1 
ATOM   348  C CG  . GLN A 1 43  ? 8.812   -2.597  -2.410  1.00 13.04 ? 84  GLN A CG  1 
ATOM   349  C CD  . GLN A 1 43  ? 10.023  -3.279  -2.998  1.00 14.25 ? 84  GLN A CD  1 
ATOM   350  O OE1 . GLN A 1 43  ? 11.155  -2.936  -2.671  1.00 14.70 ? 84  GLN A OE1 1 
ATOM   351  N NE2 . GLN A 1 43  ? 9.794   -4.247  -3.878  1.00 13.67 ? 84  GLN A NE2 1 
ATOM   352  N N   . GLN A 1 44  ? 8.160   0.377   1.383   1.00 10.32 ? 85  GLN A N   1 
ATOM   353  C CA  . GLN A 1 44  ? 8.450   0.762   2.754   1.00 10.50 ? 85  GLN A CA  1 
ATOM   354  C C   . GLN A 1 44  ? 7.830   2.127   3.001   1.00 10.84 ? 85  GLN A C   1 
ATOM   355  O O   . GLN A 1 44  ? 7.600   2.887   2.051   1.00 9.86  ? 85  GLN A O   1 
ATOM   356  C CB  . GLN A 1 44  ? 9.970   0.827   3.002   1.00 11.63 ? 85  GLN A CB  1 
ATOM   357  C CG  . GLN A 1 44  ? 10.689  1.833   2.116   1.00 14.65 ? 85  GLN A CG  1 
ATOM   358  C CD  . GLN A 1 44  ? 10.871  1.329   0.695   1.00 14.06 ? 85  GLN A CD  1 
ATOM   359  O OE1 . GLN A 1 44  ? 11.305  0.195   0.488   1.00 17.30 ? 85  GLN A OE1 1 
ATOM   360  N NE2 . GLN A 1 44  ? 10.521  2.157   -0.291  1.00 15.41 ? 85  GLN A NE2 1 
ATOM   361  N N   . PRO A 1 45  ? 7.559   2.473   4.260   1.00 12.80 ? 86  PRO A N   1 
ATOM   362  C CA  . PRO A 1 45  ? 7.103   3.836   4.565   1.00 11.16 ? 86  PRO A CA  1 
ATOM   363  C C   . PRO A 1 45  ? 8.105   4.853   4.051   1.00 13.36 ? 86  PRO A C   1 
ATOM   364  O O   . PRO A 1 45  ? 9.317   4.626   4.070   1.00 14.53 ? 86  PRO A O   1 
ATOM   365  C CB  . PRO A 1 45  ? 7.055   3.853   6.096   1.00 15.12 ? 86  PRO A CB  1 
ATOM   366  C CG  . PRO A 1 45  ? 6.830   2.429   6.478   1.00 12.86 ? 86  PRO A CG  1 
ATOM   367  C CD  . PRO A 1 45  ? 7.595   1.613   5.458   1.00 12.19 ? 86  PRO A CD  1 
ATOM   368  N N   . VAL A 1 46  ? 7.585   5.989   3.593   1.00 10.94 ? 87  VAL A N   1 
ATOM   369  C CA  . VAL A 1 46  ? 8.452   7.079   3.157   1.00 12.87 ? 87  VAL A CA  1 
ATOM   370  C C   . VAL A 1 46  ? 9.288   7.568   4.334   1.00 14.27 ? 87  VAL A C   1 
ATOM   371  O O   . VAL A 1 46  ? 8.753   7.975   5.375   1.00 14.21 ? 87  VAL A O   1 
ATOM   372  C CB  . VAL A 1 46  ? 7.627   8.210   2.535   1.00 13.82 ? 87  VAL A CB  1 
ATOM   373  C CG1 . VAL A 1 46  ? 8.503   9.452   2.310   1.00 13.93 ? 87  VAL A CG1 1 
ATOM   374  C CG2 . VAL A 1 46  ? 7.020   7.748   1.220   1.00 13.09 ? 87  VAL A CG2 1 
ATOM   375  N N   . ASP A 1 47  ? 10.611  7.539   4.171   1.00 15.48 ? 88  ASP A N   1 
ATOM   376  C CA  . ASP A 1 47  ? 11.537  8.083   5.162   1.00 16.28 ? 88  ASP A CA  1 
ATOM   377  C C   . ASP A 1 47  ? 11.861  9.515   4.752   1.00 14.37 ? 88  ASP A C   1 
ATOM   378  O O   . ASP A 1 47  ? 12.694  9.753   3.869   1.00 15.78 ? 88  ASP A O   1 
ATOM   379  C CB  . ASP A 1 47  ? 12.788  7.212   5.248   1.00 15.69 ? 88  ASP A CB  1 
ATOM   380  C CG  . ASP A 1 47  ? 13.703  7.598   6.408   1.00 15.60 ? 88  ASP A CG  1 
ATOM   381  O OD1 . ASP A 1 47  ? 13.716  8.779   6.802   1.00 14.17 ? 88  ASP A OD1 1 
ATOM   382  O OD2 . ASP A 1 47  ? 14.413  6.715   6.929   1.00 19.32 ? 88  ASP A OD2 1 
ATOM   383  N N   . ALA A 1 48  ? 11.202  10.478  5.407   1.00 14.96 ? 89  ALA A N   1 
ATOM   384  C CA  . ALA A 1 48  ? 11.328  11.874  5.000   1.00 14.59 ? 89  ALA A CA  1 
ATOM   385  C C   . ALA A 1 48  ? 12.712  12.433  5.294   1.00 16.36 ? 89  ALA A C   1 
ATOM   386  O O   . ALA A 1 48  ? 13.175  13.333  4.583   1.00 13.96 ? 89  ALA A O   1 
ATOM   387  C CB  . ALA A 1 48  ? 10.248  12.729  5.670   1.00 17.73 ? 89  ALA A CB  1 
ATOM   388  N N   . VAL A 1 49  ? 13.376  11.926  6.336   1.00 16.73 ? 90  VAL A N   1 
ATOM   389  C CA  . VAL A 1 49  ? 14.751  12.328  6.622   1.00 16.63 ? 90  VAL A CA  1 
ATOM   390  C C   . VAL A 1 49  ? 15.703  11.775  5.576   1.00 18.43 ? 90  VAL A C   1 
ATOM   391  O O   . VAL A 1 49  ? 16.544  12.504  5.031   1.00 17.89 ? 90  VAL A O   1 
ATOM   392  C CB  . VAL A 1 49  ? 15.160  11.860  8.028   1.00 16.54 ? 90  VAL A CB  1 
ATOM   393  C CG1 . VAL A 1 49  ? 16.620  12.238  8.305   1.00 19.16 ? 90  VAL A CG1 1 
ATOM   394  C CG2 . VAL A 1 49  ? 14.209  12.429  9.079   1.00 19.85 ? 90  VAL A CG2 1 
ATOM   395  N N   . LYS A 1 50  ? 15.624  10.466  5.313   1.00 15.34 ? 91  LYS A N   1 
ATOM   396  C CA  . LYS A 1 50  ? 16.518  9.865   4.331   1.00 16.67 ? 91  LYS A CA  1 
ATOM   397  C C   . LYS A 1 50  ? 16.347  10.519  2.965   1.00 17.28 ? 91  LYS A C   1 
ATOM   398  O O   . LYS A 1 50  ? 17.331  10.887  2.311   1.00 19.01 ? 91  LYS A O   1 
ATOM   399  C CB  . LYS A 1 50  ? 16.274  8.358   4.235   1.00 16.85 ? 91  LYS A CB  1 
ATOM   400  C CG  . LYS A 1 50  ? 17.187  7.675   3.222   1.00 23.70 ? 91  LYS A CG  1 
ATOM   401  C CD  . LYS A 1 50  ? 17.877  6.464   3.817   1.00 25.14 ? 91  LYS A CD  1 
ATOM   402  C CE  . LYS A 1 50  ? 19.248  6.199   3.188   1.00 24.65 ? 91  LYS A CE  1 
ATOM   403  N NZ  . LYS A 1 50  ? 19.228  6.239   1.700   1.00 21.22 ? 91  LYS A NZ  1 
ATOM   404  N N   . LEU A 1 51  ? 15.097  10.705  2.539   1.00 14.50 ? 92  LEU A N   1 
ATOM   405  C CA  . LEU A 1 51  ? 14.781  11.146  1.187   1.00 16.26 ? 92  LEU A CA  1 
ATOM   406  C C   . LEU A 1 51  ? 14.831  12.657  1.017   1.00 19.17 ? 92  LEU A C   1 
ATOM   407  O O   . LEU A 1 51  ? 14.632  13.138  -0.106  1.00 19.83 ? 92  LEU A O   1 
ATOM   408  C CB  . LEU A 1 51  ? 13.398  10.635  0.771   1.00 17.33 ? 92  LEU A CB  1 
ATOM   409  C CG  . LEU A 1 51  ? 13.318  9.123   0.619   1.00 17.76 ? 92  LEU A CG  1 
ATOM   410  C CD1 . LEU A 1 51  ? 11.922  8.700   0.190   1.00 17.05 ? 92  LEU A CD1 1 
ATOM   411  C CD2 . LEU A 1 51  ? 14.378  8.680   -0.376  1.00 24.22 ? 92  LEU A CD2 1 
ATOM   412  N N   . ASN A 1 52  ? 15.063  13.405  2.094   1.00 18.86 ? 93  ASN A N   1 
ATOM   413  C CA  . ASN A 1 52  ? 15.112  14.859  2.038   1.00 21.48 ? 93  ASN A CA  1 
ATOM   414  C C   . ASN A 1 52  ? 13.776  15.427  1.559   1.00 20.24 ? 93  ASN A C   1 
ATOM   415  O O   . ASN A 1 52  ? 13.713  16.291  0.679   1.00 20.46 ? 93  ASN A O   1 
ATOM   416  C CB  . ASN A 1 52  ? 16.291  15.338  1.190   1.00 20.04 ? 93  ASN A CB  1 
ATOM   417  C CG  . ASN A 1 52  ? 17.553  14.512  1.439   1.00 20.15 ? 93  ASN A CG  1 
ATOM   418  O OD1 . ASN A 1 52  ? 18.221  14.056  0.502   1.00 19.97 ? 93  ASN A OD1 1 
ATOM   419  N ND2 . ASN A 1 52  ? 17.872  14.309  2.700   1.00 16.13 ? 93  ASN A ND2 1 
ATOM   420  N N   . LEU A 1 53  ? 12.693  14.907  2.142   1.00 15.86 ? 94  LEU A N   1 
ATOM   421  C CA  . LEU A 1 53  ? 11.325  15.347  1.862   1.00 18.98 ? 94  LEU A CA  1 
ATOM   422  C C   . LEU A 1 53  ? 10.712  15.844  3.168   1.00 17.01 ? 94  LEU A C   1 
ATOM   423  O O   . LEU A 1 53  ? 9.785   15.228  3.713   1.00 14.90 ? 94  LEU A O   1 
ATOM   424  C CB  . LEU A 1 53  ? 10.486  14.212  1.279   1.00 18.44 ? 94  LEU A CB  1 
ATOM   425  C CG  . LEU A 1 53  ? 11.056  13.467  0.072   1.00 17.70 ? 94  LEU A CG  1 
ATOM   426  C CD1 . LEU A 1 53  ? 10.201  12.236  -0.232  1.00 19.13 ? 94  LEU A CD1 1 
ATOM   427  C CD2 . LEU A 1 53  ? 11.164  14.379  -1.150  1.00 21.43 ? 94  LEU A CD2 1 
ATOM   428  N N   . PRO A 1 54  ? 11.204  16.964  3.698   1.00 16.19 ? 95  PRO A N   1 
ATOM   429  C CA  . PRO A 1 54  ? 10.731  17.419  5.011   1.00 17.32 ? 95  PRO A CA  1 
ATOM   430  C C   . PRO A 1 54  ? 9.275   17.841  5.013   1.00 15.53 ? 95  PRO A C   1 
ATOM   431  O O   . PRO A 1 54  ? 8.686   17.976  6.098   1.00 20.86 ? 95  PRO A O   1 
ATOM   432  C CB  . PRO A 1 54  ? 11.660  18.597  5.329   1.00 17.27 ? 95  PRO A CB  1 
ATOM   433  C CG  . PRO A 1 54  ? 12.049  19.125  3.997   1.00 17.18 ? 95  PRO A CG  1 
ATOM   434  C CD  . PRO A 1 54  ? 12.079  17.956  3.047   1.00 20.85 ? 95  PRO A CD  1 
ATOM   435  N N   . ASP A 1 55  ? 8.677   18.037  3.841   1.00 14.05 ? 96  ASP A N   1 
ATOM   436  C CA  . ASP A 1 55  ? 7.270   18.387  3.715   1.00 15.77 ? 96  ASP A CA  1 
ATOM   437  C C   . ASP A 1 55  ? 6.368   17.181  3.478   1.00 17.69 ? 96  ASP A C   1 
ATOM   438  O O   . ASP A 1 55  ? 5.148   17.360  3.378   1.00 17.40 ? 96  ASP A O   1 
ATOM   439  C CB  . ASP A 1 55  ? 7.084   19.377  2.560   1.00 18.15 ? 96  ASP A CB  1 
ATOM   440  C CG  . ASP A 1 55  ? 7.396   18.763  1.202   1.00 24.01 ? 96  ASP A CG  1 
ATOM   441  O OD1 . ASP A 1 55  ? 8.144   17.761  1.138   1.00 20.92 ? 96  ASP A OD1 1 
ATOM   442  O OD2 . ASP A 1 55  ? 6.890   19.289  0.182   1.00 26.50 ? 96  ASP A OD2 1 
ATOM   443  N N   . TYR A 1 56  ? 6.923   15.968  3.370   1.00 14.79 ? 97  TYR A N   1 
ATOM   444  C CA  . TYR A 1 56  ? 6.084   14.830  2.997   1.00 15.55 ? 97  TYR A CA  1 
ATOM   445  C C   . TYR A 1 56  ? 4.934   14.646  3.975   1.00 14.00 ? 97  TYR A C   1 
ATOM   446  O O   . TYR A 1 56  ? 3.771   14.572  3.572   1.00 12.61 ? 97  TYR A O   1 
ATOM   447  C CB  . TYR A 1 56  ? 6.884   13.533  2.884   1.00 13.03 ? 97  TYR A CB  1 
ATOM   448  C CG  . TYR A 1 56  ? 6.008   12.427  2.347   1.00 12.20 ? 97  TYR A CG  1 
ATOM   449  C CD1 . TYR A 1 56  ? 5.766   12.314  0.984   1.00 13.25 ? 97  TYR A CD1 1 
ATOM   450  C CD2 . TYR A 1 56  ? 5.377   11.528  3.200   1.00 12.79 ? 97  TYR A CD2 1 
ATOM   451  C CE1 . TYR A 1 56  ? 4.955   11.325  0.487   1.00 13.13 ? 97  TYR A CE1 1 
ATOM   452  C CE2 . TYR A 1 56  ? 4.553   10.535  2.707   1.00 12.01 ? 97  TYR A CE2 1 
ATOM   453  C CZ  . TYR A 1 56  ? 4.349   10.437  1.346   1.00 12.24 ? 97  TYR A CZ  1 
ATOM   454  O OH  . TYR A 1 56  ? 3.527   9.450   0.834   1.00 12.41 ? 97  TYR A OH  1 
ATOM   455  N N   . TYR A 1 57  ? 5.238   14.587  5.262   1.00 13.36 ? 98  TYR A N   1 
ATOM   456  C CA  . TYR A 1 57  ? 4.199   14.332  6.253   1.00 13.09 ? 98  TYR A CA  1 
ATOM   457  C C   . TYR A 1 57  ? 3.474   15.599  6.681   1.00 12.56 ? 98  TYR A C   1 
ATOM   458  O O   . TYR A 1 57  ? 2.509   15.523  7.454   1.00 15.54 ? 98  TYR A O   1 
ATOM   459  C CB  . TYR A 1 57  ? 4.771   13.549  7.430   1.00 11.96 ? 98  TYR A CB  1 
ATOM   460  C CG  . TYR A 1 57  ? 5.189   12.142  7.046   1.00 13.30 ? 98  TYR A CG  1 
ATOM   461  C CD1 . TYR A 1 57  ? 4.234   11.174  6.758   1.00 13.12 ? 98  TYR A CD1 1 
ATOM   462  C CD2 . TYR A 1 57  ? 6.533   11.793  6.939   1.00 11.87 ? 98  TYR A CD2 1 
ATOM   463  C CE1 . TYR A 1 57  ? 4.598   9.882   6.409   1.00 14.18 ? 98  TYR A CE1 1 
ATOM   464  C CE2 . TYR A 1 57  ? 6.916   10.487  6.581   1.00 14.96 ? 98  TYR A CE2 1 
ATOM   465  C CZ  . TYR A 1 57  ? 5.932   9.543   6.314   1.00 14.28 ? 98  TYR A CZ  1 
ATOM   466  O OH  . TYR A 1 57  ? 6.255   8.250   5.946   1.00 12.72 ? 98  TYR A OH  1 
ATOM   467  N N   . LYS A 1 58  ? 3.904   16.758  6.186   1.00 16.32 ? 99  LYS A N   1 
ATOM   468  C CA  . LYS A 1 58  ? 3.079   17.954  6.264   1.00 16.33 ? 99  LYS A CA  1 
ATOM   469  C C   . LYS A 1 58  ? 1.936   17.902  5.269   1.00 15.91 ? 99  LYS A C   1 
ATOM   470  O O   . LYS A 1 58  ? 0.897   18.526  5.505   1.00 18.41 ? 99  LYS A O   1 
ATOM   471  C CB  . LYS A 1 58  ? 3.933   19.191  6.006   1.00 19.59 ? 99  LYS A CB  1 
ATOM   472  C CG  . LYS A 1 58  ? 5.075   19.326  7.003   1.00 20.90 ? 99  LYS A CG  1 
ATOM   473  C CD  . LYS A 1 58  ? 5.654   20.733  7.036   1.00 26.61 ? 99  LYS A CD  1 
ATOM   474  C CE  . LYS A 1 58  ? 6.806   20.809  8.037   1.00 21.51 ? 99  LYS A CE  1 
ATOM   475  N NZ  . LYS A 1 58  ? 6.358   20.463  9.419   1.00 22.58 ? 99  LYS A NZ  1 
ATOM   476  N N   . ILE A 1 59  ? 2.100   17.146  4.186   1.00 15.21 ? 100 ILE A N   1 
ATOM   477  C CA  . ILE A 1 59  ? 1.082   16.997  3.155   1.00 14.31 ? 100 ILE A CA  1 
ATOM   478  C C   . ILE A 1 59  ? 0.305   15.695  3.302   1.00 14.81 ? 100 ILE A C   1 
ATOM   479  O O   . ILE A 1 59  ? -0.919  15.691  3.162   1.00 16.36 ? 100 ILE A O   1 
ATOM   480  C CB  . ILE A 1 59  ? 1.718   17.117  1.753   1.00 15.18 ? 100 ILE A CB  1 
ATOM   481  C CG1 . ILE A 1 59  ? 2.247   18.530  1.545   1.00 19.44 ? 100 ILE A CG1 1 
ATOM   482  C CG2 . ILE A 1 59  ? 0.706   16.764  0.672   1.00 14.56 ? 100 ILE A CG2 1 
ATOM   483  C CD1 . ILE A 1 59  ? 3.510   18.572  0.775   1.00 23.93 ? 100 ILE A CD1 1 
ATOM   484  N N   . ILE A 1 60  ? 0.984   14.581  3.569   1.00 14.80 ? 101 ILE A N   1 
ATOM   485  C CA  . ILE A 1 60  ? 0.349   13.264  3.592   1.00 15.28 ? 101 ILE A CA  1 
ATOM   486  C C   . ILE A 1 60  ? 0.033   12.886  5.038   1.00 14.00 ? 101 ILE A C   1 
ATOM   487  O O   . ILE A 1 60  ? 0.942   12.626  5.839   1.00 14.02 ? 101 ILE A O   1 
ATOM   488  C CB  . ILE A 1 60  ? 1.219   12.206  2.895   1.00 13.50 ? 101 ILE A CB  1 
ATOM   489  C CG1 . ILE A 1 60  ? 1.388   12.555  1.405   1.00 11.65 ? 101 ILE A CG1 1 
ATOM   490  C CG2 . ILE A 1 60  ? 0.621   10.807  3.088   1.00 11.87 ? 101 ILE A CG2 1 
ATOM   491  C CD1 . ILE A 1 60  ? 0.056   12.793  0.642   1.00 11.09 ? 101 ILE A CD1 1 
ATOM   492  N N   . LYS A 1 61  ? -1.264  12.828  5.369   1.00 12.57 ? 102 LYS A N   1 
ATOM   493  C CA  . LYS A 1 61  ? -1.708  12.560  6.729   1.00 13.77 ? 102 LYS A CA  1 
ATOM   494  C C   . LYS A 1 61  ? -2.140  11.118  6.957   1.00 14.43 ? 102 LYS A C   1 
ATOM   495  O O   . LYS A 1 61  ? -2.263  10.708  8.114   1.00 14.81 ? 102 LYS A O   1 
ATOM   496  C CB  . LYS A 1 61  ? -2.840  13.514  7.145   1.00 13.58 ? 102 LYS A CB  1 
ATOM   497  C CG  . LYS A 1 61  ? -2.492  15.013  7.046   1.00 12.61 ? 102 LYS A CG  1 
ATOM   498  C CD  . LYS A 1 61  ? -1.252  15.380  7.847   1.00 14.40 ? 102 LYS A CD  1 
ATOM   499  C CE  . LYS A 1 61  ? -0.911  16.867  7.688   1.00 14.98 ? 102 LYS A CE  1 
ATOM   500  N NZ  . LYS A 1 61  ? 0.355   17.303  8.356   1.00 13.63 ? 102 LYS A NZ  1 
ATOM   501  N N   . THR A 1 62  ? -2.364  10.331  5.901   1.00 14.38 ? 103 THR A N   1 
ATOM   502  C CA  A THR A 1 62  ? -2.685  8.910   6.008   0.49 13.04 ? 103 THR A CA  1 
ATOM   503  C CA  B THR A 1 62  ? -2.658  8.903   6.040   0.51 13.08 ? 103 THR A CA  1 
ATOM   504  C C   . THR A 1 62  ? -1.676  8.127   5.172   1.00 12.94 ? 103 THR A C   1 
ATOM   505  O O   . THR A 1 62  ? -2.033  7.576   4.119   1.00 11.19 ? 103 THR A O   1 
ATOM   506  C CB  A THR A 1 62  ? -4.098  8.633   5.495   0.49 14.62 ? 103 THR A CB  1 
ATOM   507  C CB  B THR A 1 62  ? -4.112  8.537   5.732   0.51 14.54 ? 103 THR A CB  1 
ATOM   508  O OG1 A THR A 1 62  ? -4.996  9.656   5.948   0.49 14.91 ? 103 THR A OG1 1 
ATOM   509  O OG1 B THR A 1 62  ? -4.457  8.948   4.404   0.51 13.52 ? 103 THR A OG1 1 
ATOM   510  C CG2 A THR A 1 62  ? -4.580  7.276   5.967   0.49 14.47 ? 103 THR A CG2 1 
ATOM   511  C CG2 B THR A 1 62  ? -5.061  9.179   6.746   0.51 15.59 ? 103 THR A CG2 1 
ATOM   512  N N   . PRO A 1 63  ? -0.419  8.060   5.596   1.00 11.48 ? 104 PRO A N   1 
ATOM   513  C CA  . PRO A 1 63  ? 0.587   7.368   4.792   1.00 12.24 ? 104 PRO A CA  1 
ATOM   514  C C   . PRO A 1 63  ? 0.295   5.884   4.727   1.00 12.00 ? 104 PRO A C   1 
ATOM   515  O O   . PRO A 1 63  ? -0.272  5.293   5.647   1.00 11.57 ? 104 PRO A O   1 
ATOM   516  C CB  . PRO A 1 63  ? 1.891   7.638   5.546   1.00 14.14 ? 104 PRO A CB  1 
ATOM   517  C CG  . PRO A 1 63  ? 1.459   7.955   6.939   1.00 14.99 ? 104 PRO A CG  1 
ATOM   518  C CD  . PRO A 1 63  ? 0.159   8.654   6.815   1.00 14.87 ? 104 PRO A CD  1 
ATOM   519  N N   . MET A 1 64  ? 0.692   5.280   3.613   1.00 10.35 ? 105 MET A N   1 
ATOM   520  C CA  . MET A 1 64  ? 0.520   3.845   3.441   1.00 10.54 ? 105 MET A CA  1 
ATOM   521  C C   . MET A 1 64  ? 1.515   3.373   2.397   1.00 9.33  ? 105 MET A C   1 
ATOM   522  O O   . MET A 1 64  ? 1.883   4.129   1.501   1.00 10.76 ? 105 MET A O   1 
ATOM   523  C CB  . MET A 1 64  ? -0.907  3.510   3.004   1.00 9.08  ? 105 MET A CB  1 
ATOM   524  C CG  . MET A 1 64  ? -1.265  2.002   3.003   1.00 8.83  ? 105 MET A CG  1 
ATOM   525  S SD  . MET A 1 64  ? -0.825  1.099   4.504   1.00 10.79 ? 105 MET A SD  1 
ATOM   526  C CE  . MET A 1 64  ? -1.632  2.110   5.768   1.00 11.02 ? 105 MET A CE  1 
ATOM   527  N N   . ASP A 1 65  ? 1.939   2.118   2.525   1.00 10.65 ? 106 ASP A N   1 
ATOM   528  C CA  . ASP A 1 65  ? 2.943   1.542   1.645   1.00 10.16 ? 106 ASP A CA  1 
ATOM   529  C C   . ASP A 1 65  ? 2.747   0.031   1.639   1.00 10.44 ? 106 ASP A C   1 
ATOM   530  O O   . ASP A 1 65  ? 2.063   -0.528  2.503   1.00 8.32  ? 106 ASP A O   1 
ATOM   531  C CB  . ASP A 1 65  ? 4.337   1.881   2.142   1.00 10.12 ? 106 ASP A CB  1 
ATOM   532  C CG  . ASP A 1 65  ? 4.621   1.259   3.502   1.00 11.80 ? 106 ASP A CG  1 
ATOM   533  O OD1 . ASP A 1 65  ? 4.174   1.819   4.535   1.00 9.44  ? 106 ASP A OD1 1 
ATOM   534  O OD2 . ASP A 1 65  ? 5.255   0.182   3.527   1.00 10.35 ? 106 ASP A OD2 1 
ATOM   535  N N   . MET A 1 66  ? 3.387   -0.636  0.666   1.00 10.72 ? 107 MET A N   1 
ATOM   536  C CA  . MET A 1 66  ? 3.210   -2.080  0.507   1.00 11.30 ? 107 MET A CA  1 
ATOM   537  C C   . MET A 1 66  ? 3.909   -2.894  1.582   1.00 9.78  ? 107 MET A C   1 
ATOM   538  O O   . MET A 1 66  ? 3.512   -4.040  1.819   1.00 9.53  ? 107 MET A O   1 
ATOM   539  C CB  . MET A 1 66  ? 3.685   -2.544  -0.870  1.00 11.67 ? 107 MET A CB  1 
ATOM   540  C CG  . MET A 1 66  ? 2.786   -2.082  -1.991  1.00 11.81 ? 107 MET A CG  1 
ATOM   541  S SD  . MET A 1 66  ? 2.920   -3.051  -3.516  1.00 12.48 ? 107 MET A SD  1 
ATOM   542  C CE  . MET A 1 66  ? 4.614   -2.740  -3.965  1.00 11.08 ? 107 MET A CE  1 
ATOM   543  N N   . GLY A 1 67  ? 4.964   -2.362  2.198   1.00 11.00 ? 108 GLY A N   1 
ATOM   544  C CA  . GLY A 1 67  ? 5.573   -3.078  3.306   1.00 11.52 ? 108 GLY A CA  1 
ATOM   545  C C   . GLY A 1 67  ? 4.622   -3.177  4.484   1.00 11.64 ? 108 GLY A C   1 
ATOM   546  O O   . GLY A 1 67  ? 4.449   -4.246  5.072   1.00 11.08 ? 108 GLY A O   1 
ATOM   547  N N   . THR A 1 68  ? 3.978   -2.058  4.821   1.00 11.06 ? 109 THR A N   1 
ATOM   548  C CA  . THR A 1 68  ? 2.916   -2.065  5.822   1.00 11.07 ? 109 THR A CA  1 
ATOM   549  C C   . THR A 1 68  ? 1.786   -3.007  5.423   1.00 11.92 ? 109 THR A C   1 
ATOM   550  O O   . THR A 1 68  ? 1.333   -3.825  6.234   1.00 10.19 ? 109 THR A O   1 
ATOM   551  C CB  . THR A 1 68  ? 2.396   -0.635  6.003   1.00 9.93  ? 109 THR A CB  1 
ATOM   552  O OG1 . THR A 1 68  ? 3.466   0.183   6.481   1.00 10.58 ? 109 THR A OG1 1 
ATOM   553  C CG2 . THR A 1 68  ? 1.245   -0.604  7.006   1.00 12.32 ? 109 THR A CG2 1 
ATOM   554  N N   . ILE A 1 69  ? 1.312   -2.912  4.173   1.00 9.41  ? 110 ILE A N   1 
ATOM   555  C CA  . ILE A 1 69  ? 0.212   -3.783  3.758   1.00 10.06 ? 110 ILE A CA  1 
ATOM   556  C C   . ILE A 1 69  ? 0.611   -5.246  3.890   1.00 11.33 ? 110 ILE A C   1 
ATOM   557  O O   . ILE A 1 69  ? -0.166  -6.078  4.391   1.00 10.47 ? 110 ILE A O   1 
ATOM   558  C CB  . ILE A 1 69  ? -0.262  -3.433  2.338   1.00 10.61 ? 110 ILE A CB  1 
ATOM   559  C CG1 . ILE A 1 69  ? -0.871  -2.031  2.313   1.00 10.39 ? 110 ILE A CG1 1 
ATOM   560  C CG2 . ILE A 1 69  ? -1.284  -4.454  1.876   1.00 9.45  ? 110 ILE A CG2 1 
ATOM   561  C CD1 . ILE A 1 69  ? -1.041  -1.464  0.910   1.00 11.45 ? 110 ILE A CD1 1 
ATOM   562  N N   . LYS A 1 70  ? 1.834   -5.581  3.461   1.00 10.34 ? 111 LYS A N   1 
ATOM   563  C CA  . LYS A 1 70  ? 2.303   -6.962  3.557   1.00 11.95 ? 111 LYS A CA  1 
ATOM   564  C C   . LYS A 1 70  ? 2.269   -7.455  4.999   1.00 13.18 ? 111 LYS A C   1 
ATOM   565  O O   . LYS A 1 70  ? 1.760   -8.547  5.286   1.00 13.39 ? 111 LYS A O   1 
ATOM   566  C CB  . LYS A 1 70  ? 3.710   -7.074  2.980   1.00 11.70 ? 111 LYS A CB  1 
ATOM   567  C CG  . LYS A 1 70  ? 4.282   -8.485  2.987   1.00 15.26 ? 111 LYS A CG  1 
ATOM   568  C CD  . LYS A 1 70  ? 5.633   -8.502  2.287   1.00 16.22 ? 111 LYS A CD  1 
ATOM   569  C CE  . LYS A 1 70  ? 6.203   -9.910  2.203   1.00 23.54 ? 111 LYS A CE  1 
ATOM   570  N NZ  . LYS A 1 70  ? 6.791   -10.328 3.504   1.00 29.94 ? 111 LYS A NZ  1 
ATOM   571  N N   . LYS A 1 71  ? 2.786   -6.652  5.929   1.00 13.29 ? 112 LYS A N   1 
ATOM   572  C CA  . LYS A 1 71  ? 2.800   -7.092  7.321   1.00 14.22 ? 112 LYS A CA  1 
ATOM   573  C C   . LYS A 1 71  ? 1.393   -7.190  7.895   1.00 14.90 ? 112 LYS A C   1 
ATOM   574  O O   . LYS A 1 71  ? 1.107   -8.094  8.692   1.00 14.31 ? 112 LYS A O   1 
ATOM   575  C CB  . LYS A 1 71  ? 3.723   -6.200  8.161   1.00 15.71 ? 112 LYS A CB  1 
ATOM   576  C CG  . LYS A 1 71  ? 5.156   -6.730  8.130   1.00 24.43 ? 112 LYS A CG  1 
ATOM   577  C CD  . LYS A 1 71  ? 6.219   -5.671  8.370   1.00 30.81 ? 112 LYS A CD  1 
ATOM   578  C CE  . LYS A 1 71  ? 7.021   -5.976  9.632   1.00 40.31 ? 112 LYS A CE  1 
ATOM   579  N NZ  . LYS A 1 71  ? 7.888   -4.830  10.044  1.00 39.47 ? 112 LYS A NZ  1 
ATOM   580  N N   . ARG A 1 72  ? 0.493   -6.302  7.469   1.00 14.43 ? 113 ARG A N   1 
ATOM   581  C CA  . ARG A 1 72  ? -0.903  -6.402  7.890   1.00 13.21 ? 113 ARG A CA  1 
ATOM   582  C C   . ARG A 1 72  ? -1.532  -7.701  7.401   1.00 13.11 ? 113 ARG A C   1 
ATOM   583  O O   . ARG A 1 72  ? -2.248  -8.377  8.149   1.00 12.75 ? 113 ARG A O   1 
ATOM   584  C CB  . ARG A 1 72  ? -1.693  -5.196  7.373   1.00 12.21 ? 113 ARG A CB  1 
ATOM   585  C CG  . ARG A 1 72  ? -1.442  -3.925  8.179   1.00 11.72 ? 113 ARG A CG  1 
ATOM   586  C CD  . ARG A 1 72  ? -2.223  -2.701  7.668   1.00 12.27 ? 113 ARG A CD  1 
ATOM   587  N NE  . ARG A 1 72  ? -1.991  -1.570  8.570   1.00 10.08 ? 113 ARG A NE  1 
ATOM   588  C CZ  . ARG A 1 72  ? -2.700  -0.448  8.620   1.00 11.10 ? 113 ARG A CZ  1 
ATOM   589  N NH1 . ARG A 1 72  ? -3.726  -0.252  7.805   1.00 10.81 ? 113 ARG A NH1 1 
ATOM   590  N NH2 . ARG A 1 72  ? -2.378  0.487   9.504   1.00 10.93 ? 113 ARG A NH2 1 
ATOM   591  N N   . LEU A 1 73  ? -1.290  -8.064  6.136   1.00 12.51 ? 114 LEU A N   1 
ATOM   592  C CA  . LEU A 1 73  ? -1.825  -9.322  5.623   1.00 14.57 ? 114 LEU A CA  1 
ATOM   593  C C   . LEU A 1 73  ? -1.234  -10.512 6.372   1.00 13.17 ? 114 LEU A C   1 
ATOM   594  O O   . LEU A 1 73  ? -1.955  -11.442 6.756   1.00 16.25 ? 114 LEU A O   1 
ATOM   595  C CB  . LEU A 1 73  ? -1.558  -9.429  4.122   1.00 13.99 ? 114 LEU A CB  1 
ATOM   596  C CG  . LEU A 1 73  ? -2.412  -8.525  3.229   1.00 11.19 ? 114 LEU A CG  1 
ATOM   597  C CD1 . LEU A 1 73  ? -1.808  -8.460  1.842   1.00 12.64 ? 114 LEU A CD1 1 
ATOM   598  C CD2 . LEU A 1 73  ? -3.866  -8.989  3.152   1.00 11.31 ? 114 LEU A CD2 1 
ATOM   599  N N   . GLU A 1 74  ? 0.074   -10.476 6.620   1.00 14.47 ? 115 GLU A N   1 
ATOM   600  C CA  . GLU A 1 74  ? 0.740   -11.569 7.325   1.00 17.76 ? 115 GLU A CA  1 
ATOM   601  C C   . GLU A 1 74  ? 0.208   -11.725 8.745   1.00 18.89 ? 115 GLU A C   1 
ATOM   602  O O   . GLU A 1 74  ? 0.087   -12.845 9.256   1.00 21.36 ? 115 GLU A O   1 
ATOM   603  C CB  . GLU A 1 74  ? 2.247   -11.321 7.329   1.00 16.41 ? 115 GLU A CB  1 
ATOM   604  C CG  . GLU A 1 74  ? 2.899   -11.550 5.974   1.00 16.13 ? 115 GLU A CG  1 
ATOM   605  C CD  . GLU A 1 74  ? 4.324   -11.042 5.895   1.00 20.70 ? 115 GLU A CD  1 
ATOM   606  O OE1 . GLU A 1 74  ? 4.724   -10.218 6.745   1.00 21.76 ? 115 GLU A OE1 1 
ATOM   607  O OE2 . GLU A 1 74  ? 5.041   -11.445 4.953   1.00 23.65 ? 115 GLU A OE2 1 
ATOM   608  N N   . ASN A 1 75  ? -0.134  -10.618 9.389   1.00 18.24 ? 116 ASN A N   1 
ATOM   609  C CA  . ASN A 1 75  ? -0.655  -10.636 10.746  1.00 18.71 ? 116 ASN A CA  1 
ATOM   610  C C   . ASN A 1 75  ? -2.166  -10.863 10.824  1.00 19.94 ? 116 ASN A C   1 
ATOM   611  O O   . ASN A 1 75  ? -2.718  -10.887 11.930  1.00 20.91 ? 116 ASN A O   1 
ATOM   612  C CB  . ASN A 1 75  ? -0.266  -9.330  11.441  1.00 19.61 ? 116 ASN A CB  1 
ATOM   613  C CG  . ASN A 1 75  ? 1.238   -9.176  11.594  1.00 25.22 ? 116 ASN A CG  1 
ATOM   614  O OD1 . ASN A 1 75  ? 1.983   -10.160 11.529  1.00 31.22 ? 116 ASN A OD1 1 
ATOM   615  N ND2 . ASN A 1 75  ? 1.696   -7.938  11.806  1.00 25.49 ? 116 ASN A ND2 1 
ATOM   616  N N   . ASN A 1 76  ? -2.843  -11.057 9.689   1.00 15.58 ? 117 ASN A N   1 
ATOM   617  C CA  . ASN A 1 76  ? -4.307  -11.163 9.635   1.00 15.63 ? 117 ASN A CA  1 
ATOM   618  C C   . ASN A 1 76  ? -4.984  -9.937  10.252  1.00 17.24 ? 117 ASN A C   1 
ATOM   619  O O   . ASN A 1 76  ? -6.030  -10.044 10.897  1.00 16.06 ? 117 ASN A O   1 
ATOM   620  C CB  . ASN A 1 76  ? -4.831  -12.478 10.231  1.00 18.02 ? 117 ASN A CB  1 
ATOM   621  C CG  . ASN A 1 76  ? -4.260  -13.702 9.532   1.00 22.51 ? 117 ASN A CG  1 
ATOM   622  O OD1 . ASN A 1 76  ? -4.293  -13.813 8.307   1.00 26.25 ? 117 ASN A OD1 1 
ATOM   623  N ND2 . ASN A 1 76  ? -3.710  -14.626 10.317  1.00 28.13 ? 117 ASN A ND2 1 
ATOM   624  N N   . TYR A 1 77  ? -4.399  -8.756  10.003  1.00 13.34 ? 118 TYR A N   1 
ATOM   625  C CA  . TYR A 1 77  ? -4.859  -7.506  10.612  1.00 13.75 ? 118 TYR A CA  1 
ATOM   626  C C   . TYR A 1 77  ? -6.201  -7.033  10.061  1.00 13.07 ? 118 TYR A C   1 
ATOM   627  O O   . TYR A 1 77  ? -6.940  -6.326  10.762  1.00 13.52 ? 118 TYR A O   1 
ATOM   628  C CB  . TYR A 1 77  ? -3.790  -6.442  10.367  1.00 11.86 ? 118 TYR A CB  1 
ATOM   629  C CG  . TYR A 1 77  ? -4.149  -5.017  10.730  1.00 12.33 ? 118 TYR A CG  1 
ATOM   630  C CD1 . TYR A 1 77  ? -3.842  -4.508  11.986  1.00 11.61 ? 118 TYR A CD1 1 
ATOM   631  C CD2 . TYR A 1 77  ? -4.729  -4.158  9.792   1.00 11.60 ? 118 TYR A CD2 1 
ATOM   632  C CE1 . TYR A 1 77  ? -4.135  -3.194  12.317  1.00 14.61 ? 118 TYR A CE1 1 
ATOM   633  C CE2 . TYR A 1 77  ? -5.030  -2.836  10.111  1.00 11.21 ? 118 TYR A CE2 1 
ATOM   634  C CZ  . TYR A 1 77  ? -4.728  -2.363  11.377  1.00 13.03 ? 118 TYR A CZ  1 
ATOM   635  O OH  . TYR A 1 77  ? -5.015  -1.064  11.708  1.00 12.32 ? 118 TYR A OH  1 
ATOM   636  N N   . TYR A 1 78  ? -6.527  -7.387  8.822   1.00 12.49 ? 119 TYR A N   1 
ATOM   637  C CA  . TYR A 1 78  ? -7.715  -6.874  8.148   1.00 12.65 ? 119 TYR A CA  1 
ATOM   638  C C   . TYR A 1 78  ? -8.931  -7.741  8.447   1.00 13.97 ? 119 TYR A C   1 
ATOM   639  O O   . TYR A 1 78  ? -8.820  -8.951  8.662   1.00 13.10 ? 119 TYR A O   1 
ATOM   640  C CB  . TYR A 1 78  ? -7.522  -6.892  6.631   1.00 12.07 ? 119 TYR A CB  1 
ATOM   641  C CG  . TYR A 1 78  ? -6.444  -5.982  6.110   1.00 10.26 ? 119 TYR A CG  1 
ATOM   642  C CD1 . TYR A 1 78  ? -6.576  -4.606  6.191   1.00 10.64 ? 119 TYR A CD1 1 
ATOM   643  C CD2 . TYR A 1 78  ? -5.299  -6.503  5.524   1.00 10.62 ? 119 TYR A CD2 1 
ATOM   644  C CE1 . TYR A 1 78  ? -5.593  -3.766  5.698   1.00 10.12 ? 119 TYR A CE1 1 
ATOM   645  C CE2 . TYR A 1 78  ? -4.316  -5.677  5.026   1.00 10.32 ? 119 TYR A CE2 1 
ATOM   646  C CZ  . TYR A 1 78  ? -4.461  -4.314  5.121   1.00 10.58 ? 119 TYR A CZ  1 
ATOM   647  O OH  . TYR A 1 78  ? -3.473  -3.508  4.611   1.00 11.27 ? 119 TYR A OH  1 
ATOM   648  N N   . TRP A 1 79  ? -10.108 -7.109  8.413   1.00 12.42 ? 120 TRP A N   1 
ATOM   649  C CA  . TRP A 1 79  ? -11.352 -7.870  8.496   1.00 12.13 ? 120 TRP A CA  1 
ATOM   650  C C   . TRP A 1 79  ? -11.730 -8.458  7.137   1.00 13.49 ? 120 TRP A C   1 
ATOM   651  O O   . TRP A 1 79  ? -12.256 -9.576  7.063   1.00 13.70 ? 120 TRP A O   1 
ATOM   652  C CB  . TRP A 1 79  ? -12.479 -6.971  9.019   1.00 12.60 ? 120 TRP A CB  1 
ATOM   653  C CG  . TRP A 1 79  ? -13.783 -7.703  9.225   1.00 13.46 ? 120 TRP A CG  1 
ATOM   654  C CD1 . TRP A 1 79  ? -14.894 -7.658  8.426   1.00 15.37 ? 120 TRP A CD1 1 
ATOM   655  C CD2 . TRP A 1 79  ? -14.099 -8.589  10.305  1.00 13.04 ? 120 TRP A CD2 1 
ATOM   656  N NE1 . TRP A 1 79  ? -15.877 -8.465  8.943   1.00 14.28 ? 120 TRP A NE1 1 
ATOM   657  C CE2 . TRP A 1 79  ? -15.415 -9.053  10.093  1.00 13.70 ? 120 TRP A CE2 1 
ATOM   658  C CE3 . TRP A 1 79  ? -13.396 -9.037  11.424  1.00 14.19 ? 120 TRP A CE3 1 
ATOM   659  C CZ2 . TRP A 1 79  ? -16.048 -9.934  10.974  1.00 17.13 ? 120 TRP A CZ2 1 
ATOM   660  C CZ3 . TRP A 1 79  ? -14.026 -9.925  12.296  1.00 13.94 ? 120 TRP A CZ3 1 
ATOM   661  C CH2 . TRP A 1 79  ? -15.331 -10.367 12.058  1.00 13.75 ? 120 TRP A CH2 1 
ATOM   662  N N   . ASN A 1 80  ? -11.484 -7.728  6.051   1.00 12.11 ? 121 ASN A N   1 
ATOM   663  C CA  . ASN A 1 80  ? -11.906 -8.209  4.744   1.00 12.10 ? 121 ASN A CA  1 
ATOM   664  C C   . ASN A 1 80  ? -11.041 -7.600  3.650   1.00 12.19 ? 121 ASN A C   1 
ATOM   665  O O   . ASN A 1 80  ? -10.252 -6.677  3.887   1.00 11.44 ? 121 ASN A O   1 
ATOM   666  C CB  . ASN A 1 80  ? -13.407 -7.994  4.497   1.00 12.14 ? 121 ASN A CB  1 
ATOM   667  C CG  . ASN A 1 80  ? -13.823 -6.536  4.499   1.00 13.37 ? 121 ASN A CG  1 
ATOM   668  O OD1 . ASN A 1 80  ? -13.006 -5.628  4.371   1.00 13.52 ? 121 ASN A OD1 1 
ATOM   669  N ND2 . ASN A 1 80  ? -15.123 -6.308  4.608   1.00 13.95 ? 121 ASN A ND2 1 
ATOM   670  N N   . ALA A 1 81  ? -11.201 -8.155  2.441   1.00 11.90 ? 122 ALA A N   1 
ATOM   671  C CA  . ALA A 1 81  ? -10.388 -7.737  1.303   1.00 11.34 ? 122 ALA A CA  1 
ATOM   672  C C   . ALA A 1 81  ? -10.567 -6.258  1.018   1.00 9.40  ? 122 ALA A C   1 
ATOM   673  O O   . ALA A 1 81  ? -9.606  -5.568  0.672   1.00 10.00 ? 122 ALA A O   1 
ATOM   674  C CB  . ALA A 1 81  ? -10.786 -8.556  0.077   1.00 11.64 ? 122 ALA A CB  1 
ATOM   675  N N   . GLN A 1 82  ? -11.791 -5.750  1.149   1.00 10.98 ? 123 GLN A N   1 
ATOM   676  C CA  . GLN A 1 82  ? -12.038 -4.345  0.848   1.00 12.54 ? 123 GLN A CA  1 
ATOM   677  C C   . GLN A 1 82  ? -11.184 -3.434  1.725   1.00 12.60 ? 123 GLN A C   1 
ATOM   678  O O   . GLN A 1 82  ? -10.661 -2.416  1.255   1.00 12.26 ? 123 GLN A O   1 
ATOM   679  C CB  . GLN A 1 82  ? -13.527 -4.023  0.985   1.00 15.96 ? 123 GLN A CB  1 
ATOM   680  C CG  . GLN A 1 82  ? -13.936 -2.657  0.422   1.00 24.36 ? 123 GLN A CG  1 
ATOM   681  C CD  . GLN A 1 82  ? -13.230 -2.305  -0.893  1.00 28.91 ? 123 GLN A CD  1 
ATOM   682  O OE1 . GLN A 1 82  ? -12.469 -1.328  -0.956  1.00 29.90 ? 123 GLN A OE1 1 
ATOM   683  N NE2 . GLN A 1 82  ? -13.486 -3.088  -1.945  1.00 25.31 ? 123 GLN A NE2 1 
ATOM   684  N N   . GLU A 1 83  ? -11.010 -3.795  2.995   1.00 10.86 ? 124 GLU A N   1 
ATOM   685  C CA  . GLU A 1 83  ? -10.171 -2.991  3.871   1.00 13.01 ? 124 GLU A CA  1 
ATOM   686  C C   . GLU A 1 83  ? -8.732  -2.967  3.370   1.00 10.76 ? 124 GLU A C   1 
ATOM   687  O O   . GLU A 1 83  ? -8.052  -1.927  3.437   1.00 10.84 ? 124 GLU A O   1 
ATOM   688  C CB  . GLU A 1 83  ? -10.236 -3.558  5.288   1.00 12.15 ? 124 GLU A CB  1 
ATOM   689  C CG  . GLU A 1 83  ? -9.614  -2.665  6.321   1.00 16.17 ? 124 GLU A CG  1 
ATOM   690  C CD  . GLU A 1 83  ? -9.615  -3.274  7.712   1.00 16.83 ? 124 GLU A CD  1 
ATOM   691  O OE1 . GLU A 1 83  ? -10.292 -4.305  7.936   1.00 13.47 ? 124 GLU A OE1 1 
ATOM   692  O OE2 . GLU A 1 83  ? -8.913  -2.713  8.582   1.00 20.63 ? 124 GLU A OE2 1 
ATOM   693  N N   . CYS A 1 84  ? -8.255  -4.098  2.847   1.00 10.85 ? 125 CYS A N   1 
ATOM   694  C CA  . CYS A 1 84  ? -6.896  -4.138  2.320   1.00 9.18  ? 125 CYS A CA  1 
ATOM   695  C C   . CYS A 1 84  ? -6.796  -3.354  1.015   1.00 9.44  ? 125 CYS A C   1 
ATOM   696  O O   . CYS A 1 84  ? -5.827  -2.613  0.790   1.00 10.30 ? 125 CYS A O   1 
ATOM   697  C CB  . CYS A 1 84  ? -6.506  -5.596  2.077   1.00 8.85  ? 125 CYS A CB  1 
ATOM   698  S SG  . CYS A 1 84  ? -4.898  -5.750  1.264   1.00 11.61 ? 125 CYS A SG  1 
ATOM   699  N N   . ILE A 1 85  ? -7.803  -3.492  0.163   1.00 9.72  ? 126 ILE A N   1 
ATOM   700  C CA  . ILE A 1 85  ? -7.850  -2.744  -1.086  1.00 9.65  ? 126 ILE A CA  1 
ATOM   701  C C   . ILE A 1 85  ? -7.820  -1.245  -0.816  1.00 10.60 ? 126 ILE A C   1 
ATOM   702  O O   . ILE A 1 85  ? -7.123  -0.496  -1.511  1.00 9.99  ? 126 ILE A O   1 
ATOM   703  C CB  . ILE A 1 85  ? -9.066  -3.202  -1.916  1.00 9.97  ? 126 ILE A CB  1 
ATOM   704  C CG1 . ILE A 1 85  ? -8.814  -4.591  -2.485  1.00 9.44  ? 126 ILE A CG1 1 
ATOM   705  C CG2 . ILE A 1 85  ? -9.402  -2.208  -3.019  1.00 13.88 ? 126 ILE A CG2 1 
ATOM   706  C CD1 . ILE A 1 85  ? -10.076 -5.297  -2.976  1.00 14.31 ? 126 ILE A CD1 1 
ATOM   707  N N   . GLN A 1 86  ? -8.529  -0.788  0.228   1.00 9.67  ? 127 GLN A N   1 
ATOM   708  C CA  . GLN A 1 86  ? -8.512  0.635   0.573   1.00 10.38 ? 127 GLN A CA  1 
ATOM   709  C C   . GLN A 1 86  ? -7.106  1.121   0.916   1.00 12.08 ? 127 GLN A C   1 
ATOM   710  O O   . GLN A 1 86  ? -6.750  2.262   0.598   1.00 9.90  ? 127 GLN A O   1 
ATOM   711  C CB  . GLN A 1 86  ? -9.501  0.938   1.712   1.00 14.97 ? 127 GLN A CB  1 
ATOM   712  C CG  . GLN A 1 86  ? -10.954 0.605   1.326   1.00 20.55 ? 127 GLN A CG  1 
ATOM   713  C CD  . GLN A 1 86  ? -11.923 0.457   2.514   1.00 29.42 ? 127 GLN A CD  1 
ATOM   714  O OE1 . GLN A 1 86  ? -11.526 0.466   3.688   1.00 29.93 ? 127 GLN A OE1 1 
ATOM   715  N NE2 . GLN A 1 86  ? -13.204 0.255   2.195   1.00 30.15 ? 127 GLN A NE2 1 
ATOM   716  N N   . ASP A 1 87  ? -6.291  0.271   1.553   1.00 9.85  ? 128 ASP A N   1 
ATOM   717  C CA  . ASP A 1 87  ? -4.910  0.660   1.839   1.00 9.86  ? 128 ASP A CA  1 
ATOM   718  C C   . ASP A 1 87  ? -4.095  0.818   0.551   1.00 10.74 ? 128 ASP A C   1 
ATOM   719  O O   . ASP A 1 87  ? -3.318  1.775   0.414   1.00 8.35  ? 128 ASP A O   1 
ATOM   720  C CB  . ASP A 1 87  ? -4.239  -0.354  2.760   1.00 11.92 ? 128 ASP A CB  1 
ATOM   721  C CG  . ASP A 1 87  ? -4.572  -0.143  4.239   1.00 11.78 ? 128 ASP A CG  1 
ATOM   722  O OD1 . ASP A 1 87  ? -5.170  0.899   4.611   1.00 10.69 ? 128 ASP A OD1 1 
ATOM   723  O OD2 . ASP A 1 87  ? -4.225  -1.041  5.036   1.00 10.69 ? 128 ASP A OD2 1 
ATOM   724  N N   . PHE A 1 88  ? -4.231  -0.114  -0.401  1.00 8.92  ? 129 PHE A N   1 
ATOM   725  C CA  . PHE A 1 88  ? -3.568  0.090   -1.689  1.00 9.52  ? 129 PHE A CA  1 
ATOM   726  C C   . PHE A 1 88  ? -4.000  1.407   -2.319  1.00 10.78 ? 129 PHE A C   1 
ATOM   727  O O   . PHE A 1 88  ? -3.170  2.173   -2.813  1.00 11.18 ? 129 PHE A O   1 
ATOM   728  C CB  . PHE A 1 88  ? -3.882  -1.056  -2.646  1.00 8.73  ? 129 PHE A CB  1 
ATOM   729  C CG  . PHE A 1 88  ? -3.006  -2.271  -2.478  1.00 8.49  ? 129 PHE A CG  1 
ATOM   730  C CD1 . PHE A 1 88  ? -1.760  -2.339  -3.077  1.00 9.35  ? 129 PHE A CD1 1 
ATOM   731  C CD2 . PHE A 1 88  ? -3.466  -3.380  -1.763  1.00 9.61  ? 129 PHE A CD2 1 
ATOM   732  C CE1 . PHE A 1 88  ? -0.971  -3.489  -2.948  1.00 9.87  ? 129 PHE A CE1 1 
ATOM   733  C CE2 . PHE A 1 88  ? -2.680  -4.523  -1.626  1.00 10.51 ? 129 PHE A CE2 1 
ATOM   734  C CZ  . PHE A 1 88  ? -1.434  -4.573  -2.229  1.00 10.09 ? 129 PHE A CZ  1 
ATOM   735  N N   . ASN A 1 89  ? -5.307  1.688   -2.310  1.00 9.60  ? 130 ASN A N   1 
ATOM   736  C CA  . ASN A 1 89  ? -5.794  2.914   -2.938  1.00 12.04 ? 130 ASN A CA  1 
ATOM   737  C C   . ASN A 1 89  ? -5.267  4.152   -2.228  1.00 11.91 ? 130 ASN A C   1 
ATOM   738  O O   . ASN A 1 89  ? -4.939  5.153   -2.871  1.00 10.13 ? 130 ASN A O   1 
ATOM   739  C CB  . ASN A 1 89  ? -7.316  2.895   -3.009  1.00 13.43 ? 130 ASN A CB  1 
ATOM   740  C CG  . ASN A 1 89  ? -7.820  1.937   -4.069  1.00 19.14 ? 130 ASN A CG  1 
ATOM   741  O OD1 . ASN A 1 89  ? -7.137  1.703   -5.077  1.00 21.82 ? 130 ASN A OD1 1 
ATOM   742  N ND2 . ASN A 1 89  ? -9.010  1.392   -3.866  1.00 22.07 ? 130 ASN A ND2 1 
ATOM   743  N N   . THR A 1 90  ? -5.157  4.101   -0.903  1.00 9.88  ? 131 THR A N   1 
ATOM   744  C CA  . THR A 1 90  ? -4.570  5.220   -0.177  1.00 10.65 ? 131 THR A CA  1 
ATOM   745  C C   . THR A 1 90  ? -3.110  5.426   -0.577  1.00 10.41 ? 131 THR A C   1 
ATOM   746  O O   . THR A 1 90  ? -2.663  6.565   -0.765  1.00 10.44 ? 131 THR A O   1 
ATOM   747  C CB  . THR A 1 90  ? -4.692  4.966   1.326   1.00 10.85 ? 131 THR A CB  1 
ATOM   748  O OG1 . THR A 1 90  ? -6.078  4.981   1.699   1.00 12.62 ? 131 THR A OG1 1 
ATOM   749  C CG2 . THR A 1 90  ? -3.946  6.025   2.126   1.00 11.65 ? 131 THR A CG2 1 
ATOM   750  N N   . MET A 1 91  ? -2.367  4.330   -0.758  1.00 9.54  ? 132 MET A N   1 
ATOM   751  C CA  . MET A 1 91  ? -0.972  4.437   -1.166  1.00 8.97  ? 132 MET A CA  1 
ATOM   752  C C   . MET A 1 91  ? -0.851  5.098   -2.533  1.00 10.48 ? 132 MET A C   1 
ATOM   753  O O   . MET A 1 91  ? 0.014   5.959   -2.745  1.00 9.77  ? 132 MET A O   1 
ATOM   754  C CB  . MET A 1 91  ? -0.343  3.040   -1.190  1.00 9.56  ? 132 MET A CB  1 
ATOM   755  C CG  . MET A 1 91  ? 1.059   3.014   -1.773  1.00 8.83  ? 132 MET A CG  1 
ATOM   756  S SD  . MET A 1 91  ? 1.660   1.326   -1.870  1.00 10.34 ? 132 MET A SD  1 
ATOM   757  C CE  . MET A 1 91  ? 0.890   0.803   -3.407  1.00 11.02 ? 132 MET A CE  1 
ATOM   758  N N   . PHE A 1 92  ? -1.703  4.704   -3.480  1.00 9.25  ? 133 PHE A N   1 
ATOM   759  C CA  . PHE A 1 92  ? -1.617  5.298   -4.809  1.00 9.93  ? 133 PHE A CA  1 
ATOM   760  C C   . PHE A 1 92  ? -2.022  6.769   -4.776  1.00 11.29 ? 133 PHE A C   1 
ATOM   761  O O   . PHE A 1 92  ? -1.335  7.623   -5.351  1.00 9.88  ? 133 PHE A O   1 
ATOM   762  C CB  . PHE A 1 92  ? -2.484  4.517   -5.808  1.00 9.88  ? 133 PHE A CB  1 
ATOM   763  C CG  . PHE A 1 92  ? -1.987  3.113   -6.101  1.00 9.78  ? 133 PHE A CG  1 
ATOM   764  C CD1 . PHE A 1 92  ? -0.669  2.884   -6.480  1.00 12.51 ? 133 PHE A CD1 1 
ATOM   765  C CD2 . PHE A 1 92  ? -2.839  2.029   -5.996  1.00 10.68 ? 133 PHE A CD2 1 
ATOM   766  C CE1 . PHE A 1 92  ? -0.219  1.602   -6.752  1.00 10.58 ? 133 PHE A CE1 1 
ATOM   767  C CE2 . PHE A 1 92  ? -2.398  0.744   -6.269  1.00 11.43 ? 133 PHE A CE2 1 
ATOM   768  C CZ  . PHE A 1 92  ? -1.081  0.531   -6.646  1.00 10.75 ? 133 PHE A CZ  1 
ATOM   769  N N   . THR A 1 93  ? -3.137  7.081   -4.105  1.00 11.40 ? 134 THR A N   1 
ATOM   770  C CA  . THR A 1 93  ? -3.629  8.459   -4.075  1.00 13.26 ? 134 THR A CA  1 
ATOM   771  C C   . THR A 1 93  ? -2.664  9.381   -3.342  1.00 11.08 ? 134 THR A C   1 
ATOM   772  O O   . THR A 1 93  ? -2.484  10.535  -3.747  1.00 12.56 ? 134 THR A O   1 
ATOM   773  C CB  . THR A 1 93  ? -5.038  8.547   -3.464  1.00 13.53 ? 134 THR A CB  1 
ATOM   774  O OG1 . THR A 1 93  ? -5.024  8.011   -2.140  1.00 19.58 ? 134 THR A OG1 1 
ATOM   775  C CG2 . THR A 1 93  ? -6.058  7.786   -4.308  1.00 13.22 ? 134 THR A CG2 1 
ATOM   776  N N   . ASN A 1 94  ? -2.030  8.895   -2.262  1.00 11.85 ? 135 ASN A N   1 
ATOM   777  C CA  . ASN A 1 94  ? -0.964  9.670   -1.624  1.00 9.63  ? 135 ASN A CA  1 
ATOM   778  C C   . ASN A 1 94  ? 0.101   10.087  -2.627  1.00 12.14 ? 135 ASN A C   1 
ATOM   779  O O   . ASN A 1 94  ? 0.616   11.213  -2.578  1.00 11.62 ? 135 ASN A O   1 
ATOM   780  C CB  . ASN A 1 94  ? -0.282  8.863   -0.519  1.00 10.76 ? 135 ASN A CB  1 
ATOM   781  C CG  . ASN A 1 94  ? -1.132  8.737   0.719   1.00 11.52 ? 135 ASN A CG  1 
ATOM   782  O OD1 . ASN A 1 94  ? -2.140  9.426   0.862   1.00 11.47 ? 135 ASN A OD1 1 
ATOM   783  N ND2 . ASN A 1 94  ? -0.735  7.846   1.620   1.00 11.39 ? 135 ASN A ND2 1 
ATOM   784  N N   . CYS A 1 95  ? 0.472   9.180   -3.523  1.00 9.96  ? 136 CYS A N   1 
ATOM   785  C CA  . CYS A 1 95  ? 1.540   9.499   -4.459  1.00 9.90  ? 136 CYS A CA  1 
ATOM   786  C C   . CYS A 1 95  ? 1.088   10.578  -5.441  1.00 10.65 ? 136 CYS A C   1 
ATOM   787  O O   . CYS A 1 95  ? 1.854   11.499  -5.759  1.00 13.50 ? 136 CYS A O   1 
ATOM   788  C CB  . CYS A 1 95  ? 1.990   8.227   -5.174  1.00 10.33 ? 136 CYS A CB  1 
ATOM   789  S SG  . CYS A 1 95  ? 3.299   8.508   -6.354  1.00 11.94 ? 136 CYS A SG  1 
ATOM   790  N N   . TYR A 1 96  ? -0.171  10.518  -5.879  1.00 10.62 ? 137 TYR A N   1 
ATOM   791  C CA  . TYR A 1 96  ? -0.687  11.555  -6.772  1.00 13.75 ? 137 TYR A CA  1 
ATOM   792  C C   . TYR A 1 96  ? -0.847  12.882  -6.042  1.00 14.67 ? 137 TYR A C   1 
ATOM   793  O O   . TYR A 1 96  ? -0.617  13.949  -6.634  1.00 17.11 ? 137 TYR A O   1 
ATOM   794  C CB  . TYR A 1 96  ? -2.013  11.104  -7.395  1.00 14.25 ? 137 TYR A CB  1 
ATOM   795  C CG  . TYR A 1 96  ? -1.951  9.726   -8.014  1.00 12.76 ? 137 TYR A CG  1 
ATOM   796  C CD1 . TYR A 1 96  ? -0.852  9.326   -8.766  1.00 12.29 ? 137 TYR A CD1 1 
ATOM   797  C CD2 . TYR A 1 96  ? -2.982  8.823   -7.833  1.00 12.81 ? 137 TYR A CD2 1 
ATOM   798  C CE1 . TYR A 1 96  ? -0.783  8.075   -9.327  1.00 12.32 ? 137 TYR A CE1 1 
ATOM   799  C CE2 . TYR A 1 96  ? -2.927  7.562   -8.404  1.00 12.50 ? 137 TYR A CE2 1 
ATOM   800  C CZ  . TYR A 1 96  ? -1.824  7.190   -9.135  1.00 10.40 ? 137 TYR A CZ  1 
ATOM   801  O OH  . TYR A 1 96  ? -1.775  5.933   -9.690  1.00 13.48 ? 137 TYR A OH  1 
ATOM   802  N N   . ILE A 1 97  ? -1.221  12.839  -4.759  1.00 12.90 ? 138 ILE A N   1 
ATOM   803  C CA  . ILE A 1 97  ? -1.372  14.067  -3.976  1.00 14.91 ? 138 ILE A CA  1 
ATOM   804  C C   . ILE A 1 97  ? -0.020  14.736  -3.744  1.00 15.99 ? 138 ILE A C   1 
ATOM   805  O O   . ILE A 1 97  ? 0.131   15.952  -3.932  1.00 16.01 ? 138 ILE A O   1 
ATOM   806  C CB  . ILE A 1 97  ? -2.107  13.777  -2.654  1.00 10.89 ? 138 ILE A CB  1 
ATOM   807  C CG1 . ILE A 1 97  ? -3.593  13.494  -2.907  1.00 12.32 ? 138 ILE A CG1 1 
ATOM   808  C CG2 . ILE A 1 97  ? -1.969  14.945  -1.674  1.00 13.68 ? 138 ILE A CG2 1 
ATOM   809  C CD1 . ILE A 1 97  ? -4.280  12.849  -1.726  1.00 15.22 ? 138 ILE A CD1 1 
ATOM   810  N N   . TYR A 1 98  ? 0.983   13.960  -3.318  1.00 13.89 ? 139 TYR A N   1 
ATOM   811  C CA  . TYR A 1 98  ? 2.248   14.572  -2.920  1.00 13.86 ? 139 TYR A CA  1 
ATOM   812  C C   . TYR A 1 98  ? 3.045   15.092  -4.112  1.00 15.87 ? 139 TYR A C   1 
ATOM   813  O O   . TYR A 1 98  ? 3.854   16.014  -3.953  1.00 17.06 ? 139 TYR A O   1 
ATOM   814  C CB  . TYR A 1 98  ? 3.082   13.618  -2.047  1.00 14.71 ? 139 TYR A CB  1 
ATOM   815  C CG  . TYR A 1 98  ? 4.416   14.225  -1.686  1.00 16.38 ? 139 TYR A CG  1 
ATOM   816  C CD1 . TYR A 1 98  ? 4.494   15.252  -0.754  1.00 14.03 ? 139 TYR A CD1 1 
ATOM   817  C CD2 . TYR A 1 98  ? 5.584   13.811  -2.316  1.00 13.87 ? 139 TYR A CD2 1 
ATOM   818  C CE1 . TYR A 1 98  ? 5.705   15.845  -0.450  1.00 17.03 ? 139 TYR A CE1 1 
ATOM   819  C CE2 . TYR A 1 98  ? 6.797   14.393  -2.019  1.00 15.93 ? 139 TYR A CE2 1 
ATOM   820  C CZ  . TYR A 1 98  ? 6.850   15.410  -1.083  1.00 17.05 ? 139 TYR A CZ  1 
ATOM   821  O OH  . TYR A 1 98  ? 8.051   15.993  -0.772  1.00 14.82 ? 139 TYR A OH  1 
ATOM   822  N N   . ASN A 1 99  ? 2.831   14.536  -5.305  1.00 13.76 ? 140 ASN A N   1 
ATOM   823  C CA  . ASN A 1 99  ? 3.647   14.856  -6.466  1.00 15.84 ? 140 ASN A CA  1 
ATOM   824  C C   . ASN A 1 99  ? 2.814   15.629  -7.493  1.00 18.71 ? 140 ASN A C   1 
ATOM   825  O O   . ASN A 1 99  ? 1.848   16.321  -7.124  1.00 21.17 ? 140 ASN A O   1 
ATOM   826  C CB  . ASN A 1 99  ? 4.278   13.570  -6.997  1.00 14.22 ? 140 ASN A CB  1 
ATOM   827  C CG  . ASN A 1 99  ? 5.156   12.882  -5.960  1.00 15.20 ? 140 ASN A CG  1 
ATOM   828  O OD1 . ASN A 1 99  ? 6.248   13.362  -5.633  1.00 14.73 ? 140 ASN A OD1 1 
ATOM   829  N ND2 . ASN A 1 99  ? 4.689   11.755  -5.444  1.00 12.99 ? 140 ASN A ND2 1 
ATOM   830  N N   . LYS A 1 100 ? 3.201   15.532  -8.764  1.00 20.41 ? 141 LYS A N   1 
ATOM   831  C CA  . LYS A 1 100 ? 2.618   16.235  -9.897  1.00 20.55 ? 141 LYS A CA  1 
ATOM   832  C C   . LYS A 1 100 ? 2.376   15.244  -11.024 1.00 19.04 ? 141 LYS A C   1 
ATOM   833  O O   . LYS A 1 100 ? 3.105   14.258  -11.148 1.00 19.44 ? 141 LYS A O   1 
ATOM   834  C CB  . LYS A 1 100 ? 3.603   17.273  -10.458 1.00 25.23 ? 141 LYS A CB  1 
ATOM   835  C CG  . LYS A 1 100 ? 3.968   18.422  -9.550  1.00 26.64 ? 141 LYS A CG  1 
ATOM   836  C CD  . LYS A 1 100 ? 5.089   19.242  -10.192 1.00 24.35 ? 141 LYS A CD  1 
ATOM   837  C CE  . LYS A 1 100 ? 4.501   20.150  -11.242 1.00 23.42 ? 141 LYS A CE  1 
ATOM   838  N NZ  . LYS A 1 100 ? 5.018   21.541  -11.144 1.00 23.04 ? 141 LYS A NZ  1 
ATOM   839  N N   . PRO A 1 101 ? 1.406   15.515  -11.905 1.00 20.74 ? 142 PRO A N   1 
ATOM   840  C CA  . PRO A 1 101 ? 1.247   14.679  -13.104 1.00 17.93 ? 142 PRO A CA  1 
ATOM   841  C C   . PRO A 1 101 ? 2.513   14.680  -13.950 1.00 18.55 ? 142 PRO A C   1 
ATOM   842  O O   . PRO A 1 101 ? 3.157   15.715  -14.138 1.00 22.12 ? 142 PRO A O   1 
ATOM   843  C CB  . PRO A 1 101 ? 0.082   15.345  -13.848 1.00 21.06 ? 142 PRO A CB  1 
ATOM   844  C CG  . PRO A 1 101 ? -0.680  16.071  -12.774 1.00 21.03 ? 142 PRO A CG  1 
ATOM   845  C CD  . PRO A 1 101 ? 0.350   16.537  -11.795 1.00 20.40 ? 142 PRO A CD  1 
ATOM   846  N N   . GLY A 1 102 ? 2.868   13.508  -14.460 1.00 17.24 ? 143 GLY A N   1 
ATOM   847  C CA  . GLY A 1 102 ? 4.050   13.375  -15.280 1.00 17.45 ? 143 GLY A CA  1 
ATOM   848  C C   . GLY A 1 102 ? 5.350   13.119  -14.536 1.00 16.71 ? 143 GLY A C   1 
ATOM   849  O O   . GLY A 1 102 ? 6.337   12.722  -15.178 1.00 16.53 ? 143 GLY A O   1 
ATOM   850  N N   . ASP A 1 103 ? 5.392   13.333  -13.216 1.00 15.86 ? 144 ASP A N   1 
ATOM   851  C CA  . ASP A 1 103 ? 6.590   13.031  -12.441 1.00 13.10 ? 144 ASP A CA  1 
ATOM   852  C C   . ASP A 1 103 ? 6.916   11.551  -12.564 1.00 13.49 ? 144 ASP A C   1 
ATOM   853  O O   . ASP A 1 103 ? 6.021   10.708  -12.668 1.00 11.65 ? 144 ASP A O   1 
ATOM   854  C CB  . ASP A 1 103 ? 6.361   13.311  -10.961 1.00 14.10 ? 144 ASP A CB  1 
ATOM   855  C CG  . ASP A 1 103 ? 6.381   14.782  -10.614 1.00 17.80 ? 144 ASP A CG  1 
ATOM   856  O OD1 . ASP A 1 103 ? 6.625   15.623  -11.500 1.00 18.64 ? 144 ASP A OD1 1 
ATOM   857  O OD2 . ASP A 1 103 ? 6.158   15.098  -9.423  1.00 19.45 ? 144 ASP A OD2 1 
ATOM   858  N N   . ASP A 1 104 ? 8.214   11.235  -12.533 1.00 13.18 ? 145 ASP A N   1 
ATOM   859  C CA  . ASP A 1 104 ? 8.647   9.840   -12.623 1.00 12.33 ? 145 ASP A CA  1 
ATOM   860  C C   . ASP A 1 104 ? 7.935   8.951   -11.601 1.00 11.84 ? 145 ASP A C   1 
ATOM   861  O O   . ASP A 1 104 ? 7.452   7.865   -11.940 1.00 11.78 ? 145 ASP A O   1 
ATOM   862  C CB  . ASP A 1 104 ? 10.171  9.738   -12.483 1.00 14.58 ? 145 ASP A CB  1 
ATOM   863  C CG  . ASP A 1 104 ? 10.902  10.019  -13.794 1.00 16.12 ? 145 ASP A CG  1 
ATOM   864  O OD1 . ASP A 1 104 ? 10.243  10.181  -14.844 1.00 13.81 ? 145 ASP A OD1 1 
ATOM   865  O OD2 . ASP A 1 104 ? 12.148  10.070  -13.781 1.00 16.78 ? 145 ASP A OD2 1 
ATOM   866  N N   . ILE A 1 105 ? 7.869   9.390   -10.337 1.00 11.45 ? 146 ILE A N   1 
ATOM   867  C CA  . ILE A 1 105 ? 7.243   8.569   -9.299  1.00 12.35 ? 146 ILE A CA  1 
ATOM   868  C C   . ILE A 1 105 ? 5.764   8.351   -9.593  1.00 11.07 ? 146 ILE A C   1 
ATOM   869  O O   . ILE A 1 105 ? 5.208   7.285   -9.295  1.00 9.25  ? 146 ILE A O   1 
ATOM   870  C CB  . ILE A 1 105 ? 7.479   9.203   -7.912  1.00 14.06 ? 146 ILE A CB  1 
ATOM   871  C CG1 . ILE A 1 105 ? 6.980   8.286   -6.801  1.00 14.20 ? 146 ILE A CG1 1 
ATOM   872  C CG2 . ILE A 1 105 ? 6.818   10.587  -7.823  1.00 17.93 ? 146 ILE A CG2 1 
ATOM   873  C CD1 . ILE A 1 105 ? 7.767   7.061   -6.687  1.00 16.48 ? 146 ILE A CD1 1 
ATOM   874  N N   . VAL A 1 106 ? 5.115   9.339   -10.211 1.00 12.79 ? 147 VAL A N   1 
ATOM   875  C CA  . VAL A 1 106 ? 3.699   9.232   -10.546 1.00 12.92 ? 147 VAL A CA  1 
ATOM   876  C C   . VAL A 1 106 ? 3.493   8.252   -11.688 1.00 12.65 ? 147 VAL A C   1 
ATOM   877  O O   . VAL A 1 106 ? 2.559   7.434   -11.661 1.00 12.64 ? 147 VAL A O   1 
ATOM   878  C CB  . VAL A 1 106 ? 3.126   10.625  -10.857 1.00 12.29 ? 147 VAL A CB  1 
ATOM   879  C CG1 . VAL A 1 106 ? 1.775   10.500  -11.557 1.00 12.69 ? 147 VAL A CG1 1 
ATOM   880  C CG2 . VAL A 1 106 ? 3.004   11.426  -9.563  1.00 12.76 ? 147 VAL A CG2 1 
ATOM   881  N N   . LEU A 1 107 ? 4.360   8.304   -12.702 1.00 14.70 ? 148 LEU A N   1 
ATOM   882  C CA  . LEU A 1 107 ? 4.312   7.305   -13.766 1.00 11.57 ? 148 LEU A CA  1 
ATOM   883  C C   . LEU A 1 107 ? 4.449   5.897   -13.195 1.00 12.62 ? 148 LEU A C   1 
ATOM   884  O O   . LEU A 1 107 ? 3.815   4.954   -13.683 1.00 12.30 ? 148 LEU A O   1 
ATOM   885  C CB  . LEU A 1 107 ? 5.410   7.580   -14.801 1.00 13.67 ? 148 LEU A CB  1 
ATOM   886  C CG  . LEU A 1 107 ? 5.376   8.939   -15.504 1.00 14.78 ? 148 LEU A CG  1 
ATOM   887  C CD1 . LEU A 1 107 ? 6.617   9.103   -16.376 1.00 13.51 ? 148 LEU A CD1 1 
ATOM   888  C CD2 . LEU A 1 107 ? 4.139   9.052   -16.336 1.00 17.08 ? 148 LEU A CD2 1 
ATOM   889  N N   . MET A 1 108 ? 5.278   5.730   -12.164 1.00 10.69 ? 149 MET A N   1 
ATOM   890  C CA  . MET A 1 108 ? 5.436   4.416   -11.550 1.00 11.12 ? 149 MET A CA  1 
ATOM   891  C C   . MET A 1 108 ? 4.155   3.984   -10.856 1.00 11.36 ? 149 MET A C   1 
ATOM   892  O O   . MET A 1 108 ? 3.673   2.859   -11.051 1.00 11.47 ? 149 MET A O   1 
ATOM   893  C CB  . MET A 1 108 ? 6.606   4.435   -10.569 1.00 9.37  ? 149 MET A CB  1 
ATOM   894  C CG  . MET A 1 108 ? 7.935   4.703   -11.254 1.00 10.06 ? 149 MET A CG  1 
ATOM   895  S SD  . MET A 1 108 ? 9.259   4.905   -10.070 1.00 18.06 ? 149 MET A SD  1 
ATOM   896  C CE  . MET A 1 108 ? 9.729   3.251   -9.795  1.00 12.95 ? 149 MET A CE  1 
ATOM   897  N N   . ALA A 1 109 ? 3.582   4.878   -10.048 1.00 10.46 ? 150 ALA A N   1 
ATOM   898  C CA  . ALA A 1 109 ? 2.330   4.561   -9.364  1.00 9.70  ? 150 ALA A CA  1 
ATOM   899  C C   . ALA A 1 109 ? 1.206   4.250   -10.353 1.00 11.07 ? 150 ALA A C   1 
ATOM   900  O O   . ALA A 1 109 ? 0.406   3.335   -10.117 1.00 10.95 ? 150 ALA A O   1 
ATOM   901  C CB  . ALA A 1 109 ? 1.942   5.709   -8.432  1.00 10.31 ? 150 ALA A CB  1 
ATOM   902  N N   . GLU A 1 110 ? 1.131   5.002   -11.460 1.00 10.56 ? 151 GLU A N   1 
ATOM   903  C CA  . GLU A 1 110 ? 0.080   4.781   -12.452 1.00 12.17 ? 151 GLU A CA  1 
ATOM   904  C C   . GLU A 1 110 ? 0.171   3.377   -13.034 1.00 12.89 ? 151 GLU A C   1 
ATOM   905  O O   . GLU A 1 110 ? -0.849  2.693   -13.207 1.00 12.67 ? 151 GLU A O   1 
ATOM   906  C CB  . GLU A 1 110 ? 0.200   5.816   -13.576 1.00 14.44 ? 151 GLU A CB  1 
ATOM   907  C CG  . GLU A 1 110 ? -0.298  7.223   -13.249 1.00 15.90 ? 151 GLU A CG  1 
ATOM   908  C CD  . GLU A 1 110 ? 0.193   8.265   -14.246 1.00 18.09 ? 151 GLU A CD  1 
ATOM   909  O OE1 . GLU A 1 110 ? 0.991   7.921   -15.144 1.00 19.55 ? 151 GLU A OE1 1 
ATOM   910  O OE2 . GLU A 1 110 ? -0.211  9.436   -14.120 1.00 17.45 ? 151 GLU A OE2 1 
ATOM   911  N N   . ALA A 1 111 ? 1.389   2.928   -13.337 1.00 10.82 ? 152 ALA A N   1 
ATOM   912  C CA  . ALA A 1 111 ? 1.582   1.592   -13.881 1.00 13.24 ? 152 ALA A CA  1 
ATOM   913  C C   . ALA A 1 111 ? 1.233   0.521   -12.853 1.00 12.36 ? 152 ALA A C   1 
ATOM   914  O O   . ALA A 1 111 ? 0.553   -0.463  -13.171 1.00 12.69 ? 152 ALA A O   1 
ATOM   915  C CB  . ALA A 1 111 ? 3.030   1.446   -14.366 1.00 14.84 ? 152 ALA A CB  1 
ATOM   916  N N   . LEU A 1 112 ? 1.688   0.701   -11.611 1.00 12.35 ? 153 LEU A N   1 
ATOM   917  C CA  . LEU A 1 112 ? 1.370   -0.261  -10.561 1.00 12.04 ? 153 LEU A CA  1 
ATOM   918  C C   . LEU A 1 112 ? -0.127  -0.302  -10.283 1.00 11.74 ? 153 LEU A C   1 
ATOM   919  O O   . LEU A 1 112 ? -0.686  -1.376  -10.044 1.00 11.08 ? 153 LEU A O   1 
ATOM   920  C CB  . LEU A 1 112 ? 2.130   0.094   -9.282  1.00 12.92 ? 153 LEU A CB  1 
ATOM   921  C CG  . LEU A 1 112 ? 3.617   -0.227  -9.170  1.00 17.28 ? 153 LEU A CG  1 
ATOM   922  C CD1 . LEU A 1 112 ? 4.029   -0.060  -7.706  1.00 18.42 ? 153 LEU A CD1 1 
ATOM   923  C CD2 . LEU A 1 112 ? 3.921   -1.639  -9.637  1.00 18.88 ? 153 LEU A CD2 1 
ATOM   924  N N   . GLU A 1 113 ? -0.794  0.856   -10.308 1.00 11.41 ? 154 GLU A N   1 
ATOM   925  C CA  . GLU A 1 113 ? -2.232  0.876   -10.049 1.00 11.97 ? 154 GLU A CA  1 
ATOM   926  C C   . GLU A 1 113 ? -2.990  0.079   -11.105 1.00 13.32 ? 154 GLU A C   1 
ATOM   927  O O   . GLU A 1 113 ? -3.917  -0.683  -10.778 1.00 10.79 ? 154 GLU A O   1 
ATOM   928  C CB  . GLU A 1 113 ? -2.744  2.315   -9.990  1.00 11.30 ? 154 GLU A CB  1 
ATOM   929  C CG  . GLU A 1 113 ? -4.226  2.385   -9.645  1.00 12.41 ? 154 GLU A CG  1 
ATOM   930  C CD  . GLU A 1 113 ? -4.772  3.793   -9.618  1.00 17.29 ? 154 GLU A CD  1 
ATOM   931  O OE1 . GLU A 1 113 ? -3.987  4.753   -9.772  1.00 18.34 ? 154 GLU A OE1 1 
ATOM   932  O OE2 . GLU A 1 113 ? -6.002  3.950   -9.446  1.00 19.18 ? 154 GLU A OE2 1 
ATOM   933  N N   . LYS A 1 114 ? -2.591  0.223   -12.372 1.00 12.55 ? 155 LYS A N   1 
ATOM   934  C CA  . LYS A 1 114 ? -3.215  -0.533  -13.458 1.00 14.04 ? 155 LYS A CA  1 
ATOM   935  C C   . LYS A 1 114 ? -3.057  -2.030  -13.253 1.00 12.71 ? 155 LYS A C   1 
ATOM   936  O O   . LYS A 1 114 ? -4.021  -2.792  -13.409 1.00 12.11 ? 155 LYS A O   1 
ATOM   937  C CB  . LYS A 1 114 ? -2.599  -0.132  -14.795 1.00 14.28 ? 155 LYS A CB  1 
ATOM   938  C CG  . LYS A 1 114 ? -3.161  1.139   -15.376 1.00 16.14 ? 155 LYS A CG  1 
ATOM   939  C CD  . LYS A 1 114 ? -2.486  1.422   -16.709 1.00 18.02 ? 155 LYS A CD  1 
ATOM   940  C CE  . LYS A 1 114 ? -2.632  2.866   -17.135 1.00 20.42 ? 155 LYS A CE  1 
ATOM   941  N NZ  . LYS A 1 114 ? -1.931  3.068   -18.428 1.00 18.36 ? 155 LYS A NZ  1 
ATOM   942  N N   . LEU A 1 115 ? -1.835  -2.473  -12.920 1.00 12.46 ? 156 LEU A N   1 
ATOM   943  C CA  . LEU A 1 115 ? -1.609  -3.881  -12.608 1.00 13.07 ? 156 LEU A CA  1 
ATOM   944  C C   . LEU A 1 115 ? -2.427  -4.323  -11.398 1.00 11.97 ? 156 LEU A C   1 
ATOM   945  O O   . LEU A 1 115 ? -3.007  -5.415  -11.398 1.00 14.13 ? 156 LEU A O   1 
ATOM   946  C CB  . LEU A 1 115 ? -0.120  -4.130  -12.380 1.00 13.51 ? 156 LEU A CB  1 
ATOM   947  C CG  . LEU A 1 115 ? 0.282   -5.593  -12.208 1.00 20.78 ? 156 LEU A CG  1 
ATOM   948  C CD1 . LEU A 1 115 ? -0.073  -6.388  -13.462 1.00 24.09 ? 156 LEU A CD1 1 
ATOM   949  C CD2 . LEU A 1 115 ? 1.775   -5.705  -11.909 1.00 20.06 ? 156 LEU A CD2 1 
ATOM   950  N N   . PHE A 1 116 ? -2.485  -3.488  -10.357 1.00 11.17 ? 157 PHE A N   1 
ATOM   951  C CA  . PHE A 1 116 ? -3.275  -3.819  -9.176  1.00 10.51 ? 157 PHE A CA  1 
ATOM   952  C C   . PHE A 1 116 ? -4.740  -4.029  -9.552  1.00 11.17 ? 157 PHE A C   1 
ATOM   953  O O   . PHE A 1 116 ? -5.363  -5.032  -9.159  1.00 9.41  ? 157 PHE A O   1 
ATOM   954  C CB  . PHE A 1 116 ? -3.111  -2.705  -8.134  1.00 11.16 ? 157 PHE A CB  1 
ATOM   955  C CG  . PHE A 1 116 ? -4.053  -2.805  -6.966  1.00 9.84  ? 157 PHE A CG  1 
ATOM   956  C CD1 . PHE A 1 116 ? -3.881  -3.778  -5.989  1.00 9.88  ? 157 PHE A CD1 1 
ATOM   957  C CD2 . PHE A 1 116 ? -5.096  -1.902  -6.832  1.00 11.06 ? 157 PHE A CD2 1 
ATOM   958  C CE1 . PHE A 1 116 ? -4.740  -3.861  -4.913  1.00 9.65  ? 157 PHE A CE1 1 
ATOM   959  C CE2 . PHE A 1 116 ? -5.960  -1.975  -5.749  1.00 11.63 ? 157 PHE A CE2 1 
ATOM   960  C CZ  . PHE A 1 116 ? -5.779  -2.953  -4.793  1.00 11.45 ? 157 PHE A CZ  1 
ATOM   961  N N   . LEU A 1 117 ? -5.296  -3.104  -10.340 1.00 10.43 ? 158 LEU A N   1 
ATOM   962  C CA  . LEU A 1 117 ? -6.690  -3.220  -10.764 1.00 11.50 ? 158 LEU A CA  1 
ATOM   963  C C   . LEU A 1 117 ? -6.907  -4.466  -11.608 1.00 12.56 ? 158 LEU A C   1 
ATOM   964  O O   . LEU A 1 117 ? -7.897  -5.184  -11.429 1.00 12.38 ? 158 LEU A O   1 
ATOM   965  C CB  . LEU A 1 117 ? -7.107  -1.970  -11.539 1.00 11.46 ? 158 LEU A CB  1 
ATOM   966  C CG  . LEU A 1 117 ? -7.340  -0.758  -10.640 1.00 11.08 ? 158 LEU A CG  1 
ATOM   967  C CD1 . LEU A 1 117 ? -7.543  0.528   -11.456 1.00 15.52 ? 158 LEU A CD1 1 
ATOM   968  C CD2 . LEU A 1 117 ? -8.518  -1.001  -9.724  1.00 15.92 ? 158 LEU A CD2 1 
ATOM   969  N N   . GLN A 1 118 ? -5.981  -4.751  -12.517 1.00 12.38 ? 159 GLN A N   1 
ATOM   970  C CA  . GLN A 1 118 ? -6.067  -5.987  -13.279 1.00 15.99 ? 159 GLN A CA  1 
ATOM   971  C C   . GLN A 1 118 ? -6.176  -7.199  -12.356 1.00 14.92 ? 159 GLN A C   1 
ATOM   972  O O   . GLN A 1 118 ? -6.994  -8.097  -12.592 1.00 15.91 ? 159 GLN A O   1 
ATOM   973  C CB  . GLN A 1 118 ? -4.825  -6.104  -14.159 1.00 16.52 ? 159 GLN A CB  1 
ATOM   974  C CG  . GLN A 1 118 ? -5.034  -6.805  -15.466 1.00 25.07 ? 159 GLN A CG  1 
ATOM   975  C CD  . GLN A 1 118 ? -3.928  -6.485  -16.444 1.00 28.61 ? 159 GLN A CD  1 
ATOM   976  O OE1 . GLN A 1 118 ? -4.174  -6.212  -17.618 1.00 35.61 ? 159 GLN A OE1 1 
ATOM   977  N NE2 . GLN A 1 118 ? -2.700  -6.504  -15.960 1.00 23.58 ? 159 GLN A NE2 1 
ATOM   978  N N   . LYS A 1 119 ? -5.370  -7.233  -11.285 1.00 14.66 ? 160 LYS A N   1 
ATOM   979  C CA  . LYS A 1 119 ? -5.315  -8.415  -10.420 1.00 14.28 ? 160 LYS A CA  1 
ATOM   980  C C   . LYS A 1 119 ? -6.520  -8.544  -9.491  1.00 13.43 ? 160 LYS A C   1 
ATOM   981  O O   . LYS A 1 119 ? -6.903  -9.665  -9.127  1.00 13.52 ? 160 LYS A O   1 
ATOM   982  C CB  . LYS A 1 119 ? -4.029  -8.413  -9.583  1.00 13.85 ? 160 LYS A CB  1 
ATOM   983  C CG  . LYS A 1 119 ? -2.742  -8.451  -10.396 1.00 21.25 ? 160 LYS A CG  1 
ATOM   984  C CD  . LYS A 1 119 ? -2.491  -9.796  -11.057 1.00 24.14 ? 160 LYS A CD  1 
ATOM   985  C CE  . LYS A 1 119 ? -1.162  -9.760  -11.812 1.00 25.17 ? 160 LYS A CE  1 
ATOM   986  N NZ  . LYS A 1 119 ? -0.159  -8.957  -11.066 1.00 27.04 ? 160 LYS A NZ  1 
ATOM   987  N N   . ILE A 1 120 ? -7.115  -7.425  -9.067  1.00 11.66 ? 161 ILE A N   1 
ATOM   988  C CA  . ILE A 1 120 ? -8.261  -7.489  -8.165  1.00 11.66 ? 161 ILE A CA  1 
ATOM   989  C C   . ILE A 1 120 ? -9.588  -7.513  -8.912  1.00 13.91 ? 161 ILE A C   1 
ATOM   990  O O   . ILE A 1 120 ? -10.646 -7.645  -8.278  1.00 16.11 ? 161 ILE A O   1 
ATOM   991  C CB  . ILE A 1 120 ? -8.221  -6.399  -7.067  1.00 11.26 ? 161 ILE A CB  1 
ATOM   992  C CG1 . ILE A 1 120 ? -8.451  -5.021  -7.682  1.00 10.45 ? 161 ILE A CG1 1 
ATOM   993  C CG2 . ILE A 1 120 ? -6.916  -6.454  -6.267  1.00 11.06 ? 161 ILE A CG2 1 
ATOM   994  C CD1 . ILE A 1 120 ? -9.012  -4.011  -6.711  1.00 12.28 ? 161 ILE A CD1 1 
ATOM   995  N N   . ASN A 1 121 ? -9.562  -7.389  -10.239 1.00 13.84 ? 162 ASN A N   1 
ATOM   996  C CA  . ASN A 1 121 ? -10.781 -7.454  -11.031 1.00 17.74 ? 162 ASN A CA  1 
ATOM   997  C C   . ASN A 1 121 ? -11.561 -8.715  -10.706 1.00 17.95 ? 162 ASN A C   1 
ATOM   998  O O   . ASN A 1 121 ? -12.788 -8.681  -10.549 1.00 19.92 ? 162 ASN A O   1 
ATOM   999  C CB  . ASN A 1 121 ? -10.403 -7.431  -12.507 1.00 15.22 ? 162 ASN A CB  1 
ATOM   1000 C CG  . ASN A 1 121 ? -11.594 -7.283  -13.414 1.00 22.10 ? 162 ASN A CG  1 
ATOM   1001 O OD1 . ASN A 1 121 ? -12.175 -8.265  -13.853 1.00 24.26 ? 162 ASN A OD1 1 
ATOM   1002 N ND2 . ASN A 1 121 ? -11.958 -6.043  -13.711 1.00 22.49 ? 162 ASN A ND2 1 
ATOM   1003 N N   . GLU A 1 122 ? -10.860 -9.831  -10.564 1.00 13.65 ? 163 GLU A N   1 
ATOM   1004 C CA  . GLU A 1 122 ? -11.485 -11.096 -10.206 1.00 20.41 ? 163 GLU A CA  1 
ATOM   1005 C C   . GLU A 1 122 ? -10.781 -11.651 -8.979  1.00 15.58 ? 163 GLU A C   1 
ATOM   1006 O O   . GLU A 1 122 ? -9.571  -11.897 -9.015  1.00 15.86 ? 163 GLU A O   1 
ATOM   1007 C CB  . GLU A 1 122 ? -11.378 -12.077 -11.371 1.00 22.69 ? 163 GLU A CB  1 
ATOM   1008 C CG  . GLU A 1 122 ? -12.557 -13.001 -11.524 1.00 27.70 ? 163 GLU A CG  1 
ATOM   1009 C CD  . GLU A 1 122 ? -12.553 -13.675 -12.876 1.00 29.37 ? 163 GLU A CD  1 
ATOM   1010 O OE1 . GLU A 1 122 ? -13.335 -13.257 -13.764 1.00 38.60 ? 163 GLU A OE1 1 
ATOM   1011 O OE2 . GLU A 1 122 ? -11.745 -14.614 -13.052 1.00 29.24 ? 163 GLU A OE2 1 
ATOM   1012 N N   . LEU A 1 123 ? -11.530 -11.848 -7.903  1.00 17.33 ? 164 LEU A N   1 
ATOM   1013 C CA  . LEU A 1 123 ? -11.010 -12.451 -6.690  1.00 15.78 ? 164 LEU A CA  1 
ATOM   1014 C C   . LEU A 1 123 ? -11.641 -13.820 -6.483  1.00 17.39 ? 164 LEU A C   1 
ATOM   1015 O O   . LEU A 1 123 ? -12.707 -14.111 -7.035  1.00 20.37 ? 164 LEU A O   1 
ATOM   1016 C CB  . LEU A 1 123 ? -11.349 -11.561 -5.484  1.00 16.95 ? 164 LEU A CB  1 
ATOM   1017 C CG  . LEU A 1 123 ? -10.862 -10.105 -5.545  1.00 17.99 ? 164 LEU A CG  1 
ATOM   1018 C CD1 . LEU A 1 123 ? -11.448 -9.286  -4.381  1.00 20.45 ? 164 LEU A CD1 1 
ATOM   1019 C CD2 . LEU A 1 123 ? -9.343  -10.057 -5.534  1.00 16.25 ? 164 LEU A CD2 1 
ATOM   1020 N N   . PRO A 1 124 ? -11.018 -14.688 -5.693  1.00 17.23 ? 165 PRO A N   1 
ATOM   1021 C CA  . PRO A 1 124 ? -11.665 -15.969 -5.377  1.00 21.59 ? 165 PRO A CA  1 
ATOM   1022 C C   . PRO A 1 124 ? -12.945 -15.751 -4.581  1.00 21.78 ? 165 PRO A C   1 
ATOM   1023 O O   . PRO A 1 124 ? -13.158 -14.710 -3.958  1.00 18.56 ? 165 PRO A O   1 
ATOM   1024 C CB  . PRO A 1 124 ? -10.615 -16.712 -4.545  1.00 20.62 ? 165 PRO A CB  1 
ATOM   1025 C CG  . PRO A 1 124 ? -9.677  -15.652 -4.072  1.00 21.38 ? 165 PRO A CG  1 
ATOM   1026 C CD  . PRO A 1 124 ? -9.671  -14.583 -5.109  1.00 17.07 ? 165 PRO A CD  1 
ATOM   1027 N N   . THR A 1 125 ? -13.820 -16.749 -4.630  1.00 22.09 ? 166 THR A N   1 
ATOM   1028 C CA  . THR A 1 125 ? -15.100 -16.680 -3.926  1.00 26.22 ? 166 THR A CA  1 
ATOM   1029 C C   . THR A 1 125 ? -14.932 -17.111 -2.473  1.00 27.37 ? 166 THR A C   1 
ATOM   1030 O O   . THR A 1 125 ? -14.145 -18.012 -2.179  1.00 30.15 ? 166 THR A O   1 
ATOM   1031 C CB  . THR A 1 125 ? -16.147 -17.588 -4.601  1.00 28.69 ? 166 THR A CB  1 
ATOM   1032 O OG1 . THR A 1 125 ? -15.622 -18.917 -4.714  1.00 31.48 ? 166 THR A OG1 1 
ATOM   1033 C CG2 . THR A 1 125 ? -16.488 -17.070 -5.998  1.00 26.56 ? 166 THR A CG2 1 
HETATM 1034 C C4  . D6U B 2 .   ? 8.290   11.297  -4.215  1.00 18.61 ? 401 D6U A C4  1 
HETATM 1035 C C14 . D6U B 2 .   ? 12.550  5.380   -2.048  1.00 24.91 ? 401 D6U A C14 1 
HETATM 1036 C C5  . D6U B 2 .   ? 9.658   11.696  -4.479  1.00 19.66 ? 401 D6U A C5  1 
HETATM 1037 C C6  . D6U B 2 .   ? 10.789  10.811  -4.191  1.00 22.44 ? 401 D6U A C6  1 
HETATM 1038 C C11 . D6U B 2 .   ? 11.649  7.683   -2.964  1.00 23.97 ? 401 D6U A C11 1 
HETATM 1039 C C7  . D6U B 2 .   ? 6.808   9.339   -3.292  1.00 12.85 ? 401 D6U A C7  1 
HETATM 1040 C C8  . D6U B 2 .   ? 8.418   7.933   -2.827  1.00 17.28 ? 401 D6U A C8  1 
HETATM 1041 C C9  . D6U B 2 .   ? 9.221   6.755   -2.397  1.00 21.63 ? 401 D6U A C9  1 
HETATM 1042 C C10 . D6U B 2 .   ? 10.619  6.726   -2.483  1.00 21.91 ? 401 D6U A C10 1 
HETATM 1043 C C12 . D6U B 2 .   ? 12.929  7.087   -2.809  1.00 25.18 ? 401 D6U A C12 1 
HETATM 1044 C C13 . D6U B 2 .   ? 13.181  6.089   -2.393  1.00 26.95 ? 401 D6U A C13 1 
HETATM 1045 N N1  . D6U B 2 .   ? 7.200   8.160   -2.839  1.00 14.86 ? 401 D6U A N1  1 
HETATM 1046 N N2  . D6U B 2 .   ? 15.691  1.793   -2.681  1.00 33.35 ? 401 D6U A N2  1 
HETATM 1047 C C3  . D6U B 2 .   ? 8.055   10.056  -3.675  1.00 17.33 ? 401 D6U A C3  1 
HETATM 1048 C C1  . D6U B 2 .   ? 10.580  9.542   -3.660  1.00 23.30 ? 401 D6U A C1  1 
HETATM 1049 C C15 . D6U B 2 .   ? 11.359  5.393   -1.966  1.00 20.74 ? 401 D6U A C15 1 
HETATM 1050 C C16 . D6U B 2 .   ? 6.240   7.181   -2.363  1.00 13.67 ? 401 D6U A C16 1 
HETATM 1051 C C17 . D6U B 2 .   ? 12.254  12.614  -4.529  1.00 26.61 ? 401 D6U A C17 1 
HETATM 1052 C C18 . D6U B 2 .   ? 14.430  3.835   -1.943  1.00 29.47 ? 401 D6U A C18 1 
HETATM 1053 C C19 . D6U B 2 .   ? 14.573  2.310   -2.112  1.00 28.29 ? 401 D6U A C19 1 
HETATM 1054 C C2  . D6U B 2 .   ? 9.123   9.250   -3.421  1.00 18.58 ? 401 D6U A C2  1 
HETATM 1055 C C20 . D6U B 2 .   ? 15.826  0.465   -2.841  1.00 32.32 ? 401 D6U A C20 1 
HETATM 1056 C C21 . D6U B 2 .   ? 14.835  -0.399  -2.422  1.00 30.07 ? 401 D6U A C21 1 
HETATM 1057 C C22 . D6U B 2 .   ? 13.706  0.091   -1.846  1.00 29.69 ? 401 D6U A C22 1 
HETATM 1058 C C23 . D6U B 2 .   ? 13.558  1.447   -1.683  1.00 29.82 ? 401 D6U A C23 1 
HETATM 1059 O O1  . D6U B 2 .   ? 11.571  8.727   -3.393  1.00 31.12 ? 401 D6U A O1  1 
HETATM 1060 O O2  . D6U B 2 .   ? 5.699   9.747   -3.382  1.00 14.41 ? 401 D6U A O2  1 
HETATM 1061 O O3  . D6U B 2 .   ? 12.097  11.222  -4.464  1.00 27.87 ? 401 D6U A O3  1 
HETATM 1062 O O4  . D6U B 2 .   ? 13.108  4.171   -1.583  1.00 28.12 ? 401 D6U A O4  1 
HETATM 1063 C C   . FMT C 3 .   ? -9.002  -12.542 16.400  1.00 20.08 ? 402 FMT A C   1 
HETATM 1064 O O1  . FMT C 3 .   ? -9.580  -11.452 16.445  1.00 17.61 ? 402 FMT A O1  1 
HETATM 1065 O O2  . FMT C 3 .   ? -9.513  -13.597 16.009  1.00 23.05 ? 402 FMT A O2  1 
HETATM 1066 C C   . FMT D 3 .   ? -13.563 -11.034 2.232   1.00 18.07 ? 403 FMT A C   1 
HETATM 1067 O O1  . FMT D 3 .   ? -12.375 -10.813 2.461   1.00 14.98 ? 403 FMT A O1  1 
HETATM 1068 O O2  . FMT D 3 .   ? -14.304 -10.225 1.674   1.00 20.76 ? 403 FMT A O2  1 
HETATM 1069 O O   . HOH E 4 .   ? -7.572  -11.622 -10.040 1.00 9.37  ? 501 HOH A O   1 
HETATM 1070 O O   . HOH E 4 .   ? -6.142  -7.377  15.876  1.00 13.32 ? 502 HOH A O   1 
HETATM 1071 O O   . HOH E 4 .   ? 0.459   17.654  -5.502  1.00 12.85 ? 503 HOH A O   1 
HETATM 1072 O O   . HOH E 4 .   ? 4.274   21.463  9.876   1.00 20.48 ? 504 HOH A O   1 
HETATM 1073 O O   . HOH E 4 .   ? 9.379   -2.702  3.789   1.00 26.01 ? 505 HOH A O   1 
HETATM 1074 O O   . HOH E 4 .   ? -14.227 -8.332  -1.718  1.00 27.65 ? 506 HOH A O   1 
HETATM 1075 O O   . HOH E 4 .   ? -7.738  -0.537  8.036   1.00 24.15 ? 507 HOH A O   1 
HETATM 1076 O O   . HOH E 4 .   ? 8.895   12.081  -15.851 1.00 17.74 ? 508 HOH A O   1 
HETATM 1077 O O   . HOH E 4 .   ? -1.923  10.437  -12.531 1.00 22.09 ? 509 HOH A O   1 
HETATM 1078 O O   . HOH E 4 .   ? -11.508 -14.698 -15.592 1.00 19.81 ? 510 HOH A O   1 
HETATM 1079 O O   . HOH E 4 .   ? 3.363   9.200   -1.723  1.00 12.68 ? 511 HOH A O   1 
HETATM 1080 O O   . HOH E 4 .   ? 11.012  3.415   5.596   1.00 18.90 ? 512 HOH A O   1 
HETATM 1081 O O   . HOH E 4 .   ? 0.973   11.608  -14.870 1.00 21.36 ? 513 HOH A O   1 
HETATM 1082 O O   . HOH E 4 .   ? -4.895  9.308   0.092   1.00 20.19 ? 514 HOH A O   1 
HETATM 1083 O O   . HOH E 4 .   ? 2.959   6.870   9.510   1.00 18.98 ? 515 HOH A O   1 
HETATM 1084 O O   . HOH E 4 .   ? 5.820   16.704  -13.723 1.00 23.09 ? 516 HOH A O   1 
HETATM 1085 O O   . HOH E 4 .   ? 18.044  9.560   0.191   1.00 21.43 ? 517 HOH A O   1 
HETATM 1086 O O   . HOH E 4 .   ? -1.256  -0.128  17.413  1.00 26.74 ? 518 HOH A O   1 
HETATM 1087 O O   . HOH E 4 .   ? -6.808  7.482   1.568   1.00 25.75 ? 519 HOH A O   1 
HETATM 1088 O O   . HOH E 4 .   ? -1.958  5.709   7.608   1.00 19.96 ? 520 HOH A O   1 
HETATM 1089 O O   . HOH E 4 .   ? -10.939 -5.582  11.797  1.00 18.95 ? 521 HOH A O   1 
HETATM 1090 O O   . HOH E 4 .   ? -13.030 -16.947 2.320   1.00 24.93 ? 522 HOH A O   1 
HETATM 1091 O O   . HOH E 4 .   ? -8.318  -10.309 -11.898 1.00 15.52 ? 523 HOH A O   1 
HETATM 1092 O O   . HOH E 4 .   ? 3.324   4.801   -16.337 1.00 20.69 ? 524 HOH A O   1 
HETATM 1093 O O   . HOH E 4 .   ? 3.797   5.075   -0.161  1.00 13.50 ? 525 HOH A O   1 
HETATM 1094 O O   . HOH E 4 .   ? 0.842   -1.361  -15.708 1.00 17.65 ? 526 HOH A O   1 
HETATM 1095 O O   . HOH E 4 .   ? -9.153  -15.380 -13.254 1.00 26.12 ? 527 HOH A O   1 
HETATM 1096 O O   . HOH E 4 .   ? 3.521   4.352   5.249   1.00 13.17 ? 528 HOH A O   1 
HETATM 1097 O O   . HOH E 4 .   ? 4.246   0.131   9.085   1.00 15.86 ? 529 HOH A O   1 
HETATM 1098 O O   . HOH E 4 .   ? -10.354 -4.195  -10.797 1.00 13.93 ? 530 HOH A O   1 
HETATM 1099 O O   . HOH E 4 .   ? -6.213  3.328   3.939   1.00 16.18 ? 531 HOH A O   1 
HETATM 1100 O O   . HOH E 4 .   ? 10.198  18.535  8.307   1.00 24.97 ? 532 HOH A O   1 
HETATM 1101 O O   . HOH E 4 .   ? -16.830 -9.268  4.625   1.00 26.62 ? 533 HOH A O   1 
HETATM 1102 O O   . HOH E 4 .   ? 2.342   7.126   1.730   1.00 13.51 ? 534 HOH A O   1 
HETATM 1103 O O   . HOH E 4 .   ? 9.223   6.885   7.869   1.00 21.91 ? 535 HOH A O   1 
HETATM 1104 O O   . HOH E 4 .   ? 1.136   -13.876 -10.090 1.00 19.60 ? 536 HOH A O   1 
HETATM 1105 O O   . HOH E 4 .   ? -1.343  3.336   12.587  1.00 23.59 ? 537 HOH A O   1 
HETATM 1106 O O   . HOH E 4 .   ? -5.337  1.930   7.251   1.00 21.63 ? 538 HOH A O   1 
HETATM 1107 O O   . HOH E 4 .   ? 2.652   6.515   -2.109  1.00 12.84 ? 539 HOH A O   1 
HETATM 1108 O O   . HOH E 4 .   ? 6.322   4.357   0.014   1.00 11.63 ? 540 HOH A O   1 
HETATM 1109 O O   . HOH E 4 .   ? -4.460  -17.643 -2.599  1.00 25.36 ? 541 HOH A O   1 
HETATM 1110 O O   . HOH E 4 .   ? -8.596  4.329   0.168   1.00 22.67 ? 542 HOH A O   1 
HETATM 1111 O O   . HOH E 4 .   ? 8.046   13.790  -7.753  1.00 20.74 ? 543 HOH A O   1 
HETATM 1112 O O   . HOH E 4 .   ? -12.886 -14.326 0.662   1.00 21.68 ? 544 HOH A O   1 
HETATM 1113 O O   . HOH E 4 .   ? 11.810  10.454  -17.181 1.00 16.80 ? 545 HOH A O   1 
HETATM 1114 O O   . HOH E 4 .   ? 6.866   6.368   9.295   1.00 17.85 ? 546 HOH A O   1 
HETATM 1115 O O   . HOH E 4 .   ? -6.373  -9.831  7.390   1.00 17.32 ? 547 HOH A O   1 
HETATM 1116 O O   . HOH E 4 .   ? -14.299 -11.227 -7.812  1.00 23.08 ? 548 HOH A O   1 
HETATM 1117 O O   . HOH E 4 .   ? -1.720  -14.272 6.871   1.00 25.63 ? 549 HOH A O   1 
HETATM 1118 O O   . HOH E 4 .   ? 11.116  -2.559  -7.841  1.00 17.55 ? 550 HOH A O   1 
HETATM 1119 O O   . HOH E 4 .   ? -4.207  6.472   -12.041 1.00 25.07 ? 551 HOH A O   1 
HETATM 1120 O O   . HOH E 4 .   ? 7.607   15.297  6.709   1.00 21.00 ? 552 HOH A O   1 
HETATM 1121 O O   . HOH E 4 .   ? -6.956  -6.792  13.589  1.00 18.63 ? 553 HOH A O   1 
HETATM 1122 O O   . HOH E 4 .   ? -7.918  0.266   5.286   1.00 17.98 ? 554 HOH A O   1 
HETATM 1123 O O   . HOH E 4 .   ? 1.625   -15.975 0.727   1.00 26.72 ? 555 HOH A O   1 
HETATM 1124 O O   . HOH E 4 .   ? -3.392  -12.652 3.781   1.00 19.68 ? 556 HOH A O   1 
HETATM 1125 O O   . HOH E 4 .   ? -6.225  -18.732 -5.421  1.00 27.50 ? 557 HOH A O   1 
HETATM 1126 O O   . HOH E 4 .   ? 12.341  -7.117  -1.438  1.00 26.58 ? 558 HOH A O   1 
HETATM 1127 O O   . HOH E 4 .   ? 4.661   6.231   7.310   1.00 14.63 ? 559 HOH A O   1 
HETATM 1128 O O   . HOH E 4 .   ? 11.738  5.715   2.195   1.00 19.82 ? 560 HOH A O   1 
HETATM 1129 O O   . HOH E 4 .   ? 2.090   -2.257  14.966  1.00 18.99 ? 561 HOH A O   1 
HETATM 1130 O O   . HOH E 4 .   ? -2.385  -8.256  13.168  1.00 19.10 ? 562 HOH A O   1 
HETATM 1131 O O   . HOH E 4 .   ? -6.554  0.716   9.964   1.00 26.72 ? 563 HOH A O   1 
HETATM 1132 O O   . HOH E 4 .   ? -3.142  11.181  2.983   1.00 17.82 ? 564 HOH A O   1 
HETATM 1133 O O   . HOH E 4 .   ? -14.318 -7.359  1.062   1.00 16.10 ? 565 HOH A O   1 
HETATM 1134 O O   . HOH E 4 .   ? 9.381   11.733  -9.393  1.00 15.49 ? 566 HOH A O   1 
HETATM 1135 O O   . HOH E 4 .   ? 8.305   17.959  -10.867 1.00 30.37 ? 567 HOH A O   1 
HETATM 1136 O O   . HOH E 4 .   ? -4.860  -11.901 6.038   1.00 20.14 ? 568 HOH A O   1 
HETATM 1137 O O   . HOH E 4 .   ? 4.155   -0.580  12.872  1.00 26.44 ? 569 HOH A O   1 
HETATM 1138 O O   . HOH E 4 .   ? -3.366  13.669  3.465   1.00 20.87 ? 570 HOH A O   1 
HETATM 1139 O O   . HOH E 4 .   ? 4.629   5.930   3.328   1.00 12.27 ? 571 HOH A O   1 
HETATM 1140 O O   . HOH E 4 .   ? 3.613   -2.406  -16.327 1.00 25.62 ? 572 HOH A O   1 
HETATM 1141 O O   . HOH E 4 .   ? 9.754   4.889   0.620   1.00 20.69 ? 573 HOH A O   1 
HETATM 1142 O O   . HOH E 4 .   ? 0.817   3.653   -17.425 1.00 23.96 ? 574 HOH A O   1 
HETATM 1143 O O   . HOH E 4 .   ? -14.243 -2.909  4.647   1.00 25.17 ? 575 HOH A O   1 
HETATM 1144 O O   . HOH E 4 .   ? 10.054  13.526  -11.895 1.00 19.96 ? 576 HOH A O   1 
HETATM 1145 O O   . HOH E 4 .   ? -2.477  -15.104 4.275   1.00 27.38 ? 577 HOH A O   1 
HETATM 1146 O O   . HOH E 4 .   ? -7.138  -13.751 -11.523 1.00 24.67 ? 578 HOH A O   1 
HETATM 1147 O O   . HOH E 4 .   ? 2.742   22.398  -13.015 1.00 29.53 ? 579 HOH A O   1 
HETATM 1148 O O   . HOH E 4 .   ? -17.822 -12.414 4.972   1.00 30.62 ? 580 HOH A O   1 
HETATM 1149 O O   . HOH E 4 .   ? 20.629  3.508   1.406   1.00 27.30 ? 581 HOH A O   1 
HETATM 1150 O O   . HOH E 4 .   ? -11.151 -15.811 10.391  1.00 20.41 ? 582 HOH A O   1 
HETATM 1151 O O   . HOH E 4 .   ? -5.656  -11.963 -11.806 1.00 22.28 ? 583 HOH A O   1 
HETATM 1152 O O   . HOH E 4 .   ? -16.500 -3.411  4.055   1.00 31.47 ? 584 HOH A O   1 
HETATM 1153 O O   . HOH E 4 .   ? 7.486   -5.257  -14.470 1.00 33.01 ? 585 HOH A O   1 
HETATM 1154 O O   . HOH E 4 .   ? -2.708  -9.461  -14.384 1.00 25.95 ? 586 HOH A O   1 
HETATM 1155 O O   . HOH E 4 .   ? -19.058 -9.189  7.765   1.00 23.11 ? 587 HOH A O   1 
HETATM 1156 O O   . HOH E 4 .   ? -5.050  -10.389 -14.713 1.00 27.19 ? 588 HOH A O   1 
HETATM 1157 O O   . HOH E 4 .   ? -16.768 -6.097  1.286   1.00 27.65 ? 589 HOH A O   1 
HETATM 1158 O O   . HOH E 4 .   ? 6.093   -5.522  -16.458 1.00 28.95 ? 590 HOH A O   1 
HETATM 1159 O O   . HOH E 4 .   ? -3.286  -13.058 -11.481 1.00 23.93 ? 591 HOH A O   1 
HETATM 1160 O O   . HOH E 4 .   ? 3.411   -6.097  -15.291 1.00 26.72 ? 592 HOH A O   1 
HETATM 1161 O O   . HOH E 4 .   ? -4.351  14.084  -7.962  1.00 28.76 ? 593 HOH A O   1 
HETATM 1162 O O   . HOH E 4 .   ? 7.727   -2.061  6.226   1.00 27.22 ? 594 HOH A O   1 
HETATM 1163 O O   . HOH E 4 .   ? -15.289 -12.773 -9.950  1.00 28.42 ? 595 HOH A O   1 
HETATM 1164 O O   . HOH E 4 .   ? -4.913  4.366   6.902   1.00 30.82 ? 596 HOH A O   1 
HETATM 1165 O O   . HOH E 4 .   ? 10.786  5.050   8.172   1.00 26.77 ? 597 HOH A O   1 
HETATM 1166 O O   . HOH E 4 .   ? 1.468   0.647   -17.579 1.00 25.63 ? 598 HOH A O   1 
HETATM 1167 O O   . HOH E 4 .   ? -7.773  -12.596 20.290  1.00 25.19 ? 599 HOH A O   1 
HETATM 1168 O O   . HOH E 4 .   ? 8.428   18.717  -8.350  1.00 27.43 ? 600 HOH A O   1 
# 
loop_
_pdbx_poly_seq_scheme.asym_id 
_pdbx_poly_seq_scheme.entity_id 
_pdbx_poly_seq_scheme.seq_id 
_pdbx_poly_seq_scheme.mon_id 
_pdbx_poly_seq_scheme.ndb_seq_num 
_pdbx_poly_seq_scheme.pdb_seq_num 
_pdbx_poly_seq_scheme.auth_seq_num 
_pdbx_poly_seq_scheme.pdb_mon_id 
_pdbx_poly_seq_scheme.auth_mon_id 
_pdbx_poly_seq_scheme.pdb_strand_id 
_pdbx_poly_seq_scheme.pdb_ins_code 
_pdbx_poly_seq_scheme.hetero 
A 1 1   GLY 1   42  ?   ?   ?   A . n 
A 1 2   SER 2   43  ?   ?   ?   A . n 
A 1 3   ASN 3   44  44  ASN ASN A . n 
A 1 4   PRO 4   45  45  PRO PRO A . n 
A 1 5   PRO 5   46  46  PRO PRO A . n 
A 1 6   PRO 6   47  47  PRO PRO A . n 
A 1 7   PRO 7   48  48  PRO PRO A . n 
A 1 8   GLU 8   49  49  GLU GLU A . n 
A 1 9   THR 9   50  50  THR THR A . n 
A 1 10  SER 10  51  51  SER SER A . n 
A 1 11  ASN 11  52  52  ASN ASN A . n 
A 1 12  PRO 12  53  53  PRO PRO A . n 
A 1 13  ASN 13  54  54  ASN ASN A . n 
A 1 14  LYS 14  55  55  LYS LYS A . n 
A 1 15  PRO 15  56  56  PRO PRO A . n 
A 1 16  LYS 16  57  57  LYS LYS A . n 
A 1 17  ARG 17  58  58  ARG ARG A . n 
A 1 18  GLN 18  59  59  GLN GLN A . n 
A 1 19  THR 19  60  60  THR THR A . n 
A 1 20  ASN 20  61  61  ASN ASN A . n 
A 1 21  GLN 21  62  62  GLN GLN A . n 
A 1 22  LEU 22  63  63  LEU LEU A . n 
A 1 23  GLN 23  64  64  GLN GLN A . n 
A 1 24  TYR 24  65  65  TYR TYR A . n 
A 1 25  LEU 25  66  66  LEU LEU A . n 
A 1 26  LEU 26  67  67  LEU LEU A . n 
A 1 27  ARG 27  68  68  ARG ARG A . n 
A 1 28  VAL 28  69  69  VAL VAL A . n 
A 1 29  VAL 29  70  70  VAL VAL A . n 
A 1 30  LEU 30  71  71  LEU LEU A . n 
A 1 31  LYS 31  72  72  LYS LYS A . n 
A 1 32  THR 32  73  73  THR THR A . n 
A 1 33  LEU 33  74  74  LEU LEU A . n 
A 1 34  TRP 34  75  75  TRP TRP A . n 
A 1 35  LYS 35  76  76  LYS LYS A . n 
A 1 36  HIS 36  77  77  HIS HIS A . n 
A 1 37  GLN 37  78  78  GLN GLN A . n 
A 1 38  PHE 38  79  79  PHE PHE A . n 
A 1 39  ALA 39  80  80  ALA ALA A . n 
A 1 40  TRP 40  81  81  TRP TRP A . n 
A 1 41  PRO 41  82  82  PRO PRO A . n 
A 1 42  PHE 42  83  83  PHE PHE A . n 
A 1 43  GLN 43  84  84  GLN GLN A . n 
A 1 44  GLN 44  85  85  GLN GLN A . n 
A 1 45  PRO 45  86  86  PRO PRO A . n 
A 1 46  VAL 46  87  87  VAL VAL A . n 
A 1 47  ASP 47  88  88  ASP ASP A . n 
A 1 48  ALA 48  89  89  ALA ALA A . n 
A 1 49  VAL 49  90  90  VAL VAL A . n 
A 1 50  LYS 50  91  91  LYS LYS A . n 
A 1 51  LEU 51  92  92  LEU LEU A . n 
A 1 52  ASN 52  93  93  ASN ASN A . n 
A 1 53  LEU 53  94  94  LEU LEU A . n 
A 1 54  PRO 54  95  95  PRO PRO A . n 
A 1 55  ASP 55  96  96  ASP ASP A . n 
A 1 56  TYR 56  97  97  TYR TYR A . n 
A 1 57  TYR 57  98  98  TYR TYR A . n 
A 1 58  LYS 58  99  99  LYS LYS A . n 
A 1 59  ILE 59  100 100 ILE ILE A . n 
A 1 60  ILE 60  101 101 ILE ILE A . n 
A 1 61  LYS 61  102 102 LYS LYS A . n 
A 1 62  THR 62  103 103 THR THR A . n 
A 1 63  PRO 63  104 104 PRO PRO A . n 
A 1 64  MET 64  105 105 MET MET A . n 
A 1 65  ASP 65  106 106 ASP ASP A . n 
A 1 66  MET 66  107 107 MET MET A . n 
A 1 67  GLY 67  108 108 GLY GLY A . n 
A 1 68  THR 68  109 109 THR THR A . n 
A 1 69  ILE 69  110 110 ILE ILE A . n 
A 1 70  LYS 70  111 111 LYS LYS A . n 
A 1 71  LYS 71  112 112 LYS LYS A . n 
A 1 72  ARG 72  113 113 ARG ARG A . n 
A 1 73  LEU 73  114 114 LEU LEU A . n 
A 1 74  GLU 74  115 115 GLU GLU A . n 
A 1 75  ASN 75  116 116 ASN ASN A . n 
A 1 76  ASN 76  117 117 ASN ASN A . n 
A 1 77  TYR 77  118 118 TYR TYR A . n 
A 1 78  TYR 78  119 119 TYR TYR A . n 
A 1 79  TRP 79  120 120 TRP TRP A . n 
A 1 80  ASN 80  121 121 ASN ASN A . n 
A 1 81  ALA 81  122 122 ALA ALA A . n 
A 1 82  GLN 82  123 123 GLN GLN A . n 
A 1 83  GLU 83  124 124 GLU GLU A . n 
A 1 84  CYS 84  125 125 CYS CYS A . n 
A 1 85  ILE 85  126 126 ILE ILE A . n 
A 1 86  GLN 86  127 127 GLN GLN A . n 
A 1 87  ASP 87  128 128 ASP ASP A . n 
A 1 88  PHE 88  129 129 PHE PHE A . n 
A 1 89  ASN 89  130 130 ASN ASN A . n 
A 1 90  THR 90  131 131 THR THR A . n 
A 1 91  MET 91  132 132 MET MET A . n 
A 1 92  PHE 92  133 133 PHE PHE A . n 
A 1 93  THR 93  134 134 THR THR A . n 
A 1 94  ASN 94  135 135 ASN ASN A . n 
A 1 95  CYS 95  136 136 CYS CYS A . n 
A 1 96  TYR 96  137 137 TYR TYR A . n 
A 1 97  ILE 97  138 138 ILE ILE A . n 
A 1 98  TYR 98  139 139 TYR TYR A . n 
A 1 99  ASN 99  140 140 ASN ASN A . n 
A 1 100 LYS 100 141 141 LYS LYS A . n 
A 1 101 PRO 101 142 142 PRO PRO A . n 
A 1 102 GLY 102 143 143 GLY GLY A . n 
A 1 103 ASP 103 144 144 ASP ASP A . n 
A 1 104 ASP 104 145 145 ASP ASP A . n 
A 1 105 ILE 105 146 146 ILE ILE A . n 
A 1 106 VAL 106 147 147 VAL VAL A . n 
A 1 107 LEU 107 148 148 LEU LEU A . n 
A 1 108 MET 108 149 149 MET MET A . n 
A 1 109 ALA 109 150 150 ALA ALA A . n 
A 1 110 GLU 110 151 151 GLU GLU A . n 
A 1 111 ALA 111 152 152 ALA ALA A . n 
A 1 112 LEU 112 153 153 LEU LEU A . n 
A 1 113 GLU 113 154 154 GLU GLU A . n 
A 1 114 LYS 114 155 155 LYS LYS A . n 
A 1 115 LEU 115 156 156 LEU LEU A . n 
A 1 116 PHE 116 157 157 PHE PHE A . n 
A 1 117 LEU 117 158 158 LEU LEU A . n 
A 1 118 GLN 118 159 159 GLN GLN A . n 
A 1 119 LYS 119 160 160 LYS LYS A . n 
A 1 120 ILE 120 161 161 ILE ILE A . n 
A 1 121 ASN 121 162 162 ASN ASN A . n 
A 1 122 GLU 122 163 163 GLU GLU A . n 
A 1 123 LEU 123 164 164 LEU LEU A . n 
A 1 124 PRO 124 165 165 PRO PRO A . n 
A 1 125 THR 125 166 166 THR THR A . n 
A 1 126 GLU 126 167 ?   ?   ?   A . n 
A 1 127 GLU 127 168 ?   ?   ?   A . n 
# 
loop_
_pdbx_nonpoly_scheme.asym_id 
_pdbx_nonpoly_scheme.entity_id 
_pdbx_nonpoly_scheme.mon_id 
_pdbx_nonpoly_scheme.ndb_seq_num 
_pdbx_nonpoly_scheme.pdb_seq_num 
_pdbx_nonpoly_scheme.auth_seq_num 
_pdbx_nonpoly_scheme.pdb_mon_id 
_pdbx_nonpoly_scheme.auth_mon_id 
_pdbx_nonpoly_scheme.pdb_strand_id 
_pdbx_nonpoly_scheme.pdb_ins_code 
B 2 D6U 1   401 401 D6U DRG A . 
C 3 FMT 1   402 701 FMT FMT A . 
D 3 FMT 1   403 801 FMT FMT A . 
E 4 HOH 1   501 80  HOH HOH A . 
E 4 HOH 2   502 66  HOH HOH A . 
E 4 HOH 3   503 82  HOH HOH A . 
E 4 HOH 4   504 102 HOH HOH A . 
E 4 HOH 5   505 110 HOH HOH A . 
E 4 HOH 6   506 85  HOH HOH A . 
E 4 HOH 7   507 91  HOH HOH A . 
E 4 HOH 8   508 67  HOH HOH A . 
E 4 HOH 9   509 50  HOH HOH A . 
E 4 HOH 10  510 21  HOH HOH A . 
E 4 HOH 11  511 15  HOH HOH A . 
E 4 HOH 12  512 45  HOH HOH A . 
E 4 HOH 13  513 40  HOH HOH A . 
E 4 HOH 14  514 43  HOH HOH A . 
E 4 HOH 15  515 27  HOH HOH A . 
E 4 HOH 16  516 63  HOH HOH A . 
E 4 HOH 17  517 56  HOH HOH A . 
E 4 HOH 18  518 108 HOH HOH A . 
E 4 HOH 19  519 54  HOH HOH A . 
E 4 HOH 20  520 33  HOH HOH A . 
E 4 HOH 21  521 35  HOH HOH A . 
E 4 HOH 22  522 86  HOH HOH A . 
E 4 HOH 23  523 9   HOH HOH A . 
E 4 HOH 24  524 26  HOH HOH A . 
E 4 HOH 25  525 16  HOH HOH A . 
E 4 HOH 26  526 22  HOH HOH A . 
E 4 HOH 27  527 112 HOH HOH A . 
E 4 HOH 28  528 5   HOH HOH A . 
E 4 HOH 29  529 19  HOH HOH A . 
E 4 HOH 30  530 7   HOH HOH A . 
E 4 HOH 31  531 20  HOH HOH A . 
E 4 HOH 32  532 89  HOH HOH A . 
E 4 HOH 33  533 51  HOH HOH A . 
E 4 HOH 34  534 13  HOH HOH A . 
E 4 HOH 35  535 37  HOH HOH A . 
E 4 HOH 36  536 41  HOH HOH A . 
E 4 HOH 37  537 39  HOH HOH A . 
E 4 HOH 38  538 47  HOH HOH A . 
E 4 HOH 39  539 10  HOH HOH A . 
E 4 HOH 40  540 3   HOH HOH A . 
E 4 HOH 41  541 87  HOH HOH A . 
E 4 HOH 42  542 88  HOH HOH A . 
E 4 HOH 43  543 52  HOH HOH A . 
E 4 HOH 44  544 98  HOH HOH A . 
E 4 HOH 45  545 23  HOH HOH A . 
E 4 HOH 46  546 28  HOH HOH A . 
E 4 HOH 47  547 30  HOH HOH A . 
E 4 HOH 48  548 81  HOH HOH A . 
E 4 HOH 49  549 106 HOH HOH A . 
E 4 HOH 50  550 11  HOH HOH A . 
E 4 HOH 51  551 94  HOH HOH A . 
E 4 HOH 52  552 38  HOH HOH A . 
E 4 HOH 53  553 36  HOH HOH A . 
E 4 HOH 54  554 8   HOH HOH A . 
E 4 HOH 55  555 101 HOH HOH A . 
E 4 HOH 56  556 49  HOH HOH A . 
E 4 HOH 57  557 97  HOH HOH A . 
E 4 HOH 58  558 61  HOH HOH A . 
E 4 HOH 59  559 12  HOH HOH A . 
E 4 HOH 60  560 58  HOH HOH A . 
E 4 HOH 61  561 18  HOH HOH A . 
E 4 HOH 62  562 44  HOH HOH A . 
E 4 HOH 63  563 48  HOH HOH A . 
E 4 HOH 64  564 73  HOH HOH A . 
E 4 HOH 65  565 6   HOH HOH A . 
E 4 HOH 66  566 14  HOH HOH A . 
E 4 HOH 67  567 104 HOH HOH A . 
E 4 HOH 68  568 17  HOH HOH A . 
E 4 HOH 69  569 57  HOH HOH A . 
E 4 HOH 70  570 74  HOH HOH A . 
E 4 HOH 71  571 4   HOH HOH A . 
E 4 HOH 72  572 55  HOH HOH A . 
E 4 HOH 73  573 31  HOH HOH A . 
E 4 HOH 74  574 79  HOH HOH A . 
E 4 HOH 75  575 116 HOH HOH A . 
E 4 HOH 76  576 29  HOH HOH A . 
E 4 HOH 77  577 107 HOH HOH A . 
E 4 HOH 78  578 53  HOH HOH A . 
E 4 HOH 79  579 72  HOH HOH A . 
E 4 HOH 80  580 99  HOH HOH A . 
E 4 HOH 81  581 105 HOH HOH A . 
E 4 HOH 82  582 75  HOH HOH A . 
E 4 HOH 83  583 62  HOH HOH A . 
E 4 HOH 84  584 34  HOH HOH A . 
E 4 HOH 85  585 24  HOH HOH A . 
E 4 HOH 86  586 93  HOH HOH A . 
E 4 HOH 87  587 65  HOH HOH A . 
E 4 HOH 88  588 92  HOH HOH A . 
E 4 HOH 89  589 90  HOH HOH A . 
E 4 HOH 90  590 69  HOH HOH A . 
E 4 HOH 91  591 111 HOH HOH A . 
E 4 HOH 92  592 95  HOH HOH A . 
E 4 HOH 93  593 113 HOH HOH A . 
E 4 HOH 94  594 109 HOH HOH A . 
E 4 HOH 95  595 117 HOH HOH A . 
E 4 HOH 96  596 76  HOH HOH A . 
E 4 HOH 97  597 60  HOH HOH A . 
E 4 HOH 98  598 100 HOH HOH A . 
E 4 HOH 99  599 96  HOH HOH A . 
E 4 HOH 100 600 103 HOH HOH A . 
# 
_pdbx_struct_assembly.id                   1 
_pdbx_struct_assembly.details              author_and_software_defined_assembly 
_pdbx_struct_assembly.method_details       PISA 
_pdbx_struct_assembly.oligomeric_details   monomeric 
_pdbx_struct_assembly.oligomeric_count     1 
# 
_pdbx_struct_assembly_gen.assembly_id       1 
_pdbx_struct_assembly_gen.oper_expression   1 
_pdbx_struct_assembly_gen.asym_id_list      A,B,C,D,E 
# 
loop_
_pdbx_struct_assembly_prop.biol_id 
_pdbx_struct_assembly_prop.type 
_pdbx_struct_assembly_prop.value 
_pdbx_struct_assembly_prop.details 
1 'ABSA (A^2)' 160  ? 
1 MORE         -0   ? 
1 'SSA (A^2)'  7320 ? 
# 
_pdbx_struct_oper_list.id                   1 
_pdbx_struct_oper_list.type                 'identity operation' 
_pdbx_struct_oper_list.name                 1_555 
_pdbx_struct_oper_list.symmetry_operation   x,y,z 
_pdbx_struct_oper_list.matrix[1][1]         1.0000000000 
_pdbx_struct_oper_list.matrix[1][2]         0.0000000000 
_pdbx_struct_oper_list.matrix[1][3]         0.0000000000 
_pdbx_struct_oper_list.vector[1]            0.0000000000 
_pdbx_struct_oper_list.matrix[2][1]         0.0000000000 
_pdbx_struct_oper_list.matrix[2][2]         1.0000000000 
_pdbx_struct_oper_list.matrix[2][3]         0.0000000000 
_pdbx_struct_oper_list.vector[2]            0.0000000000 
_pdbx_struct_oper_list.matrix[3][1]         0.0000000000 
_pdbx_struct_oper_list.matrix[3][2]         0.0000000000 
_pdbx_struct_oper_list.matrix[3][3]         1.0000000000 
_pdbx_struct_oper_list.vector[3]            0.0000000000 
# 
loop_
_pdbx_audit_revision_history.ordinal 
_pdbx_audit_revision_history.data_content_type 
_pdbx_audit_revision_history.major_revision 
_pdbx_audit_revision_history.minor_revision 
_pdbx_audit_revision_history.revision_date 
1 'Structure model' 1 0 2020-07-08 
2 'Structure model' 1 1 2021-03-31 
3 'Structure model' 1 2 2021-04-21 
4 'Structure model' 1 3 2023-11-22 
# 
_pdbx_audit_revision_details.ordinal             1 
_pdbx_audit_revision_details.revision_ordinal    1 
_pdbx_audit_revision_details.data_content_type   'Structure model' 
_pdbx_audit_revision_details.provider            repository 
_pdbx_audit_revision_details.type                'Initial release' 
_pdbx_audit_revision_details.description         ? 
_pdbx_audit_revision_details.details             ? 
# 
loop_
_pdbx_audit_revision_group.ordinal 
_pdbx_audit_revision_group.revision_ordinal 
_pdbx_audit_revision_group.data_content_type 
_pdbx_audit_revision_group.group 
1 2 'Structure model' 'Database references'    
2 3 'Structure model' 'Database references'    
3 4 'Structure model' 'Data collection'        
4 4 'Structure model' 'Database references'    
5 4 'Structure model' 'Refinement description' 
# 
loop_
_pdbx_audit_revision_category.ordinal 
_pdbx_audit_revision_category.revision_ordinal 
_pdbx_audit_revision_category.data_content_type 
_pdbx_audit_revision_category.category 
1 2 'Structure model' citation                      
2 2 'Structure model' citation_author               
3 3 'Structure model' citation                      
4 3 'Structure model' citation_author               
5 4 'Structure model' chem_comp_atom                
6 4 'Structure model' chem_comp_bond                
7 4 'Structure model' database_2                    
8 4 'Structure model' pdbx_initial_refinement_model 
# 
loop_
_pdbx_audit_revision_item.ordinal 
_pdbx_audit_revision_item.revision_ordinal 
_pdbx_audit_revision_item.data_content_type 
_pdbx_audit_revision_item.item 
1  2 'Structure model' '_citation.country'                   
2  2 'Structure model' '_citation.journal_abbrev'            
3  2 'Structure model' '_citation.journal_id_CSD'            
4  2 'Structure model' '_citation.journal_id_ISSN'           
5  2 'Structure model' '_citation.pdbx_database_id_DOI'      
6  2 'Structure model' '_citation.title'                     
7  2 'Structure model' '_citation.year'                      
8  3 'Structure model' '_citation.journal_volume'            
9  3 'Structure model' '_citation.pdbx_database_id_PubMed'   
10 3 'Structure model' '_citation_author.name'               
11 4 'Structure model' '_database_2.pdbx_DOI'                
12 4 'Structure model' '_database_2.pdbx_database_accession' 
# 
loop_
_software.citation_id 
_software.classification 
_software.compiler_name 
_software.compiler_version 
_software.contact_author 
_software.contact_author_email 
_software.date 
_software.description 
_software.dependencies 
_software.hardware 
_software.language 
_software.location 
_software.mods 
_software.name 
_software.os 
_software.os_version 
_software.type 
_software.version 
_software.pdbx_ordinal 
? refinement        ? ? ? ? ? ? ? ? ? ? ? PHENIX      ? ? ? 1.14_3260 1 
? 'data extraction' ? ? ? ? ? ? ? ? ? ? ? PDB_EXTRACT ? ? ? 3.25      2 
? 'data reduction'  ? ? ? ? ? ? ? ? ? ? ? HKL-2000    ? ? ? .         3 
? 'data scaling'    ? ? ? ? ? ? ? ? ? ? ? HKL-2000    ? ? ? .         4 
? phasing           ? ? ? ? ? ? ? ? ? ? ? PHASER      ? ? ? .         5 
# 
_pdbx_entry_details.entry_id                 6KEI 
_pdbx_entry_details.has_ligand_of_interest   Y 
_pdbx_entry_details.compound_details         ? 
_pdbx_entry_details.source_details           ? 
_pdbx_entry_details.nonpolymer_details       ? 
_pdbx_entry_details.sequence_details         ? 
# 
loop_
_pdbx_validate_torsion.id 
_pdbx_validate_torsion.PDB_model_num 
_pdbx_validate_torsion.auth_comp_id 
_pdbx_validate_torsion.auth_asym_id 
_pdbx_validate_torsion.auth_seq_id 
_pdbx_validate_torsion.PDB_ins_code 
_pdbx_validate_torsion.label_alt_id 
_pdbx_validate_torsion.phi 
_pdbx_validate_torsion.psi 
1 1 ASN A 52  ? ? -161.13 105.89  
2 1 ASN A 140 ? ? -111.78 -153.96 
# 
loop_
_pdbx_unobs_or_zero_occ_residues.id 
_pdbx_unobs_or_zero_occ_residues.PDB_model_num 
_pdbx_unobs_or_zero_occ_residues.polymer_flag 
_pdbx_unobs_or_zero_occ_residues.occupancy_flag 
_pdbx_unobs_or_zero_occ_residues.auth_asym_id 
_pdbx_unobs_or_zero_occ_residues.auth_comp_id 
_pdbx_unobs_or_zero_occ_residues.auth_seq_id 
_pdbx_unobs_or_zero_occ_residues.PDB_ins_code 
_pdbx_unobs_or_zero_occ_residues.label_asym_id 
_pdbx_unobs_or_zero_occ_residues.label_comp_id 
_pdbx_unobs_or_zero_occ_residues.label_seq_id 
1 1 Y 1 A GLY 42  ? A GLY 1   
2 1 Y 1 A SER 43  ? A SER 2   
3 1 Y 1 A GLU 167 ? A GLU 126 
4 1 Y 1 A GLU 168 ? A GLU 127 
# 
loop_
_chem_comp_atom.comp_id 
_chem_comp_atom.atom_id 
_chem_comp_atom.type_symbol 
_chem_comp_atom.pdbx_aromatic_flag 
_chem_comp_atom.pdbx_stereo_config 
_chem_comp_atom.pdbx_ordinal 
ALA N    N N N 1   
ALA CA   C N S 2   
ALA C    C N N 3   
ALA O    O N N 4   
ALA CB   C N N 5   
ALA OXT  O N N 6   
ALA H    H N N 7   
ALA H2   H N N 8   
ALA HA   H N N 9   
ALA HB1  H N N 10  
ALA HB2  H N N 11  
ALA HB3  H N N 12  
ALA HXT  H N N 13  
ARG N    N N N 14  
ARG CA   C N S 15  
ARG C    C N N 16  
ARG O    O N N 17  
ARG CB   C N N 18  
ARG CG   C N N 19  
ARG CD   C N N 20  
ARG NE   N N N 21  
ARG CZ   C N N 22  
ARG NH1  N N N 23  
ARG NH2  N N N 24  
ARG OXT  O N N 25  
ARG H    H N N 26  
ARG H2   H N N 27  
ARG HA   H N N 28  
ARG HB2  H N N 29  
ARG HB3  H N N 30  
ARG HG2  H N N 31  
ARG HG3  H N N 32  
ARG HD2  H N N 33  
ARG HD3  H N N 34  
ARG HE   H N N 35  
ARG HH11 H N N 36  
ARG HH12 H N N 37  
ARG HH21 H N N 38  
ARG HH22 H N N 39  
ARG HXT  H N N 40  
ASN N    N N N 41  
ASN CA   C N S 42  
ASN C    C N N 43  
ASN O    O N N 44  
ASN CB   C N N 45  
ASN CG   C N N 46  
ASN OD1  O N N 47  
ASN ND2  N N N 48  
ASN OXT  O N N 49  
ASN H    H N N 50  
ASN H2   H N N 51  
ASN HA   H N N 52  
ASN HB2  H N N 53  
ASN HB3  H N N 54  
ASN HD21 H N N 55  
ASN HD22 H N N 56  
ASN HXT  H N N 57  
ASP N    N N N 58  
ASP CA   C N S 59  
ASP C    C N N 60  
ASP O    O N N 61  
ASP CB   C N N 62  
ASP CG   C N N 63  
ASP OD1  O N N 64  
ASP OD2  O N N 65  
ASP OXT  O N N 66  
ASP H    H N N 67  
ASP H2   H N N 68  
ASP HA   H N N 69  
ASP HB2  H N N 70  
ASP HB3  H N N 71  
ASP HD2  H N N 72  
ASP HXT  H N N 73  
CYS N    N N N 74  
CYS CA   C N R 75  
CYS C    C N N 76  
CYS O    O N N 77  
CYS CB   C N N 78  
CYS SG   S N N 79  
CYS OXT  O N N 80  
CYS H    H N N 81  
CYS H2   H N N 82  
CYS HA   H N N 83  
CYS HB2  H N N 84  
CYS HB3  H N N 85  
CYS HG   H N N 86  
CYS HXT  H N N 87  
D6U C4   C Y N 88  
D6U C14  C Y N 89  
D6U C5   C Y N 90  
D6U C6   C Y N 91  
D6U C11  C Y N 92  
D6U C7   C N N 93  
D6U C8   C N N 94  
D6U C9   C N N 95  
D6U C10  C Y N 96  
D6U C12  C Y N 97  
D6U C13  C Y N 98  
D6U N1   N N N 99  
D6U N2   N Y N 100 
D6U C3   C Y N 101 
D6U C1   C Y N 102 
D6U C15  C Y N 103 
D6U C16  C N N 104 
D6U C17  C N N 105 
D6U C18  C N N 106 
D6U C19  C Y N 107 
D6U C2   C Y N 108 
D6U C20  C Y N 109 
D6U C21  C Y N 110 
D6U C22  C Y N 111 
D6U C23  C Y N 112 
D6U O1   O N N 113 
D6U O2   O N N 114 
D6U O3   O N N 115 
D6U O4   O N N 116 
D6U H1   H N N 117 
D6U H2   H N N 118 
D6U H3   H N N 119 
D6U H4   H N N 120 
D6U H5   H N N 121 
D6U H6   H N N 122 
D6U H7   H N N 123 
D6U H8   H N N 124 
D6U H9   H N N 125 
D6U H10  H N N 126 
D6U H11  H N N 127 
D6U H12  H N N 128 
D6U H13  H N N 129 
D6U H14  H N N 130 
D6U H15  H N N 131 
D6U H16  H N N 132 
D6U H17  H N N 133 
D6U H18  H N N 134 
FMT C    C N N 135 
FMT O1   O N N 136 
FMT O2   O N N 137 
FMT H    H N N 138 
FMT HO2  H N N 139 
GLN N    N N N 140 
GLN CA   C N S 141 
GLN C    C N N 142 
GLN O    O N N 143 
GLN CB   C N N 144 
GLN CG   C N N 145 
GLN CD   C N N 146 
GLN OE1  O N N 147 
GLN NE2  N N N 148 
GLN OXT  O N N 149 
GLN H    H N N 150 
GLN H2   H N N 151 
GLN HA   H N N 152 
GLN HB2  H N N 153 
GLN HB3  H N N 154 
GLN HG2  H N N 155 
GLN HG3  H N N 156 
GLN HE21 H N N 157 
GLN HE22 H N N 158 
GLN HXT  H N N 159 
GLU N    N N N 160 
GLU CA   C N S 161 
GLU C    C N N 162 
GLU O    O N N 163 
GLU CB   C N N 164 
GLU CG   C N N 165 
GLU CD   C N N 166 
GLU OE1  O N N 167 
GLU OE2  O N N 168 
GLU OXT  O N N 169 
GLU H    H N N 170 
GLU H2   H N N 171 
GLU HA   H N N 172 
GLU HB2  H N N 173 
GLU HB3  H N N 174 
GLU HG2  H N N 175 
GLU HG3  H N N 176 
GLU HE2  H N N 177 
GLU HXT  H N N 178 
GLY N    N N N 179 
GLY CA   C N N 180 
GLY C    C N N 181 
GLY O    O N N 182 
GLY OXT  O N N 183 
GLY H    H N N 184 
GLY H2   H N N 185 
GLY HA2  H N N 186 
GLY HA3  H N N 187 
GLY HXT  H N N 188 
HIS N    N N N 189 
HIS CA   C N S 190 
HIS C    C N N 191 
HIS O    O N N 192 
HIS CB   C N N 193 
HIS CG   C Y N 194 
HIS ND1  N Y N 195 
HIS CD2  C Y N 196 
HIS CE1  C Y N 197 
HIS NE2  N Y N 198 
HIS OXT  O N N 199 
HIS H    H N N 200 
HIS H2   H N N 201 
HIS HA   H N N 202 
HIS HB2  H N N 203 
HIS HB3  H N N 204 
HIS HD1  H N N 205 
HIS HD2  H N N 206 
HIS HE1  H N N 207 
HIS HE2  H N N 208 
HIS HXT  H N N 209 
HOH O    O N N 210 
HOH H1   H N N 211 
HOH H2   H N N 212 
ILE N    N N N 213 
ILE CA   C N S 214 
ILE C    C N N 215 
ILE O    O N N 216 
ILE CB   C N S 217 
ILE CG1  C N N 218 
ILE CG2  C N N 219 
ILE CD1  C N N 220 
ILE OXT  O N N 221 
ILE H    H N N 222 
ILE H2   H N N 223 
ILE HA   H N N 224 
ILE HB   H N N 225 
ILE HG12 H N N 226 
ILE HG13 H N N 227 
ILE HG21 H N N 228 
ILE HG22 H N N 229 
ILE HG23 H N N 230 
ILE HD11 H N N 231 
ILE HD12 H N N 232 
ILE HD13 H N N 233 
ILE HXT  H N N 234 
LEU N    N N N 235 
LEU CA   C N S 236 
LEU C    C N N 237 
LEU O    O N N 238 
LEU CB   C N N 239 
LEU CG   C N N 240 
LEU CD1  C N N 241 
LEU CD2  C N N 242 
LEU OXT  O N N 243 
LEU H    H N N 244 
LEU H2   H N N 245 
LEU HA   H N N 246 
LEU HB2  H N N 247 
LEU HB3  H N N 248 
LEU HG   H N N 249 
LEU HD11 H N N 250 
LEU HD12 H N N 251 
LEU HD13 H N N 252 
LEU HD21 H N N 253 
LEU HD22 H N N 254 
LEU HD23 H N N 255 
LEU HXT  H N N 256 
LYS N    N N N 257 
LYS CA   C N S 258 
LYS C    C N N 259 
LYS O    O N N 260 
LYS CB   C N N 261 
LYS CG   C N N 262 
LYS CD   C N N 263 
LYS CE   C N N 264 
LYS NZ   N N N 265 
LYS OXT  O N N 266 
LYS H    H N N 267 
LYS H2   H N N 268 
LYS HA   H N N 269 
LYS HB2  H N N 270 
LYS HB3  H N N 271 
LYS HG2  H N N 272 
LYS HG3  H N N 273 
LYS HD2  H N N 274 
LYS HD3  H N N 275 
LYS HE2  H N N 276 
LYS HE3  H N N 277 
LYS HZ1  H N N 278 
LYS HZ2  H N N 279 
LYS HZ3  H N N 280 
LYS HXT  H N N 281 
MET N    N N N 282 
MET CA   C N S 283 
MET C    C N N 284 
MET O    O N N 285 
MET CB   C N N 286 
MET CG   C N N 287 
MET SD   S N N 288 
MET CE   C N N 289 
MET OXT  O N N 290 
MET H    H N N 291 
MET H2   H N N 292 
MET HA   H N N 293 
MET HB2  H N N 294 
MET HB3  H N N 295 
MET HG2  H N N 296 
MET HG3  H N N 297 
MET HE1  H N N 298 
MET HE2  H N N 299 
MET HE3  H N N 300 
MET HXT  H N N 301 
PHE N    N N N 302 
PHE CA   C N S 303 
PHE C    C N N 304 
PHE O    O N N 305 
PHE CB   C N N 306 
PHE CG   C Y N 307 
PHE CD1  C Y N 308 
PHE CD2  C Y N 309 
PHE CE1  C Y N 310 
PHE CE2  C Y N 311 
PHE CZ   C Y N 312 
PHE OXT  O N N 313 
PHE H    H N N 314 
PHE H2   H N N 315 
PHE HA   H N N 316 
PHE HB2  H N N 317 
PHE HB3  H N N 318 
PHE HD1  H N N 319 
PHE HD2  H N N 320 
PHE HE1  H N N 321 
PHE HE2  H N N 322 
PHE HZ   H N N 323 
PHE HXT  H N N 324 
PRO N    N N N 325 
PRO CA   C N S 326 
PRO C    C N N 327 
PRO O    O N N 328 
PRO CB   C N N 329 
PRO CG   C N N 330 
PRO CD   C N N 331 
PRO OXT  O N N 332 
PRO H    H N N 333 
PRO HA   H N N 334 
PRO HB2  H N N 335 
PRO HB3  H N N 336 
PRO HG2  H N N 337 
PRO HG3  H N N 338 
PRO HD2  H N N 339 
PRO HD3  H N N 340 
PRO HXT  H N N 341 
SER N    N N N 342 
SER CA   C N S 343 
SER C    C N N 344 
SER O    O N N 345 
SER CB   C N N 346 
SER OG   O N N 347 
SER OXT  O N N 348 
SER H    H N N 349 
SER H2   H N N 350 
SER HA   H N N 351 
SER HB2  H N N 352 
SER HB3  H N N 353 
SER HG   H N N 354 
SER HXT  H N N 355 
THR N    N N N 356 
THR CA   C N S 357 
THR C    C N N 358 
THR O    O N N 359 
THR CB   C N R 360 
THR OG1  O N N 361 
THR CG2  C N N 362 
THR OXT  O N N 363 
THR H    H N N 364 
THR H2   H N N 365 
THR HA   H N N 366 
THR HB   H N N 367 
THR HG1  H N N 368 
THR HG21 H N N 369 
THR HG22 H N N 370 
THR HG23 H N N 371 
THR HXT  H N N 372 
TRP N    N N N 373 
TRP CA   C N S 374 
TRP C    C N N 375 
TRP O    O N N 376 
TRP CB   C N N 377 
TRP CG   C Y N 378 
TRP CD1  C Y N 379 
TRP CD2  C Y N 380 
TRP NE1  N Y N 381 
TRP CE2  C Y N 382 
TRP CE3  C Y N 383 
TRP CZ2  C Y N 384 
TRP CZ3  C Y N 385 
TRP CH2  C Y N 386 
TRP OXT  O N N 387 
TRP H    H N N 388 
TRP H2   H N N 389 
TRP HA   H N N 390 
TRP HB2  H N N 391 
TRP HB3  H N N 392 
TRP HD1  H N N 393 
TRP HE1  H N N 394 
TRP HE3  H N N 395 
TRP HZ2  H N N 396 
TRP HZ3  H N N 397 
TRP HH2  H N N 398 
TRP HXT  H N N 399 
TYR N    N N N 400 
TYR CA   C N S 401 
TYR C    C N N 402 
TYR O    O N N 403 
TYR CB   C N N 404 
TYR CG   C Y N 405 
TYR CD1  C Y N 406 
TYR CD2  C Y N 407 
TYR CE1  C Y N 408 
TYR CE2  C Y N 409 
TYR CZ   C Y N 410 
TYR OH   O N N 411 
TYR OXT  O N N 412 
TYR H    H N N 413 
TYR H2   H N N 414 
TYR HA   H N N 415 
TYR HB2  H N N 416 
TYR HB3  H N N 417 
TYR HD1  H N N 418 
TYR HD2  H N N 419 
TYR HE1  H N N 420 
TYR HE2  H N N 421 
TYR HH   H N N 422 
TYR HXT  H N N 423 
VAL N    N N N 424 
VAL CA   C N S 425 
VAL C    C N N 426 
VAL O    O N N 427 
VAL CB   C N N 428 
VAL CG1  C N N 429 
VAL CG2  C N N 430 
VAL OXT  O N N 431 
VAL H    H N N 432 
VAL H2   H N N 433 
VAL HA   H N N 434 
VAL HB   H N N 435 
VAL HG11 H N N 436 
VAL HG12 H N N 437 
VAL HG13 H N N 438 
VAL HG21 H N N 439 
VAL HG22 H N N 440 
VAL HG23 H N N 441 
VAL HXT  H N N 442 
# 
loop_
_chem_comp_bond.comp_id 
_chem_comp_bond.atom_id_1 
_chem_comp_bond.atom_id_2 
_chem_comp_bond.value_order 
_chem_comp_bond.pdbx_aromatic_flag 
_chem_comp_bond.pdbx_stereo_config 
_chem_comp_bond.pdbx_ordinal 
ALA N   CA   sing N N 1   
ALA N   H    sing N N 2   
ALA N   H2   sing N N 3   
ALA CA  C    sing N N 4   
ALA CA  CB   sing N N 5   
ALA CA  HA   sing N N 6   
ALA C   O    doub N N 7   
ALA C   OXT  sing N N 8   
ALA CB  HB1  sing N N 9   
ALA CB  HB2  sing N N 10  
ALA CB  HB3  sing N N 11  
ALA OXT HXT  sing N N 12  
ARG N   CA   sing N N 13  
ARG N   H    sing N N 14  
ARG N   H2   sing N N 15  
ARG CA  C    sing N N 16  
ARG CA  CB   sing N N 17  
ARG CA  HA   sing N N 18  
ARG C   O    doub N N 19  
ARG C   OXT  sing N N 20  
ARG CB  CG   sing N N 21  
ARG CB  HB2  sing N N 22  
ARG CB  HB3  sing N N 23  
ARG CG  CD   sing N N 24  
ARG CG  HG2  sing N N 25  
ARG CG  HG3  sing N N 26  
ARG CD  NE   sing N N 27  
ARG CD  HD2  sing N N 28  
ARG CD  HD3  sing N N 29  
ARG NE  CZ   sing N N 30  
ARG NE  HE   sing N N 31  
ARG CZ  NH1  sing N N 32  
ARG CZ  NH2  doub N N 33  
ARG NH1 HH11 sing N N 34  
ARG NH1 HH12 sing N N 35  
ARG NH2 HH21 sing N N 36  
ARG NH2 HH22 sing N N 37  
ARG OXT HXT  sing N N 38  
ASN N   CA   sing N N 39  
ASN N   H    sing N N 40  
ASN N   H2   sing N N 41  
ASN CA  C    sing N N 42  
ASN CA  CB   sing N N 43  
ASN CA  HA   sing N N 44  
ASN C   O    doub N N 45  
ASN C   OXT  sing N N 46  
ASN CB  CG   sing N N 47  
ASN CB  HB2  sing N N 48  
ASN CB  HB3  sing N N 49  
ASN CG  OD1  doub N N 50  
ASN CG  ND2  sing N N 51  
ASN ND2 HD21 sing N N 52  
ASN ND2 HD22 sing N N 53  
ASN OXT HXT  sing N N 54  
ASP N   CA   sing N N 55  
ASP N   H    sing N N 56  
ASP N   H2   sing N N 57  
ASP CA  C    sing N N 58  
ASP CA  CB   sing N N 59  
ASP CA  HA   sing N N 60  
ASP C   O    doub N N 61  
ASP C   OXT  sing N N 62  
ASP CB  CG   sing N N 63  
ASP CB  HB2  sing N N 64  
ASP CB  HB3  sing N N 65  
ASP CG  OD1  doub N N 66  
ASP CG  OD2  sing N N 67  
ASP OD2 HD2  sing N N 68  
ASP OXT HXT  sing N N 69  
CYS N   CA   sing N N 70  
CYS N   H    sing N N 71  
CYS N   H2   sing N N 72  
CYS CA  C    sing N N 73  
CYS CA  CB   sing N N 74  
CYS CA  HA   sing N N 75  
CYS C   O    doub N N 76  
CYS C   OXT  sing N N 77  
CYS CB  SG   sing N N 78  
CYS CB  HB2  sing N N 79  
CYS CB  HB3  sing N N 80  
CYS SG  HG   sing N N 81  
CYS OXT HXT  sing N N 82  
D6U C17 O3   sing N N 83  
D6U O3  C6   sing N N 84  
D6U C5  C6   doub Y N 85  
D6U C5  C4   sing Y N 86  
D6U C6  C1   sing Y N 87  
D6U C4  C3   doub Y N 88  
D6U C1  O1   sing N N 89  
D6U C1  C2   doub Y N 90  
D6U O1  C11  sing N N 91  
D6U C3  C2   sing Y N 92  
D6U C3  C7   sing N N 93  
D6U C2  C8   sing N N 94  
D6U C12 C11  doub Y N 95  
D6U C12 C13  sing Y N 96  
D6U C11 C10  sing Y N 97  
D6U C7  O2   doub N N 98  
D6U C7  N1   sing N N 99  
D6U C13 C14  doub Y N 100 
D6U C8  N1   sing N N 101 
D6U C8  C9   doub N N 102 
D6U C10 C9   sing N N 103 
D6U C10 C15  doub Y N 104 
D6U N1  C16  sing N N 105 
D6U N2  C20  doub Y N 106 
D6U N2  C19  sing Y N 107 
D6U C14 C15  sing Y N 108 
D6U C14 O4   sing N N 109 
D6U C20 C21  sing Y N 110 
D6U C18 C19  sing N N 111 
D6U C18 O4   sing N N 112 
D6U C19 C23  doub Y N 113 
D6U C21 C22  doub Y N 114 
D6U C23 C22  sing Y N 115 
D6U C4  H1   sing N N 116 
D6U C5  H2   sing N N 117 
D6U C9  H3   sing N N 118 
D6U C12 H4   sing N N 119 
D6U C13 H5   sing N N 120 
D6U C15 H6   sing N N 121 
D6U C16 H7   sing N N 122 
D6U C16 H8   sing N N 123 
D6U C16 H9   sing N N 124 
D6U C17 H10  sing N N 125 
D6U C17 H11  sing N N 126 
D6U C17 H12  sing N N 127 
D6U C18 H13  sing N N 128 
D6U C18 H14  sing N N 129 
D6U C20 H15  sing N N 130 
D6U C21 H16  sing N N 131 
D6U C22 H17  sing N N 132 
D6U C23 H18  sing N N 133 
FMT C   O1   doub N N 134 
FMT C   O2   sing N N 135 
FMT C   H    sing N N 136 
FMT O2  HO2  sing N N 137 
GLN N   CA   sing N N 138 
GLN N   H    sing N N 139 
GLN N   H2   sing N N 140 
GLN CA  C    sing N N 141 
GLN CA  CB   sing N N 142 
GLN CA  HA   sing N N 143 
GLN C   O    doub N N 144 
GLN C   OXT  sing N N 145 
GLN CB  CG   sing N N 146 
GLN CB  HB2  sing N N 147 
GLN CB  HB3  sing N N 148 
GLN CG  CD   sing N N 149 
GLN CG  HG2  sing N N 150 
GLN CG  HG3  sing N N 151 
GLN CD  OE1  doub N N 152 
GLN CD  NE2  sing N N 153 
GLN NE2 HE21 sing N N 154 
GLN NE2 HE22 sing N N 155 
GLN OXT HXT  sing N N 156 
GLU N   CA   sing N N 157 
GLU N   H    sing N N 158 
GLU N   H2   sing N N 159 
GLU CA  C    sing N N 160 
GLU CA  CB   sing N N 161 
GLU CA  HA   sing N N 162 
GLU C   O    doub N N 163 
GLU C   OXT  sing N N 164 
GLU CB  CG   sing N N 165 
GLU CB  HB2  sing N N 166 
GLU CB  HB3  sing N N 167 
GLU CG  CD   sing N N 168 
GLU CG  HG2  sing N N 169 
GLU CG  HG3  sing N N 170 
GLU CD  OE1  doub N N 171 
GLU CD  OE2  sing N N 172 
GLU OE2 HE2  sing N N 173 
GLU OXT HXT  sing N N 174 
GLY N   CA   sing N N 175 
GLY N   H    sing N N 176 
GLY N   H2   sing N N 177 
GLY CA  C    sing N N 178 
GLY CA  HA2  sing N N 179 
GLY CA  HA3  sing N N 180 
GLY C   O    doub N N 181 
GLY C   OXT  sing N N 182 
GLY OXT HXT  sing N N 183 
HIS N   CA   sing N N 184 
HIS N   H    sing N N 185 
HIS N   H2   sing N N 186 
HIS CA  C    sing N N 187 
HIS CA  CB   sing N N 188 
HIS CA  HA   sing N N 189 
HIS C   O    doub N N 190 
HIS C   OXT  sing N N 191 
HIS CB  CG   sing N N 192 
HIS CB  HB2  sing N N 193 
HIS CB  HB3  sing N N 194 
HIS CG  ND1  sing Y N 195 
HIS CG  CD2  doub Y N 196 
HIS ND1 CE1  doub Y N 197 
HIS ND1 HD1  sing N N 198 
HIS CD2 NE2  sing Y N 199 
HIS CD2 HD2  sing N N 200 
HIS CE1 NE2  sing Y N 201 
HIS CE1 HE1  sing N N 202 
HIS NE2 HE2  sing N N 203 
HIS OXT HXT  sing N N 204 
HOH O   H1   sing N N 205 
HOH O   H2   sing N N 206 
ILE N   CA   sing N N 207 
ILE N   H    sing N N 208 
ILE N   H2   sing N N 209 
ILE CA  C    sing N N 210 
ILE CA  CB   sing N N 211 
ILE CA  HA   sing N N 212 
ILE C   O    doub N N 213 
ILE C   OXT  sing N N 214 
ILE CB  CG1  sing N N 215 
ILE CB  CG2  sing N N 216 
ILE CB  HB   sing N N 217 
ILE CG1 CD1  sing N N 218 
ILE CG1 HG12 sing N N 219 
ILE CG1 HG13 sing N N 220 
ILE CG2 HG21 sing N N 221 
ILE CG2 HG22 sing N N 222 
ILE CG2 HG23 sing N N 223 
ILE CD1 HD11 sing N N 224 
ILE CD1 HD12 sing N N 225 
ILE CD1 HD13 sing N N 226 
ILE OXT HXT  sing N N 227 
LEU N   CA   sing N N 228 
LEU N   H    sing N N 229 
LEU N   H2   sing N N 230 
LEU CA  C    sing N N 231 
LEU CA  CB   sing N N 232 
LEU CA  HA   sing N N 233 
LEU C   O    doub N N 234 
LEU C   OXT  sing N N 235 
LEU CB  CG   sing N N 236 
LEU CB  HB2  sing N N 237 
LEU CB  HB3  sing N N 238 
LEU CG  CD1  sing N N 239 
LEU CG  CD2  sing N N 240 
LEU CG  HG   sing N N 241 
LEU CD1 HD11 sing N N 242 
LEU CD1 HD12 sing N N 243 
LEU CD1 HD13 sing N N 244 
LEU CD2 HD21 sing N N 245 
LEU CD2 HD22 sing N N 246 
LEU CD2 HD23 sing N N 247 
LEU OXT HXT  sing N N 248 
LYS N   CA   sing N N 249 
LYS N   H    sing N N 250 
LYS N   H2   sing N N 251 
LYS CA  C    sing N N 252 
LYS CA  CB   sing N N 253 
LYS CA  HA   sing N N 254 
LYS C   O    doub N N 255 
LYS C   OXT  sing N N 256 
LYS CB  CG   sing N N 257 
LYS CB  HB2  sing N N 258 
LYS CB  HB3  sing N N 259 
LYS CG  CD   sing N N 260 
LYS CG  HG2  sing N N 261 
LYS CG  HG3  sing N N 262 
LYS CD  CE   sing N N 263 
LYS CD  HD2  sing N N 264 
LYS CD  HD3  sing N N 265 
LYS CE  NZ   sing N N 266 
LYS CE  HE2  sing N N 267 
LYS CE  HE3  sing N N 268 
LYS NZ  HZ1  sing N N 269 
LYS NZ  HZ2  sing N N 270 
LYS NZ  HZ3  sing N N 271 
LYS OXT HXT  sing N N 272 
MET N   CA   sing N N 273 
MET N   H    sing N N 274 
MET N   H2   sing N N 275 
MET CA  C    sing N N 276 
MET CA  CB   sing N N 277 
MET CA  HA   sing N N 278 
MET C   O    doub N N 279 
MET C   OXT  sing N N 280 
MET CB  CG   sing N N 281 
MET CB  HB2  sing N N 282 
MET CB  HB3  sing N N 283 
MET CG  SD   sing N N 284 
MET CG  HG2  sing N N 285 
MET CG  HG3  sing N N 286 
MET SD  CE   sing N N 287 
MET CE  HE1  sing N N 288 
MET CE  HE2  sing N N 289 
MET CE  HE3  sing N N 290 
MET OXT HXT  sing N N 291 
PHE N   CA   sing N N 292 
PHE N   H    sing N N 293 
PHE N   H2   sing N N 294 
PHE CA  C    sing N N 295 
PHE CA  CB   sing N N 296 
PHE CA  HA   sing N N 297 
PHE C   O    doub N N 298 
PHE C   OXT  sing N N 299 
PHE CB  CG   sing N N 300 
PHE CB  HB2  sing N N 301 
PHE CB  HB3  sing N N 302 
PHE CG  CD1  doub Y N 303 
PHE CG  CD2  sing Y N 304 
PHE CD1 CE1  sing Y N 305 
PHE CD1 HD1  sing N N 306 
PHE CD2 CE2  doub Y N 307 
PHE CD2 HD2  sing N N 308 
PHE CE1 CZ   doub Y N 309 
PHE CE1 HE1  sing N N 310 
PHE CE2 CZ   sing Y N 311 
PHE CE2 HE2  sing N N 312 
PHE CZ  HZ   sing N N 313 
PHE OXT HXT  sing N N 314 
PRO N   CA   sing N N 315 
PRO N   CD   sing N N 316 
PRO N   H    sing N N 317 
PRO CA  C    sing N N 318 
PRO CA  CB   sing N N 319 
PRO CA  HA   sing N N 320 
PRO C   O    doub N N 321 
PRO C   OXT  sing N N 322 
PRO CB  CG   sing N N 323 
PRO CB  HB2  sing N N 324 
PRO CB  HB3  sing N N 325 
PRO CG  CD   sing N N 326 
PRO CG  HG2  sing N N 327 
PRO CG  HG3  sing N N 328 
PRO CD  HD2  sing N N 329 
PRO CD  HD3  sing N N 330 
PRO OXT HXT  sing N N 331 
SER N   CA   sing N N 332 
SER N   H    sing N N 333 
SER N   H2   sing N N 334 
SER CA  C    sing N N 335 
SER CA  CB   sing N N 336 
SER CA  HA   sing N N 337 
SER C   O    doub N N 338 
SER C   OXT  sing N N 339 
SER CB  OG   sing N N 340 
SER CB  HB2  sing N N 341 
SER CB  HB3  sing N N 342 
SER OG  HG   sing N N 343 
SER OXT HXT  sing N N 344 
THR N   CA   sing N N 345 
THR N   H    sing N N 346 
THR N   H2   sing N N 347 
THR CA  C    sing N N 348 
THR CA  CB   sing N N 349 
THR CA  HA   sing N N 350 
THR C   O    doub N N 351 
THR C   OXT  sing N N 352 
THR CB  OG1  sing N N 353 
THR CB  CG2  sing N N 354 
THR CB  HB   sing N N 355 
THR OG1 HG1  sing N N 356 
THR CG2 HG21 sing N N 357 
THR CG2 HG22 sing N N 358 
THR CG2 HG23 sing N N 359 
THR OXT HXT  sing N N 360 
TRP N   CA   sing N N 361 
TRP N   H    sing N N 362 
TRP N   H2   sing N N 363 
TRP CA  C    sing N N 364 
TRP CA  CB   sing N N 365 
TRP CA  HA   sing N N 366 
TRP C   O    doub N N 367 
TRP C   OXT  sing N N 368 
TRP CB  CG   sing N N 369 
TRP CB  HB2  sing N N 370 
TRP CB  HB3  sing N N 371 
TRP CG  CD1  doub Y N 372 
TRP CG  CD2  sing Y N 373 
TRP CD1 NE1  sing Y N 374 
TRP CD1 HD1  sing N N 375 
TRP CD2 CE2  doub Y N 376 
TRP CD2 CE3  sing Y N 377 
TRP NE1 CE2  sing Y N 378 
TRP NE1 HE1  sing N N 379 
TRP CE2 CZ2  sing Y N 380 
TRP CE3 CZ3  doub Y N 381 
TRP CE3 HE3  sing N N 382 
TRP CZ2 CH2  doub Y N 383 
TRP CZ2 HZ2  sing N N 384 
TRP CZ3 CH2  sing Y N 385 
TRP CZ3 HZ3  sing N N 386 
TRP CH2 HH2  sing N N 387 
TRP OXT HXT  sing N N 388 
TYR N   CA   sing N N 389 
TYR N   H    sing N N 390 
TYR N   H2   sing N N 391 
TYR CA  C    sing N N 392 
TYR CA  CB   sing N N 393 
TYR CA  HA   sing N N 394 
TYR C   O    doub N N 395 
TYR C   OXT  sing N N 396 
TYR CB  CG   sing N N 397 
TYR CB  HB2  sing N N 398 
TYR CB  HB3  sing N N 399 
TYR CG  CD1  doub Y N 400 
TYR CG  CD2  sing Y N 401 
TYR CD1 CE1  sing Y N 402 
TYR CD1 HD1  sing N N 403 
TYR CD2 CE2  doub Y N 404 
TYR CD2 HD2  sing N N 405 
TYR CE1 CZ   doub Y N 406 
TYR CE1 HE1  sing N N 407 
TYR CE2 CZ   sing Y N 408 
TYR CE2 HE2  sing N N 409 
TYR CZ  OH   sing N N 410 
TYR OH  HH   sing N N 411 
TYR OXT HXT  sing N N 412 
VAL N   CA   sing N N 413 
VAL N   H    sing N N 414 
VAL N   H2   sing N N 415 
VAL CA  C    sing N N 416 
VAL CA  CB   sing N N 417 
VAL CA  HA   sing N N 418 
VAL C   O    doub N N 419 
VAL C   OXT  sing N N 420 
VAL CB  CG1  sing N N 421 
VAL CB  CG2  sing N N 422 
VAL CB  HB   sing N N 423 
VAL CG1 HG11 sing N N 424 
VAL CG1 HG12 sing N N 425 
VAL CG1 HG13 sing N N 426 
VAL CG2 HG21 sing N N 427 
VAL CG2 HG22 sing N N 428 
VAL CG2 HG23 sing N N 429 
VAL OXT HXT  sing N N 430 
# 
_pdbx_audit_support.funding_organization   'National Research Foundation (Korea)' 
_pdbx_audit_support.country                'Korea, Republic Of' 
_pdbx_audit_support.grant_number           NRF-2019R1A2C1002545 
_pdbx_audit_support.ordinal                1 
# 
loop_
_pdbx_entity_instance_feature.ordinal 
_pdbx_entity_instance_feature.comp_id 
_pdbx_entity_instance_feature.asym_id 
_pdbx_entity_instance_feature.seq_num 
_pdbx_entity_instance_feature.auth_comp_id 
_pdbx_entity_instance_feature.auth_asym_id 
_pdbx_entity_instance_feature.auth_seq_num 
_pdbx_entity_instance_feature.feature_type 
_pdbx_entity_instance_feature.details 
1 D6U ? ? D6U ? ? 'SUBJECT OF INVESTIGATION' ? 
2 FMT ? ? FMT ? ? 'SUBJECT OF INVESTIGATION' ? 
# 
loop_
_pdbx_entity_nonpoly.entity_id 
_pdbx_entity_nonpoly.name 
_pdbx_entity_nonpoly.comp_id 
2 
;16-methoxy-11-methyl-6-[(pyridin-2-yl)methoxy]-2-oxa-11-azatetracyclo[8.6.1.03,8.013,17]heptadeca-1(16),3,5,7,9,13(17),14-heptaen-12-one
;
D6U 
3 'FORMIC ACID' FMT 
4 water HOH 
# 
_pdbx_initial_refinement_model.id               1 
_pdbx_initial_refinement_model.entity_id_list   ? 
_pdbx_initial_refinement_model.type             'experimental model' 
_pdbx_initial_refinement_model.source_name      PDB 
_pdbx_initial_refinement_model.accession_code   2OSS 
_pdbx_initial_refinement_model.details          ? 
# 
_pdbx_struct_assembly_auth_evidence.id                     1 
_pdbx_struct_assembly_auth_evidence.assembly_id            1 
_pdbx_struct_assembly_auth_evidence.experimental_support   none 
_pdbx_struct_assembly_auth_evidence.details                ? 
# 
